data_1EM6
#
_entry.id   1EM6
#
_cell.length_a   123.314
_cell.length_b   123.314
_cell.length_c   122.319
_cell.angle_alpha   90.00
_cell.angle_beta   90.00
_cell.angle_gamma   120.00
#
_symmetry.space_group_name_H-M   'P 31'
#
loop_
_entity.id
_entity.type
_entity.pdbx_description
1 polymer 'LIVER GLYCOGEN PHOSPHORYLASE'
2 non-polymer N-acetyl-beta-D-glucopyranosylamine
3 non-polymer 'BIS[5-CHLORO-1H-INDOL-2-YL-CARBONYL-AMINOETHYL]-ETHYLENE GLYCOL'
4 non-polymer "PYRIDOXAL-5'-PHOSPHATE"
5 non-polymer (4S)-2-METHYL-2,4-PENTANEDIOL
6 water water
#
_entity_poly.entity_id   1
_entity_poly.type   'polypeptide(L)'
_entity_poly.pdbx_seq_one_letter_code
;MAKPLTDQEKRRQISIRGIVGVENVAELKKSFNRHLHFTLVKDRNVATTRDYYFALAHTVRDHLVGRWIRTQQHYYDKCP
KRVYYLSLEFYMGRTLQNTMINLGLQNACDEAIYQLGLDIEELEEIEEDAGLGNGGLGRLAACFLDSMATLGLAAYGYGI
RYEYGIFNQKIRDGWQVEEADDWLRYGNPWEKSRPEFMLPVHFYGKVEHTNTGTKWIDTQVVLALPYDTPVPGYMNNTVN
TMRLWSARAPNDFNLRDFNVGDYIQAVLDRNLAENISRVLYPNDNFFEGKELRLKQEYFVVAATLQDIIRRFKASKFGST
RGAGTVFDAFPDQVAIQLNDTHPALAIPELMRIFVDIEKLPWSKAWELTQKTFAYTNHTVLPEALERWPVDLVEKLLPRH
LEIIYEINQKHLDRIVALFPKDVDRLRRMSLIEEEGSKRINMAHLCIVGSHAVNGVAKIHSDIVKTKVFKDFSELEPDKF
QNKTNGITPRRWLLLCNPGLAELIAEKIGEDYVKDLSQLTKLHSFLGDDVFLRELAKVKQENKLKFSQFLETEYKVKINP
SSMFDVQVKRIHEYKRQLLNCLHVITMYNRIKKDPKKLFVPRTVIIGGKAAPGYHMAKMIIKLITSVADVVNNDPMVGSK
LKVIFLENYRVSLAEKVIPATDLSEQISTAGTEASGTGNMKFMLNGALTIGTMDGANVEMAEEAGEENLFIFGMRIDDVA
ALDKKGYEAKEYYEALPELKLVIDQIDNGFFSPKQPDLFKDIINMLFYHDRFKVFADYEAYVKCQDKVSQLYMNPKAWNT
MVLKNIAASGKFSSDRTIKEYAQNIWNVEPSDLKISLSNESNKVNGN
;
_entity_poly.pdbx_strand_id   A,B
#
# COMPACT_ATOMS: atom_id res chain seq x y z
N GLU A 23 -21.76 -20.58 -12.50
CA GLU A 23 -21.77 -22.04 -12.17
C GLU A 23 -21.63 -22.86 -13.45
N ASN A 24 -22.58 -22.70 -14.38
CA ASN A 24 -22.55 -23.39 -15.66
C ASN A 24 -21.65 -22.54 -16.55
N VAL A 25 -21.15 -23.12 -17.64
CA VAL A 25 -20.26 -22.41 -18.55
C VAL A 25 -20.78 -21.06 -19.04
N ALA A 26 -22.04 -21.02 -19.45
CA ALA A 26 -22.63 -19.78 -19.95
C ALA A 26 -22.59 -18.66 -18.92
N GLU A 27 -22.98 -18.97 -17.69
CA GLU A 27 -23.00 -17.95 -16.64
C GLU A 27 -21.61 -17.52 -16.19
N LEU A 28 -20.69 -18.48 -16.16
CA LEU A 28 -19.32 -18.18 -15.77
C LEU A 28 -18.71 -17.21 -16.79
N LYS A 29 -19.08 -17.40 -18.06
CA LYS A 29 -18.57 -16.53 -19.10
C LYS A 29 -19.16 -15.14 -19.03
N LYS A 30 -20.45 -15.05 -18.75
CA LYS A 30 -21.07 -13.73 -18.66
C LYS A 30 -20.48 -13.02 -17.44
N SER A 31 -20.23 -13.77 -16.38
CA SER A 31 -19.67 -13.20 -15.15
C SER A 31 -18.24 -12.71 -15.41
N PHE A 32 -17.50 -13.48 -16.20
CA PHE A 32 -16.14 -13.12 -16.55
C PHE A 32 -16.15 -11.80 -17.29
N ASN A 33 -16.98 -11.71 -18.32
CA ASN A 33 -17.10 -10.47 -19.10
C ASN A 33 -17.55 -9.31 -18.24
N ARG A 34 -18.41 -9.59 -17.27
CA ARG A 34 -18.90 -8.54 -16.41
C ARG A 34 -17.78 -7.94 -15.59
N HIS A 35 -16.93 -8.81 -15.04
CA HIS A 35 -15.81 -8.34 -14.23
C HIS A 35 -14.75 -7.63 -15.07
N LEU A 36 -14.46 -8.18 -16.24
CA LEU A 36 -13.49 -7.57 -17.13
C LEU A 36 -13.91 -6.13 -17.37
N HIS A 37 -15.22 -5.94 -17.51
CA HIS A 37 -15.82 -4.64 -17.77
C HIS A 37 -15.89 -3.74 -16.54
N PHE A 38 -16.74 -4.11 -15.58
CA PHE A 38 -16.93 -3.32 -14.37
C PHE A 38 -15.79 -3.34 -13.36
N THR A 39 -15.12 -4.47 -13.21
CA THR A 39 -14.03 -4.60 -12.25
C THR A 39 -12.66 -4.19 -12.78
N LEU A 40 -12.34 -4.58 -14.02
CA LEU A 40 -11.05 -4.21 -14.58
C LEU A 40 -11.12 -3.00 -15.51
N VAL A 41 -12.33 -2.60 -15.86
CA VAL A 41 -12.54 -1.45 -16.74
C VAL A 41 -11.79 -1.67 -18.06
N LYS A 42 -12.04 -2.82 -18.67
CA LYS A 42 -11.39 -3.15 -19.93
C LYS A 42 -12.34 -3.85 -20.87
N ASP A 43 -11.96 -3.91 -22.13
CA ASP A 43 -12.73 -4.63 -23.12
C ASP A 43 -11.73 -5.57 -23.75
N ARG A 44 -12.18 -6.42 -24.64
CA ARG A 44 -11.30 -7.39 -25.28
C ARG A 44 -10.20 -6.74 -26.09
N ASN A 45 -10.42 -5.50 -26.52
CA ASN A 45 -9.43 -4.81 -27.32
C ASN A 45 -8.15 -4.47 -26.58
N VAL A 46 -8.27 -3.90 -25.38
CA VAL A 46 -7.10 -3.52 -24.61
C VAL A 46 -6.89 -4.31 -23.34
N ALA A 47 -7.62 -5.39 -23.17
CA ALA A 47 -7.46 -6.20 -21.97
C ALA A 47 -6.09 -6.87 -21.98
N THR A 48 -5.43 -6.88 -20.82
CA THR A 48 -4.13 -7.52 -20.70
C THR A 48 -4.34 -8.93 -20.17
N THR A 49 -3.29 -9.74 -20.21
CA THR A 49 -3.37 -11.11 -19.72
C THR A 49 -3.67 -11.02 -18.23
N ARG A 50 -3.07 -10.03 -17.60
CA ARG A 50 -3.28 -9.82 -16.17
C ARG A 50 -4.75 -9.50 -15.92
N ASP A 51 -5.34 -8.68 -16.80
CA ASP A 51 -6.75 -8.33 -16.67
C ASP A 51 -7.59 -9.59 -16.71
N TYR A 52 -7.27 -10.49 -17.65
CA TYR A 52 -8.02 -11.74 -17.79
C TYR A 52 -7.90 -12.59 -16.54
N TYR A 53 -6.69 -12.66 -15.99
CA TYR A 53 -6.48 -13.44 -14.76
C TYR A 53 -7.36 -12.89 -13.67
N PHE A 54 -7.35 -11.57 -13.52
CA PHE A 54 -8.18 -10.92 -12.50
C PHE A 54 -9.66 -11.13 -12.75
N ALA A 55 -10.09 -11.05 -14.01
CA ALA A 55 -11.49 -11.22 -14.34
C ALA A 55 -11.93 -12.63 -13.89
N LEU A 56 -11.06 -13.61 -14.13
CA LEU A 56 -11.34 -14.99 -13.76
C LEU A 56 -11.30 -15.18 -12.25
N ALA A 57 -10.30 -14.54 -11.62
CA ALA A 57 -10.16 -14.63 -10.16
C ALA A 57 -11.42 -14.14 -9.50
N HIS A 58 -11.93 -12.98 -9.94
CA HIS A 58 -13.13 -12.40 -9.38
C HIS A 58 -14.34 -13.29 -9.63
N THR A 59 -14.42 -13.85 -10.83
CA THR A 59 -15.52 -14.73 -11.20
C THR A 59 -15.53 -15.93 -10.25
N VAL A 60 -14.36 -16.47 -9.97
CA VAL A 60 -14.25 -17.63 -9.08
C VAL A 60 -14.50 -17.20 -7.64
N ARG A 61 -13.90 -16.09 -7.25
CA ARG A 61 -14.05 -15.57 -5.88
C ARG A 61 -15.51 -15.38 -5.45
N ASP A 62 -16.35 -14.89 -6.37
CA ASP A 62 -17.76 -14.68 -6.06
C ASP A 62 -18.43 -15.95 -5.54
N HIS A 63 -17.96 -17.11 -6.01
CA HIS A 63 -18.52 -18.38 -5.58
C HIS A 63 -18.17 -18.76 -4.15
N LEU A 64 -17.21 -18.05 -3.56
CA LEU A 64 -16.78 -18.31 -2.19
C LEU A 64 -17.62 -17.57 -1.13
N VAL A 65 -18.05 -16.36 -1.46
CA VAL A 65 -18.77 -15.52 -0.53
C VAL A 65 -19.93 -16.15 0.22
N GLY A 66 -20.91 -16.68 -0.51
CA GLY A 66 -22.06 -17.30 0.12
C GLY A 66 -21.64 -18.24 1.22
N ARG A 67 -20.85 -19.24 0.85
CA ARG A 67 -20.37 -20.23 1.81
C ARG A 67 -19.47 -19.64 2.88
N TRP A 68 -18.76 -18.57 2.55
CA TRP A 68 -17.86 -17.98 3.53
C TRP A 68 -18.69 -17.31 4.63
N ILE A 69 -19.69 -16.54 4.22
CA ILE A 69 -20.56 -15.86 5.16
C ILE A 69 -21.33 -16.89 5.99
N ARG A 70 -21.90 -17.89 5.33
CA ARG A 70 -22.65 -18.93 6.03
C ARG A 70 -21.79 -19.72 7.01
N THR A 71 -20.57 -20.04 6.60
CA THR A 71 -19.67 -20.80 7.46
C THR A 71 -19.38 -20.05 8.75
N GLN A 72 -18.98 -18.80 8.64
CA GLN A 72 -18.68 -17.99 9.82
C GLN A 72 -19.93 -17.72 10.65
N GLN A 73 -21.08 -17.65 9.98
CA GLN A 73 -22.33 -17.43 10.67
C GLN A 73 -22.62 -18.67 11.51
N HIS A 74 -22.42 -19.84 10.89
CA HIS A 74 -22.63 -21.12 11.54
C HIS A 74 -21.80 -21.28 12.82
N TYR A 75 -20.53 -20.88 12.77
CA TYR A 75 -19.67 -21.01 13.92
C TYR A 75 -20.20 -20.15 15.07
N TYR A 76 -20.74 -18.99 14.73
CA TYR A 76 -21.28 -18.10 15.75
C TYR A 76 -22.55 -18.70 16.36
N ASP A 77 -23.43 -19.23 15.52
CA ASP A 77 -24.69 -19.79 16.01
C ASP A 77 -24.50 -21.06 16.84
N LYS A 78 -23.79 -22.03 16.27
CA LYS A 78 -23.56 -23.32 16.91
C LYS A 78 -22.41 -23.29 17.93
N CYS A 79 -21.64 -22.22 17.91
CA CYS A 79 -20.51 -22.06 18.82
C CYS A 79 -19.60 -23.26 19.05
N PRO A 80 -19.19 -23.96 17.99
CA PRO A 80 -18.29 -25.10 18.24
C PRO A 80 -16.96 -24.55 18.73
N LYS A 81 -16.13 -25.40 19.35
CA LYS A 81 -14.85 -24.92 19.84
C LYS A 81 -14.01 -24.48 18.63
N ARG A 82 -13.36 -23.33 18.73
CA ARG A 82 -12.56 -22.83 17.62
C ARG A 82 -11.06 -23.13 17.75
N VAL A 83 -10.43 -23.43 16.61
CA VAL A 83 -9.01 -23.73 16.58
C VAL A 83 -8.29 -22.57 15.92
N TYR A 84 -7.29 -22.05 16.60
CA TYR A 84 -6.53 -20.93 16.08
C TYR A 84 -5.10 -21.35 15.82
N TYR A 85 -4.75 -21.47 14.54
CA TYR A 85 -3.41 -21.86 14.17
C TYR A 85 -2.59 -20.57 14.07
N LEU A 86 -1.80 -20.31 15.12
CA LEU A 86 -0.96 -19.12 15.19
C LEU A 86 0.43 -19.38 14.63
N SER A 87 0.75 -18.74 13.51
CA SER A 87 2.02 -18.95 12.87
C SER A 87 2.60 -17.68 12.24
N LEU A 88 3.92 -17.58 12.20
CA LEU A 88 4.56 -16.42 11.58
C LEU A 88 4.62 -16.66 10.07
N GLU A 89 4.25 -17.88 9.66
CA GLU A 89 4.31 -18.22 8.25
C GLU A 89 3.13 -19.01 7.69
N PHE A 90 2.76 -18.66 6.46
CA PHE A 90 1.71 -19.34 5.73
C PHE A 90 2.18 -19.33 4.27
N TYR A 91 2.78 -20.46 3.88
CA TYR A 91 3.34 -20.66 2.54
C TYR A 91 2.19 -21.13 1.66
N MET A 92 1.31 -20.21 1.29
CA MET A 92 0.11 -20.51 0.54
C MET A 92 0.22 -20.81 -0.94
N GLY A 93 1.21 -20.23 -1.63
CA GLY A 93 1.29 -20.45 -3.07
C GLY A 93 0.17 -19.69 -3.74
N ARG A 94 -0.30 -20.17 -4.89
CA ARG A 94 -1.39 -19.52 -5.65
C ARG A 94 -2.75 -20.00 -5.15
N THR A 95 -3.78 -19.17 -5.35
CA THR A 95 -5.14 -19.48 -4.90
C THR A 95 -6.17 -19.87 -5.96
N LEU A 96 -6.06 -19.28 -7.15
CA LEU A 96 -7.02 -19.53 -8.24
C LEU A 96 -7.41 -20.98 -8.48
N GLN A 97 -6.47 -21.79 -8.97
CA GLN A 97 -6.74 -23.18 -9.26
C GLN A 97 -7.17 -23.98 -8.03
N ASN A 98 -6.53 -23.72 -6.91
CA ASN A 98 -6.88 -24.43 -5.69
C ASN A 98 -8.33 -24.14 -5.31
N THR A 99 -8.77 -22.90 -5.54
CA THR A 99 -10.14 -22.52 -5.21
C THR A 99 -11.09 -23.17 -6.18
N MET A 100 -10.76 -23.15 -7.47
CA MET A 100 -11.62 -23.77 -8.46
C MET A 100 -11.84 -25.24 -8.16
N ILE A 101 -10.76 -25.95 -7.82
CA ILE A 101 -10.86 -27.38 -7.53
C ILE A 101 -11.68 -27.70 -6.29
N ASN A 102 -11.41 -27.00 -5.19
CA ASN A 102 -12.14 -27.23 -3.96
C ASN A 102 -13.63 -26.84 -4.05
N LEU A 103 -13.96 -25.99 -5.01
CA LEU A 103 -15.34 -25.56 -5.20
C LEU A 103 -15.98 -26.35 -6.34
N GLY A 104 -15.19 -27.26 -6.92
CA GLY A 104 -15.66 -28.08 -8.03
C GLY A 104 -16.05 -27.21 -9.22
N LEU A 105 -15.22 -26.22 -9.52
CA LEU A 105 -15.47 -25.29 -10.62
C LEU A 105 -14.44 -25.34 -11.75
N GLN A 106 -13.35 -26.08 -11.54
CA GLN A 106 -12.28 -26.14 -12.52
C GLN A 106 -12.62 -26.50 -13.97
N ASN A 107 -13.37 -27.59 -14.16
CA ASN A 107 -13.72 -27.96 -15.52
C ASN A 107 -14.65 -26.95 -16.17
N ALA A 108 -15.64 -26.47 -15.41
CA ALA A 108 -16.58 -25.48 -15.94
C ALA A 108 -15.81 -24.19 -16.30
N CYS A 109 -14.91 -23.75 -15.42
CA CYS A 109 -14.13 -22.54 -15.69
C CYS A 109 -13.20 -22.76 -16.87
N ASP A 110 -12.59 -23.94 -16.91
CA ASP A 110 -11.69 -24.29 -18.00
C ASP A 110 -12.43 -24.14 -19.32
N GLU A 111 -13.66 -24.63 -19.36
CA GLU A 111 -14.49 -24.58 -20.54
C GLU A 111 -14.86 -23.14 -20.87
N ALA A 112 -15.28 -22.39 -19.86
CA ALA A 112 -15.66 -21.00 -20.03
C ALA A 112 -14.51 -20.23 -20.67
N ILE A 113 -13.34 -20.32 -20.06
CA ILE A 113 -12.17 -19.62 -20.55
C ILE A 113 -11.79 -20.05 -21.97
N TYR A 114 -11.94 -21.35 -22.24
CA TYR A 114 -11.64 -21.87 -23.57
C TYR A 114 -12.56 -21.22 -24.59
N GLN A 115 -13.86 -21.21 -24.31
CA GLN A 115 -14.84 -20.62 -25.21
C GLN A 115 -14.62 -19.11 -25.41
N LEU A 116 -13.95 -18.48 -24.46
CA LEU A 116 -13.67 -17.06 -24.57
C LEU A 116 -12.39 -16.87 -25.36
N GLY A 117 -11.84 -17.98 -25.85
CA GLY A 117 -10.63 -17.91 -26.65
C GLY A 117 -9.39 -17.60 -25.83
N LEU A 118 -9.39 -17.99 -24.56
CA LEU A 118 -8.26 -17.75 -23.70
C LEU A 118 -7.70 -19.07 -23.18
N ASP A 119 -6.43 -19.04 -22.79
CA ASP A 119 -5.74 -20.21 -22.26
C ASP A 119 -5.74 -20.05 -20.74
N ILE A 120 -6.55 -20.85 -20.06
CA ILE A 120 -6.63 -20.73 -18.61
C ILE A 120 -5.29 -20.97 -17.92
N GLU A 121 -4.43 -21.77 -18.53
CA GLU A 121 -3.13 -22.04 -17.92
C GLU A 121 -2.26 -20.78 -17.94
N GLU A 122 -2.32 -20.04 -19.04
CA GLU A 122 -1.56 -18.81 -19.16
C GLU A 122 -2.12 -17.82 -18.13
N LEU A 123 -3.44 -17.81 -17.95
CA LEU A 123 -4.06 -16.92 -16.99
C LEU A 123 -3.57 -17.28 -15.60
N GLU A 124 -3.58 -18.58 -15.28
CA GLU A 124 -3.15 -19.04 -13.98
C GLU A 124 -1.70 -18.68 -13.65
N GLU A 125 -0.82 -18.69 -14.65
CA GLU A 125 0.59 -18.37 -14.42
C GLU A 125 0.81 -16.90 -14.04
N ILE A 126 -0.20 -16.07 -14.23
CA ILE A 126 -0.12 -14.65 -13.90
C ILE A 126 -0.11 -14.42 -12.38
N GLU A 127 -0.83 -15.26 -11.65
CA GLU A 127 -0.91 -15.13 -10.21
C GLU A 127 0.41 -15.27 -9.44
N GLU A 128 0.63 -14.33 -8.53
CA GLU A 128 1.82 -14.34 -7.70
C GLU A 128 1.62 -15.32 -6.55
N ASP A 129 2.69 -16.01 -6.17
CA ASP A 129 2.62 -16.96 -5.07
C ASP A 129 2.46 -16.12 -3.80
N ALA A 130 1.70 -16.63 -2.84
CA ALA A 130 1.60 -15.95 -1.57
C ALA A 130 2.70 -16.71 -0.82
N GLY A 131 3.94 -16.28 -1.02
CA GLY A 131 5.06 -16.94 -0.40
C GLY A 131 5.41 -16.38 0.96
N LEU A 132 4.43 -16.41 1.86
CA LEU A 132 4.62 -15.89 3.20
C LEU A 132 5.19 -16.95 4.13
N GLY A 133 6.15 -17.70 3.61
CA GLY A 133 6.78 -18.76 4.38
C GLY A 133 8.13 -19.08 3.76
N ASN A 134 8.98 -19.77 4.53
CA ASN A 134 10.31 -20.13 4.09
C ASN A 134 10.40 -21.53 3.48
N GLY A 135 9.63 -22.45 4.04
CA GLY A 135 9.64 -23.81 3.55
C GLY A 135 8.65 -24.70 4.27
N GLY A 136 9.13 -25.85 4.74
CA GLY A 136 8.29 -26.82 5.41
C GLY A 136 7.34 -26.32 6.48
N LEU A 137 7.86 -25.55 7.44
CA LEU A 137 7.06 -25.02 8.53
C LEU A 137 5.88 -24.20 8.01
N GLY A 138 6.18 -23.25 7.13
CA GLY A 138 5.12 -22.43 6.57
C GLY A 138 4.17 -23.19 5.68
N ARG A 139 4.68 -24.17 4.94
CA ARG A 139 3.84 -24.94 4.04
C ARG A 139 2.91 -25.88 4.80
N LEU A 140 3.36 -26.31 5.97
CA LEU A 140 2.56 -27.20 6.81
C LEU A 140 1.33 -26.45 7.30
N ALA A 141 1.50 -25.15 7.58
CA ALA A 141 0.40 -24.32 8.02
C ALA A 141 -0.61 -24.20 6.91
N ALA A 142 -0.12 -24.07 5.68
CA ALA A 142 -0.99 -23.95 4.50
C ALA A 142 -1.79 -25.24 4.30
N CYS A 143 -1.12 -26.38 4.35
CA CYS A 143 -1.80 -27.66 4.15
C CYS A 143 -2.84 -27.87 5.25
N PHE A 144 -2.48 -27.47 6.46
CA PHE A 144 -3.38 -27.60 7.60
C PHE A 144 -4.65 -26.79 7.41
N LEU A 145 -4.50 -25.55 6.96
CA LEU A 145 -5.69 -24.73 6.75
C LEU A 145 -6.62 -25.44 5.76
N ASP A 146 -6.03 -26.03 4.72
CA ASP A 146 -6.81 -26.72 3.73
C ASP A 146 -7.54 -27.93 4.31
N SER A 147 -6.82 -28.71 5.11
CA SER A 147 -7.39 -29.90 5.72
C SER A 147 -8.46 -29.57 6.75
N MET A 148 -8.19 -28.56 7.59
CA MET A 148 -9.13 -28.18 8.62
C MET A 148 -10.45 -27.68 8.00
N ALA A 149 -10.36 -26.99 6.87
CA ALA A 149 -11.57 -26.49 6.21
C ALA A 149 -12.26 -27.69 5.57
N THR A 150 -11.48 -28.61 5.02
CA THR A 150 -12.05 -29.80 4.38
C THR A 150 -12.69 -30.70 5.44
N LEU A 151 -12.18 -30.65 6.67
CA LEU A 151 -12.74 -31.45 7.76
C LEU A 151 -13.85 -30.71 8.49
N GLY A 152 -14.21 -29.53 7.99
CA GLY A 152 -15.28 -28.75 8.60
C GLY A 152 -15.02 -28.24 10.01
N LEU A 153 -13.76 -28.03 10.36
CA LEU A 153 -13.42 -27.54 11.69
C LEU A 153 -13.54 -26.02 11.72
N ALA A 154 -13.93 -25.49 12.88
CA ALA A 154 -14.06 -24.05 13.04
C ALA A 154 -12.63 -23.56 13.30
N ALA A 155 -11.82 -23.59 12.25
CA ALA A 155 -10.41 -23.21 12.32
C ALA A 155 -10.09 -21.87 11.68
N TYR A 156 -9.09 -21.22 12.25
CA TYR A 156 -8.63 -19.92 11.79
C TYR A 156 -7.11 -19.90 11.71
N GLY A 157 -6.61 -19.29 10.65
CA GLY A 157 -5.17 -19.16 10.49
C GLY A 157 -4.84 -17.74 10.89
N TYR A 158 -3.86 -17.57 11.75
CA TYR A 158 -3.44 -16.24 12.18
C TYR A 158 -1.97 -16.03 11.91
N GLY A 159 -1.68 -15.02 11.10
CA GLY A 159 -0.30 -14.74 10.78
C GLY A 159 -0.10 -13.30 10.41
N ILE A 160 1.01 -13.03 9.72
CA ILE A 160 1.34 -11.69 9.29
C ILE A 160 1.25 -11.54 7.80
N ARG A 161 0.67 -10.44 7.35
CA ARG A 161 0.55 -10.15 5.93
C ARG A 161 1.81 -9.39 5.53
N TYR A 162 2.90 -10.12 5.27
CA TYR A 162 4.15 -9.49 4.87
C TYR A 162 3.93 -8.82 3.52
N GLU A 163 4.42 -7.59 3.36
CA GLU A 163 4.28 -6.93 2.07
C GLU A 163 5.22 -7.67 1.12
N TYR A 164 6.27 -8.26 1.68
CA TYR A 164 7.26 -9.00 0.91
C TYR A 164 7.46 -10.39 1.51
N GLY A 165 7.18 -11.42 0.71
CA GLY A 165 7.35 -12.77 1.20
C GLY A 165 8.77 -13.27 0.98
N ILE A 166 8.93 -14.58 0.91
CA ILE A 166 10.24 -15.15 0.68
C ILE A 166 10.74 -14.56 -0.64
N PHE A 167 11.93 -13.97 -0.61
CA PHE A 167 12.51 -13.34 -1.79
C PHE A 167 12.51 -14.21 -3.04
N ASN A 168 12.47 -13.55 -4.21
CA ASN A 168 12.52 -14.27 -5.47
C ASN A 168 14.01 -14.52 -5.70
N GLN A 169 14.35 -15.75 -6.06
CA GLN A 169 15.74 -16.10 -6.28
C GLN A 169 16.14 -16.14 -7.75
N LYS A 170 17.22 -15.44 -8.07
CA LYS A 170 17.76 -15.42 -9.41
C LYS A 170 19.20 -15.90 -9.33
N ILE A 171 19.72 -16.37 -10.45
CA ILE A 171 21.10 -16.84 -10.50
C ILE A 171 21.91 -15.99 -11.46
N ARG A 172 22.93 -15.32 -10.92
CA ARG A 172 23.80 -14.47 -11.73
C ARG A 172 25.23 -14.95 -11.55
N ASP A 173 25.86 -15.32 -12.66
CA ASP A 173 27.22 -15.83 -12.65
C ASP A 173 27.30 -17.01 -11.68
N GLY A 174 26.27 -17.85 -11.68
CA GLY A 174 26.25 -19.01 -10.81
C GLY A 174 25.89 -18.82 -9.34
N TRP A 175 25.78 -17.58 -8.89
CA TRP A 175 25.45 -17.32 -7.50
C TRP A 175 24.00 -16.91 -7.28
N GLN A 176 23.49 -17.17 -6.08
CA GLN A 176 22.13 -16.77 -5.78
C GLN A 176 22.10 -15.27 -5.59
N VAL A 177 21.09 -14.63 -6.15
CA VAL A 177 20.87 -13.21 -6.04
C VAL A 177 19.42 -13.06 -5.59
N GLU A 178 19.18 -12.25 -4.56
CA GLU A 178 17.81 -12.06 -4.07
C GLU A 178 17.14 -10.85 -4.67
N GLU A 179 15.84 -10.96 -4.89
CA GLU A 179 15.04 -9.87 -5.40
C GLU A 179 13.78 -9.79 -4.57
N ALA A 180 13.45 -8.58 -4.15
CA ALA A 180 12.27 -8.35 -3.34
C ALA A 180 11.03 -8.95 -3.99
N ASP A 181 10.29 -9.70 -3.21
CA ASP A 181 9.07 -10.34 -3.69
C ASP A 181 7.85 -9.49 -3.35
N ASP A 182 7.57 -8.43 -4.11
CA ASP A 182 6.36 -7.67 -3.77
C ASP A 182 5.21 -8.28 -4.53
N TRP A 183 4.68 -9.33 -3.93
CA TRP A 183 3.58 -10.08 -4.46
C TRP A 183 2.27 -9.28 -4.48
N LEU A 184 2.23 -8.19 -3.74
CA LEU A 184 1.00 -7.39 -3.68
C LEU A 184 1.02 -6.21 -4.66
N ARG A 185 2.09 -6.14 -5.46
CA ARG A 185 2.27 -5.07 -6.43
C ARG A 185 1.02 -4.73 -7.23
N TYR A 186 0.40 -5.74 -7.82
CA TYR A 186 -0.78 -5.51 -8.63
C TYR A 186 -2.08 -5.71 -7.88
N GLY A 187 -1.98 -6.00 -6.58
CA GLY A 187 -3.17 -6.21 -5.79
C GLY A 187 -3.48 -7.69 -5.59
N ASN A 188 -4.05 -8.02 -4.44
CA ASN A 188 -4.38 -9.39 -4.10
C ASN A 188 -5.90 -9.52 -4.02
N PRO A 189 -6.51 -10.14 -5.04
CA PRO A 189 -7.96 -10.32 -5.06
C PRO A 189 -8.46 -11.31 -4.01
N TRP A 190 -7.55 -12.11 -3.48
CA TRP A 190 -7.89 -13.14 -2.51
C TRP A 190 -7.91 -12.69 -1.06
N GLU A 191 -7.75 -11.39 -0.83
CA GLU A 191 -7.77 -10.88 0.54
C GLU A 191 -8.83 -9.79 0.65
N LYS A 192 -9.42 -9.69 1.84
CA LYS A 192 -10.42 -8.68 2.12
C LYS A 192 -10.01 -7.99 3.42
N SER A 193 -9.69 -6.70 3.32
CA SER A 193 -9.31 -5.97 4.52
C SER A 193 -10.53 -5.88 5.44
N ARG A 194 -10.28 -6.00 6.74
CA ARG A 194 -11.34 -5.95 7.73
C ARG A 194 -11.03 -4.78 8.67
N PRO A 195 -11.15 -3.55 8.15
CA PRO A 195 -10.88 -2.33 8.92
C PRO A 195 -11.57 -2.24 10.27
N GLU A 196 -12.84 -2.60 10.34
CA GLU A 196 -13.56 -2.52 11.60
C GLU A 196 -12.92 -3.35 12.72
N PHE A 197 -12.01 -4.27 12.36
CA PHE A 197 -11.36 -5.11 13.38
C PHE A 197 -9.92 -4.72 13.66
N MET A 198 -9.52 -3.54 13.22
CA MET A 198 -8.17 -3.05 13.47
C MET A 198 -7.95 -3.04 14.98
N LEU A 199 -6.72 -3.28 15.40
CA LEU A 199 -6.39 -3.32 16.82
C LEU A 199 -5.03 -2.67 17.08
N PRO A 200 -4.84 -2.12 18.29
CA PRO A 200 -3.56 -1.48 18.62
C PRO A 200 -2.62 -2.49 19.28
N VAL A 201 -1.34 -2.38 18.98
CA VAL A 201 -0.34 -3.26 19.58
C VAL A 201 0.69 -2.33 20.22
N HIS A 202 1.10 -2.66 21.43
CA HIS A 202 2.04 -1.83 22.19
C HIS A 202 3.47 -2.37 22.23
N PHE A 203 4.41 -1.43 22.26
CA PHE A 203 5.83 -1.76 22.30
C PHE A 203 6.55 -0.81 23.25
N TYR A 204 7.69 -1.26 23.78
CA TYR A 204 8.51 -0.48 24.69
C TYR A 204 7.76 0.01 25.92
N GLY A 205 7.89 1.29 26.22
CA GLY A 205 7.22 1.85 27.38
C GLY A 205 7.83 1.31 28.66
N LYS A 206 7.07 1.37 29.74
CA LYS A 206 7.57 0.88 31.02
C LYS A 206 6.44 0.36 31.89
N VAL A 207 6.80 -0.39 32.92
CA VAL A 207 5.82 -0.97 33.82
C VAL A 207 5.59 -0.11 35.07
N GLU A 208 4.38 -0.19 35.59
CA GLU A 208 3.98 0.57 36.76
C GLU A 208 2.98 -0.30 37.51
N HIS A 209 3.29 -0.64 38.75
CA HIS A 209 2.41 -1.50 39.54
C HIS A 209 1.51 -0.71 40.48
N THR A 210 0.52 -0.05 39.88
CA THR A 210 -0.42 0.78 40.62
C THR A 210 -1.37 -0.03 41.49
N ASN A 211 -2.15 0.68 42.30
CA ASN A 211 -3.11 0.06 43.19
C ASN A 211 -4.28 -0.46 42.38
N THR A 212 -4.37 0.00 41.14
CA THR A 212 -5.45 -0.42 40.25
C THR A 212 -4.96 -1.55 39.33
N GLY A 213 -3.83 -2.16 39.69
CA GLY A 213 -3.27 -3.23 38.90
C GLY A 213 -1.99 -2.80 38.21
N THR A 214 -1.31 -3.74 37.55
CA THR A 214 -0.09 -3.41 36.86
C THR A 214 -0.44 -2.68 35.57
N LYS A 215 0.35 -1.66 35.24
CA LYS A 215 0.10 -0.89 34.05
C LYS A 215 1.34 -0.71 33.20
N TRP A 216 1.18 -1.01 31.91
CA TRP A 216 2.24 -0.89 30.93
C TRP A 216 1.96 0.46 30.29
N ILE A 217 2.79 1.44 30.58
CA ILE A 217 2.58 2.79 30.06
C ILE A 217 3.69 3.36 29.18
N ASP A 218 3.43 4.54 28.61
CA ASP A 218 4.36 5.22 27.73
C ASP A 218 4.82 4.37 26.57
N THR A 219 3.95 3.49 26.09
CA THR A 219 4.29 2.61 24.99
C THR A 219 4.12 3.28 23.64
N GLN A 220 4.74 2.67 22.63
CA GLN A 220 4.63 3.15 21.28
C GLN A 220 3.49 2.28 20.75
N VAL A 221 2.63 2.85 19.91
CA VAL A 221 1.51 2.08 19.38
C VAL A 221 1.61 1.85 17.88
N VAL A 222 1.35 0.61 17.48
CA VAL A 222 1.33 0.23 16.09
C VAL A 222 -0.03 -0.41 15.88
N LEU A 223 -0.73 0.01 14.83
CA LEU A 223 -2.04 -0.55 14.55
C LEU A 223 -1.92 -1.83 13.74
N ALA A 224 -2.80 -2.78 14.01
CA ALA A 224 -2.84 -4.06 13.32
C ALA A 224 -4.13 -4.12 12.53
N LEU A 225 -4.00 -4.08 11.21
CA LEU A 225 -5.14 -4.14 10.30
C LEU A 225 -5.24 -5.56 9.76
N PRO A 226 -6.37 -6.23 10.05
CA PRO A 226 -6.52 -7.60 9.57
C PRO A 226 -7.03 -7.71 8.14
N TYR A 227 -6.50 -8.69 7.42
CA TYR A 227 -6.90 -8.98 6.05
C TYR A 227 -7.33 -10.44 6.07
N ASP A 228 -8.55 -10.71 5.64
CA ASP A 228 -9.06 -12.07 5.64
C ASP A 228 -8.99 -12.72 4.26
N THR A 229 -8.50 -13.95 4.24
CA THR A 229 -8.42 -14.72 3.00
C THR A 229 -9.26 -15.97 3.21
N PRO A 230 -10.14 -16.27 2.26
CA PRO A 230 -10.99 -17.46 2.39
C PRO A 230 -10.20 -18.75 2.19
N VAL A 231 -10.53 -19.75 3.00
CA VAL A 231 -9.89 -21.07 2.94
C VAL A 231 -11.01 -22.08 2.70
N PRO A 232 -11.24 -22.41 1.42
CA PRO A 232 -12.28 -23.36 1.04
C PRO A 232 -11.93 -24.81 1.31
N GLY A 233 -12.86 -25.52 1.93
CA GLY A 233 -12.65 -26.93 2.18
C GLY A 233 -12.87 -27.61 0.84
N TYR A 234 -12.40 -28.84 0.70
CA TYR A 234 -12.60 -29.56 -0.54
C TYR A 234 -14.03 -30.08 -0.66
N MET A 235 -14.78 -29.53 -1.61
CA MET A 235 -16.15 -29.95 -1.87
C MET A 235 -17.01 -30.15 -0.61
N ASN A 236 -17.18 -29.12 0.22
CA ASN A 236 -17.97 -29.31 1.43
C ASN A 236 -18.72 -28.10 1.97
N ASN A 237 -18.82 -27.04 1.19
CA ASN A 237 -19.55 -25.86 1.67
C ASN A 237 -18.92 -25.05 2.79
N THR A 238 -17.82 -25.51 3.37
CA THR A 238 -17.25 -24.69 4.43
C THR A 238 -16.07 -23.88 3.88
N VAL A 239 -16.03 -22.62 4.28
CA VAL A 239 -14.96 -21.73 3.86
C VAL A 239 -14.49 -21.08 5.14
N ASN A 240 -13.26 -21.40 5.52
CA ASN A 240 -12.70 -20.86 6.75
C ASN A 240 -11.91 -19.60 6.45
N THR A 241 -11.31 -19.05 7.48
CA THR A 241 -10.60 -17.81 7.32
C THR A 241 -9.14 -17.85 7.72
N MET A 242 -8.32 -17.18 6.92
CA MET A 242 -6.92 -17.02 7.24
C MET A 242 -6.85 -15.51 7.45
N ARG A 243 -6.56 -15.10 8.68
CA ARG A 243 -6.48 -13.67 9.00
C ARG A 243 -5.03 -13.25 9.22
N LEU A 244 -4.52 -12.43 8.31
CA LEU A 244 -3.16 -11.93 8.36
C LEU A 244 -3.16 -10.46 8.73
N TRP A 245 -2.30 -10.08 9.67
CA TRP A 245 -2.21 -8.70 10.15
C TRP A 245 -1.15 -7.86 9.45
N SER A 246 -1.53 -6.64 9.10
CA SER A 246 -0.63 -5.69 8.46
C SER A 246 -0.38 -4.56 9.47
N ALA A 247 0.86 -4.08 9.53
CA ALA A 247 1.20 -3.02 10.46
C ALA A 247 0.87 -1.64 9.91
N ARG A 248 0.27 -0.80 10.74
CA ARG A 248 -0.09 0.54 10.31
C ARG A 248 0.19 1.54 11.44
N ALA A 249 0.70 2.70 11.09
CA ALA A 249 1.01 3.74 12.07
C ALA A 249 -0.31 4.30 12.61
N PRO A 250 -0.37 4.60 13.92
CA PRO A 250 -1.58 5.15 14.55
C PRO A 250 -1.99 6.52 14.03
N GLY A 261 10.09 19.31 5.72
CA GLY A 261 10.86 19.45 6.95
C GLY A 261 10.55 18.45 8.05
N ASP A 262 10.30 18.96 9.26
CA ASP A 262 9.98 18.15 10.43
C ASP A 262 8.66 17.42 10.25
N TYR A 263 7.66 18.14 9.73
CA TYR A 263 6.36 17.54 9.49
C TYR A 263 6.51 16.42 8.45
N ILE A 264 7.23 16.69 7.37
CA ILE A 264 7.43 15.69 6.33
C ILE A 264 8.12 14.45 6.88
N GLN A 265 9.20 14.65 7.64
CA GLN A 265 9.93 13.53 8.24
C GLN A 265 9.02 12.67 9.10
N ALA A 266 8.19 13.32 9.90
CA ALA A 266 7.28 12.63 10.78
C ALA A 266 6.33 11.73 9.99
N VAL A 267 5.87 12.23 8.85
CA VAL A 267 4.98 11.44 8.01
C VAL A 267 5.77 10.27 7.44
N LEU A 268 6.92 10.56 6.87
CA LEU A 268 7.77 9.53 6.32
C LEU A 268 8.10 8.49 7.40
N ASP A 269 8.35 8.96 8.62
CA ASP A 269 8.69 8.06 9.71
C ASP A 269 7.60 7.05 10.05
N ARG A 270 6.40 7.25 9.52
CA ARG A 270 5.33 6.30 9.76
C ARG A 270 5.78 4.94 9.19
N ASN A 271 6.73 4.97 8.26
CA ASN A 271 7.24 3.73 7.66
C ASN A 271 7.82 2.80 8.74
N LEU A 272 8.41 3.40 9.78
CA LEU A 272 9.02 2.61 10.85
C LEU A 272 8.05 1.65 11.52
N ALA A 273 6.89 2.13 11.93
CA ALA A 273 5.90 1.25 12.55
C ALA A 273 5.44 0.22 11.53
N GLU A 274 5.28 0.66 10.29
CA GLU A 274 4.81 -0.21 9.23
C GLU A 274 5.85 -1.23 8.75
N ASN A 275 7.11 -1.02 9.09
CA ASN A 275 8.17 -1.97 8.70
C ASN A 275 7.99 -3.30 9.44
N ILE A 276 7.21 -3.30 10.52
CA ILE A 276 7.00 -4.53 11.27
C ILE A 276 6.48 -5.67 10.39
N SER A 277 5.46 -5.39 9.58
CA SER A 277 4.92 -6.43 8.70
C SER A 277 5.45 -6.31 7.28
N ARG A 278 6.59 -5.65 7.12
CA ARG A 278 7.15 -5.45 5.79
C ARG A 278 7.76 -6.67 5.10
N VAL A 279 8.61 -7.41 5.78
CA VAL A 279 9.28 -8.55 5.17
C VAL A 279 9.34 -9.80 6.04
N LEU A 280 9.23 -10.94 5.38
CA LEU A 280 9.33 -12.23 6.03
C LEU A 280 10.82 -12.51 6.26
N TYR A 281 11.22 -12.87 7.48
CA TYR A 281 12.62 -13.20 7.72
C TYR A 281 12.85 -14.49 6.95
N PRO A 282 13.76 -14.45 5.96
CA PRO A 282 14.11 -15.56 5.09
C PRO A 282 14.97 -16.70 5.63
N ASN A 283 14.87 -16.96 6.92
CA ASN A 283 15.66 -18.04 7.53
C ASN A 283 14.88 -19.32 7.69
N ASP A 284 15.52 -20.43 7.32
CA ASP A 284 14.91 -21.73 7.45
C ASP A 284 15.80 -22.48 8.44
N ASN A 285 15.21 -22.87 9.57
CA ASN A 285 15.95 -23.57 10.62
C ASN A 285 17.18 -22.84 11.10
N PHE A 286 17.01 -21.54 11.37
CA PHE A 286 18.11 -20.72 11.86
C PHE A 286 17.51 -19.55 12.61
N PHE A 287 17.95 -19.34 13.85
CA PHE A 287 17.45 -18.25 14.65
C PHE A 287 18.29 -17.00 14.52
N GLU A 288 17.66 -15.91 14.10
CA GLU A 288 18.33 -14.63 13.95
C GLU A 288 17.64 -13.73 14.98
N GLY A 289 18.36 -13.40 16.05
CA GLY A 289 17.80 -12.58 17.11
C GLY A 289 17.67 -11.09 16.84
N LYS A 290 17.11 -10.72 15.69
CA LYS A 290 16.93 -9.32 15.35
C LYS A 290 15.73 -8.72 16.06
N GLU A 291 15.87 -7.49 16.54
CA GLU A 291 14.78 -6.82 17.23
C GLU A 291 13.51 -6.69 16.36
N LEU A 292 13.67 -6.45 15.06
CA LEU A 292 12.51 -6.32 14.19
C LEU A 292 11.72 -7.63 14.19
N ARG A 293 12.42 -8.76 14.21
CA ARG A 293 11.80 -10.07 14.22
C ARG A 293 10.98 -10.26 15.50
N LEU A 294 11.56 -9.84 16.64
CA LEU A 294 10.86 -9.95 17.91
C LEU A 294 9.61 -9.07 17.85
N LYS A 295 9.70 -7.93 17.15
CA LYS A 295 8.56 -7.05 16.99
C LYS A 295 7.44 -7.76 16.24
N GLN A 296 7.81 -8.49 15.19
CA GLN A 296 6.83 -9.20 14.37
C GLN A 296 6.16 -10.26 15.20
N GLU A 297 6.95 -10.99 15.98
CA GLU A 297 6.43 -12.05 16.82
C GLU A 297 5.39 -11.52 17.81
N TYR A 298 5.72 -10.43 18.48
CA TYR A 298 4.76 -9.88 19.45
C TYR A 298 3.56 -9.28 18.71
N PHE A 299 3.84 -8.60 17.60
CA PHE A 299 2.80 -7.99 16.78
C PHE A 299 1.67 -8.98 16.45
N VAL A 300 2.02 -10.08 15.78
CA VAL A 300 1.01 -11.07 15.39
C VAL A 300 0.33 -11.68 16.61
N VAL A 301 1.12 -11.92 17.63
CA VAL A 301 0.63 -12.49 18.88
C VAL A 301 -0.35 -11.57 19.60
N ALA A 302 0.01 -10.30 19.75
CA ALA A 302 -0.87 -9.36 20.45
C ALA A 302 -2.19 -9.15 19.70
N ALA A 303 -2.10 -8.93 18.41
CA ALA A 303 -3.30 -8.70 17.60
C ALA A 303 -4.19 -9.95 17.62
N THR A 304 -3.57 -11.10 17.42
CA THR A 304 -4.32 -12.34 17.41
C THR A 304 -5.06 -12.61 18.72
N LEU A 305 -4.34 -12.59 19.84
CA LEU A 305 -4.96 -12.84 21.13
C LEU A 305 -6.09 -11.88 21.41
N GLN A 306 -5.86 -10.59 21.14
CA GLN A 306 -6.91 -9.60 21.36
C GLN A 306 -8.12 -9.94 20.52
N ASP A 307 -7.87 -10.23 19.23
CA ASP A 307 -8.95 -10.56 18.32
C ASP A 307 -9.71 -11.79 18.83
N ILE A 308 -8.96 -12.77 19.35
CA ILE A 308 -9.56 -13.98 19.87
C ILE A 308 -10.39 -13.68 21.11
N ILE A 309 -9.86 -12.86 22.01
CA ILE A 309 -10.58 -12.51 23.23
C ILE A 309 -11.88 -11.81 22.84
N ARG A 310 -11.77 -10.78 22.01
CA ARG A 310 -12.94 -10.05 21.57
C ARG A 310 -14.02 -10.98 21.02
N ARG A 311 -13.63 -11.90 20.14
CA ARG A 311 -14.59 -12.83 19.56
C ARG A 311 -15.22 -13.71 20.62
N PHE A 312 -14.43 -14.15 21.59
CA PHE A 312 -14.95 -14.99 22.66
C PHE A 312 -16.04 -14.25 23.41
N LYS A 313 -15.74 -13.01 23.78
CA LYS A 313 -16.70 -12.18 24.50
C LYS A 313 -17.95 -11.89 23.70
N ALA A 314 -17.81 -11.83 22.39
CA ALA A 314 -18.96 -11.56 21.53
C ALA A 314 -19.84 -12.79 21.39
N SER A 315 -19.37 -13.93 21.90
CA SER A 315 -20.13 -15.17 21.83
C SER A 315 -21.46 -15.05 22.53
N THR A 325 -14.77 -15.52 35.72
CA THR A 325 -15.99 -16.31 35.65
C THR A 325 -16.40 -16.49 34.18
N VAL A 326 -16.32 -15.40 33.42
CA VAL A 326 -16.65 -15.44 32.00
C VAL A 326 -15.65 -16.30 31.25
N PHE A 327 -14.36 -16.13 31.56
CA PHE A 327 -13.33 -16.88 30.86
C PHE A 327 -13.17 -18.33 31.33
N ASP A 328 -14.08 -18.79 32.18
CA ASP A 328 -14.00 -20.17 32.65
C ASP A 328 -14.18 -21.12 31.48
N ALA A 329 -14.96 -20.70 30.49
CA ALA A 329 -15.24 -21.52 29.32
C ALA A 329 -14.29 -21.23 28.17
N PHE A 330 -13.36 -20.31 28.36
CA PHE A 330 -12.42 -19.95 27.31
C PHE A 330 -11.72 -21.17 26.70
N PRO A 331 -11.04 -21.98 27.54
CA PRO A 331 -10.33 -23.17 27.03
C PRO A 331 -11.22 -24.18 26.31
N ASP A 332 -12.51 -24.16 26.60
CA ASP A 332 -13.44 -25.09 25.96
C ASP A 332 -13.99 -24.52 24.67
N GLN A 333 -13.68 -23.26 24.41
CA GLN A 333 -14.14 -22.58 23.21
C GLN A 333 -12.96 -22.17 22.35
N VAL A 334 -11.77 -22.21 22.93
CA VAL A 334 -10.56 -21.80 22.23
C VAL A 334 -9.35 -22.70 22.40
N ALA A 335 -8.71 -22.97 21.26
CA ALA A 335 -7.50 -23.77 21.21
C ALA A 335 -6.54 -22.95 20.32
N ILE A 336 -5.33 -22.72 20.81
CA ILE A 336 -4.37 -21.97 20.04
C ILE A 336 -3.12 -22.81 19.85
N GLN A 337 -2.84 -23.17 18.60
CA GLN A 337 -1.67 -23.99 18.31
C GLN A 337 -0.49 -23.10 18.00
N LEU A 338 0.57 -23.24 18.78
CA LEU A 338 1.77 -22.44 18.56
C LEU A 338 2.63 -23.16 17.53
N ASN A 339 2.69 -22.60 16.32
CA ASN A 339 3.49 -23.19 15.26
C ASN A 339 4.95 -22.87 15.52
N ASP A 340 5.60 -23.76 16.27
CA ASP A 340 7.00 -23.58 16.68
C ASP A 340 7.00 -22.52 17.77
N THR A 341 8.17 -22.11 18.25
CA THR A 341 8.23 -21.12 19.33
C THR A 341 8.08 -19.66 18.88
N HIS A 342 8.05 -19.43 17.57
CA HIS A 342 7.94 -18.07 17.05
C HIS A 342 6.83 -17.25 17.70
N PRO A 343 5.69 -17.88 18.02
CA PRO A 343 4.62 -17.10 18.66
C PRO A 343 4.55 -17.39 20.16
N ALA A 344 5.68 -17.81 20.72
CA ALA A 344 5.76 -18.15 22.14
C ALA A 344 5.20 -17.05 23.03
N LEU A 345 5.45 -15.80 22.66
CA LEU A 345 4.98 -14.66 23.44
C LEU A 345 3.47 -14.69 23.69
N ALA A 346 2.74 -15.49 22.93
CA ALA A 346 1.31 -15.60 23.11
C ALA A 346 0.95 -16.07 24.51
N ILE A 347 1.85 -16.83 25.13
CA ILE A 347 1.60 -17.32 26.47
C ILE A 347 1.59 -16.17 27.48
N PRO A 348 2.69 -15.40 27.59
CA PRO A 348 2.68 -14.28 28.55
C PRO A 348 1.71 -13.18 28.16
N GLU A 349 1.39 -13.09 26.87
CA GLU A 349 0.45 -12.08 26.40
C GLU A 349 -0.96 -12.42 26.89
N LEU A 350 -1.34 -13.70 26.78
CA LEU A 350 -2.65 -14.13 27.23
C LEU A 350 -2.73 -13.89 28.73
N MET A 351 -1.64 -14.21 29.44
CA MET A 351 -1.59 -13.99 30.87
C MET A 351 -1.74 -12.50 31.15
N ARG A 352 -1.01 -11.68 30.39
CA ARG A 352 -1.08 -10.24 30.57
C ARG A 352 -2.52 -9.75 30.44
N ILE A 353 -3.21 -10.25 29.42
CA ILE A 353 -4.59 -9.86 29.18
C ILE A 353 -5.50 -10.31 30.32
N PHE A 354 -5.37 -11.58 30.71
CA PHE A 354 -6.18 -12.13 31.79
C PHE A 354 -5.95 -11.38 33.10
N VAL A 355 -4.68 -11.14 33.42
CA VAL A 355 -4.32 -10.49 34.67
C VAL A 355 -4.43 -8.97 34.70
N ASP A 356 -3.63 -8.28 33.89
CA ASP A 356 -3.64 -6.82 33.88
C ASP A 356 -4.92 -6.19 33.35
N ILE A 357 -5.61 -6.88 32.46
CA ILE A 357 -6.82 -6.32 31.87
C ILE A 357 -8.13 -6.91 32.37
N GLU A 358 -8.25 -8.23 32.34
CA GLU A 358 -9.46 -8.89 32.79
C GLU A 358 -9.48 -9.10 34.30
N LYS A 359 -8.43 -8.61 34.96
CA LYS A 359 -8.31 -8.70 36.41
C LYS A 359 -8.48 -10.08 37.01
N LEU A 360 -8.12 -11.13 36.28
CA LEU A 360 -8.23 -12.47 36.83
C LEU A 360 -7.02 -12.76 37.72
N PRO A 361 -7.21 -13.59 38.74
CA PRO A 361 -6.08 -13.91 39.63
C PRO A 361 -5.09 -14.77 38.85
N TRP A 362 -3.80 -14.58 39.13
CA TRP A 362 -2.75 -15.33 38.43
C TRP A 362 -3.03 -16.82 38.27
N SER A 363 -3.32 -17.49 39.39
CA SER A 363 -3.59 -18.92 39.40
C SER A 363 -4.62 -19.33 38.34
N LYS A 364 -5.76 -18.65 38.35
CA LYS A 364 -6.84 -18.91 37.42
C LYS A 364 -6.40 -18.68 35.97
N ALA A 365 -5.81 -17.52 35.74
CA ALA A 365 -5.33 -17.15 34.42
C ALA A 365 -4.36 -18.20 33.93
N TRP A 366 -3.44 -18.60 34.80
CA TRP A 366 -2.43 -19.59 34.43
C TRP A 366 -3.03 -20.91 34.00
N GLU A 367 -4.04 -21.39 34.72
CA GLU A 367 -4.65 -22.66 34.36
C GLU A 367 -5.35 -22.52 33.01
N LEU A 368 -6.07 -21.42 32.83
CA LEU A 368 -6.79 -21.17 31.58
C LEU A 368 -5.81 -21.13 30.42
N THR A 369 -4.66 -20.51 30.65
CA THR A 369 -3.63 -20.39 29.63
C THR A 369 -3.17 -21.77 29.16
N GLN A 370 -2.69 -22.58 30.10
CA GLN A 370 -2.22 -23.92 29.77
C GLN A 370 -3.26 -24.71 28.99
N LYS A 371 -4.52 -24.59 29.40
CA LYS A 371 -5.59 -25.31 28.72
C LYS A 371 -5.83 -24.80 27.29
N THR A 372 -5.47 -23.55 27.05
CA THR A 372 -5.67 -22.93 25.74
C THR A 372 -4.58 -23.27 24.72
N PHE A 373 -3.33 -23.19 25.15
CA PHE A 373 -2.20 -23.44 24.25
C PHE A 373 -1.67 -24.86 24.09
N ALA A 374 -1.21 -25.14 22.88
CA ALA A 374 -0.59 -26.41 22.52
C ALA A 374 0.59 -25.94 21.68
N TYR A 375 1.74 -26.57 21.89
CA TYR A 375 2.96 -26.20 21.21
C TYR A 375 3.53 -27.31 20.32
N THR A 376 3.87 -26.93 19.08
CA THR A 376 4.46 -27.88 18.15
C THR A 376 5.91 -27.52 17.93
N ASN A 377 6.78 -28.49 18.20
CA ASN A 377 8.22 -28.31 18.03
C ASN A 377 8.60 -28.87 16.66
N HIS A 378 9.25 -28.04 15.83
CA HIS A 378 9.67 -28.48 14.49
C HIS A 378 11.19 -28.37 14.39
N THR A 379 11.83 -28.04 15.49
CA THR A 379 13.28 -27.84 15.50
C THR A 379 14.11 -28.93 16.16
N VAL A 380 15.33 -29.05 15.68
CA VAL A 380 16.28 -30.02 16.20
C VAL A 380 17.64 -29.35 16.29
N LEU A 381 18.01 -28.62 15.24
CA LEU A 381 19.30 -27.93 15.20
C LEU A 381 19.38 -26.85 16.28
N PRO A 382 20.48 -26.84 17.04
CA PRO A 382 20.66 -25.85 18.10
C PRO A 382 20.67 -24.42 17.60
N GLU A 383 21.08 -24.22 16.34
CA GLU A 383 21.11 -22.89 15.76
C GLU A 383 19.71 -22.37 15.43
N ALA A 384 18.75 -23.29 15.33
CA ALA A 384 17.38 -22.93 15.03
C ALA A 384 16.63 -22.53 16.30
N LEU A 385 17.20 -22.88 17.45
CA LEU A 385 16.59 -22.58 18.73
C LEU A 385 16.43 -21.08 19.01
N GLU A 386 15.24 -20.70 19.41
CA GLU A 386 14.94 -19.32 19.70
C GLU A 386 15.29 -18.97 21.14
N ARG A 387 16.27 -18.09 21.31
CA ARG A 387 16.70 -17.68 22.63
C ARG A 387 16.95 -16.18 22.66
N TRP A 388 15.91 -15.45 23.02
CA TRP A 388 15.97 -13.99 23.07
C TRP A 388 16.70 -13.44 24.27
N PRO A 389 17.70 -12.58 24.05
CA PRO A 389 18.41 -12.01 25.19
C PRO A 389 17.43 -11.20 26.05
N VAL A 390 17.49 -11.42 27.35
CA VAL A 390 16.60 -10.74 28.29
C VAL A 390 16.57 -9.23 28.15
N ASP A 391 17.72 -8.62 27.88
CA ASP A 391 17.80 -7.18 27.73
C ASP A 391 16.93 -6.65 26.59
N LEU A 392 16.90 -7.39 25.48
CA LEU A 392 16.08 -6.98 24.33
C LEU A 392 14.60 -7.06 24.70
N VAL A 393 14.20 -8.19 25.27
CA VAL A 393 12.82 -8.40 25.67
C VAL A 393 12.41 -7.37 26.73
N GLU A 394 13.31 -7.07 27.64
CA GLU A 394 13.03 -6.10 28.70
C GLU A 394 12.73 -4.72 28.14
N LYS A 395 13.50 -4.30 27.14
CA LYS A 395 13.31 -2.99 26.54
C LYS A 395 12.05 -2.92 25.68
N LEU A 396 11.79 -3.97 24.91
CA LEU A 396 10.64 -4.00 24.02
C LEU A 396 9.33 -4.39 24.71
N LEU A 397 9.38 -5.45 25.51
CA LEU A 397 8.19 -5.94 26.22
C LEU A 397 8.43 -6.10 27.72
N PRO A 398 8.71 -4.99 28.42
CA PRO A 398 8.97 -5.04 29.86
C PRO A 398 7.96 -5.85 30.68
N ARG A 399 6.68 -5.65 30.43
CA ARG A 399 5.66 -6.37 31.16
C ARG A 399 5.71 -7.87 30.88
N HIS A 400 6.04 -8.25 29.65
CA HIS A 400 6.11 -9.66 29.32
C HIS A 400 7.29 -10.33 30.01
N LEU A 401 8.41 -9.60 30.13
CA LEU A 401 9.57 -10.15 30.80
C LEU A 401 9.17 -10.48 32.23
N GLU A 402 8.50 -9.53 32.88
CA GLU A 402 8.05 -9.73 34.25
C GLU A 402 7.19 -10.97 34.34
N ILE A 403 6.20 -11.07 33.46
CA ILE A 403 5.32 -12.22 33.45
C ILE A 403 6.07 -13.52 33.19
N ILE A 404 7.15 -13.43 32.41
CA ILE A 404 7.96 -14.61 32.11
C ILE A 404 8.77 -15.02 33.34
N TYR A 405 9.35 -14.04 34.04
CA TYR A 405 10.12 -14.34 35.25
C TYR A 405 9.19 -14.99 36.26
N GLU A 406 7.98 -14.45 36.34
CA GLU A 406 6.97 -14.97 37.26
C GLU A 406 6.66 -16.42 36.92
N ILE A 407 6.37 -16.68 35.64
CA ILE A 407 6.08 -18.04 35.18
C ILE A 407 7.24 -18.94 35.59
N ASN A 408 8.46 -18.51 35.28
CA ASN A 408 9.66 -19.27 35.59
C ASN A 408 9.79 -19.50 37.10
N GLN A 409 9.46 -18.49 37.89
CA GLN A 409 9.56 -18.60 39.34
C GLN A 409 8.66 -19.71 39.87
N LYS A 410 7.38 -19.66 39.55
CA LYS A 410 6.46 -20.68 40.02
C LYS A 410 6.79 -22.04 39.41
N HIS A 411 7.51 -22.02 38.30
CA HIS A 411 7.91 -23.24 37.62
C HIS A 411 9.07 -23.90 38.38
N LEU A 412 10.08 -23.11 38.73
CA LEU A 412 11.22 -23.64 39.44
C LEU A 412 10.89 -24.00 40.88
N ASP A 413 9.95 -23.28 41.49
CA ASP A 413 9.55 -23.57 42.86
C ASP A 413 8.95 -24.96 42.90
N ARG A 414 8.29 -25.35 41.81
CA ARG A 414 7.67 -26.65 41.70
C ARG A 414 8.74 -27.74 41.61
N ILE A 415 9.78 -27.47 40.83
CA ILE A 415 10.87 -28.43 40.66
C ILE A 415 11.63 -28.61 41.97
N VAL A 416 12.05 -27.51 42.58
CA VAL A 416 12.78 -27.58 43.85
C VAL A 416 11.98 -28.41 44.87
N ALA A 417 10.67 -28.23 44.87
CA ALA A 417 9.80 -28.95 45.78
C ALA A 417 9.82 -30.44 45.50
N LEU A 418 9.90 -30.82 44.22
CA LEU A 418 9.92 -32.22 43.82
C LEU A 418 11.33 -32.81 43.88
N PHE A 419 12.33 -31.99 43.57
CA PHE A 419 13.71 -32.44 43.59
C PHE A 419 14.54 -31.45 44.39
N PRO A 420 14.37 -31.46 45.72
CA PRO A 420 15.07 -30.58 46.66
C PRO A 420 16.59 -30.49 46.47
N LYS A 421 17.21 -31.60 46.08
CA LYS A 421 18.65 -31.62 45.91
C LYS A 421 19.17 -31.40 44.50
N ASP A 422 18.40 -31.82 43.49
CA ASP A 422 18.84 -31.68 42.11
C ASP A 422 18.91 -30.22 41.67
N VAL A 423 20.09 -29.64 41.81
CA VAL A 423 20.31 -28.24 41.44
C VAL A 423 20.47 -28.04 39.94
N ASP A 424 21.24 -28.91 39.30
CA ASP A 424 21.45 -28.79 37.87
C ASP A 424 20.09 -28.83 37.16
N ARG A 425 19.15 -29.56 37.77
CA ARG A 425 17.80 -29.69 37.26
C ARG A 425 17.17 -28.32 37.04
N LEU A 426 17.25 -27.47 38.06
CA LEU A 426 16.68 -26.13 38.00
C LEU A 426 17.15 -25.28 36.82
N ARG A 427 18.46 -25.07 36.70
CA ARG A 427 18.96 -24.24 35.61
C ARG A 427 18.79 -24.94 34.28
N ARG A 428 18.50 -26.24 34.33
CA ARG A 428 18.30 -27.02 33.12
C ARG A 428 16.86 -26.87 32.63
N MET A 429 15.95 -26.64 33.57
CA MET A 429 14.54 -26.47 33.24
C MET A 429 14.07 -25.02 33.29
N SER A 430 14.98 -24.10 33.62
CA SER A 430 14.63 -22.69 33.70
C SER A 430 14.33 -22.10 32.33
N LEU A 431 13.45 -21.09 32.29
CA LEU A 431 13.12 -20.43 31.03
C LEU A 431 14.22 -19.44 30.69
N ILE A 432 15.09 -19.19 31.67
CA ILE A 432 16.20 -18.28 31.48
C ILE A 432 17.54 -18.98 31.63
N GLU A 433 18.41 -18.81 30.64
CA GLU A 433 19.75 -19.37 30.72
C GLU A 433 20.66 -18.16 30.86
N GLU A 434 21.45 -18.13 31.92
CA GLU A 434 22.33 -16.98 32.17
C GLU A 434 23.84 -17.18 32.08
N GLU A 435 24.32 -17.71 30.96
CA GLU A 435 25.76 -17.91 30.77
C GLU A 435 26.36 -16.76 29.95
N GLY A 436 26.43 -15.57 30.57
CA GLY A 436 26.97 -14.41 29.89
C GLY A 436 25.98 -13.96 28.84
N SER A 437 25.17 -12.96 29.20
CA SER A 437 24.11 -12.44 28.33
C SER A 437 22.94 -13.41 28.50
N LYS A 438 22.15 -13.18 29.55
CA LYS A 438 21.03 -14.05 29.81
C LYS A 438 20.02 -13.99 28.68
N ARG A 439 19.44 -15.13 28.35
CA ARG A 439 18.44 -15.16 27.30
C ARG A 439 17.28 -16.07 27.70
N ILE A 440 16.16 -15.90 27.02
CA ILE A 440 14.97 -16.68 27.30
C ILE A 440 14.83 -17.87 26.36
N ASN A 441 14.69 -19.06 26.94
CA ASN A 441 14.52 -20.27 26.15
C ASN A 441 13.04 -20.35 25.85
N MET A 442 12.67 -19.89 24.65
CA MET A 442 11.27 -19.85 24.25
C MET A 442 10.61 -21.21 24.22
N ALA A 443 11.37 -22.24 23.90
CA ALA A 443 10.82 -23.60 23.86
C ALA A 443 10.33 -23.98 25.26
N HIS A 444 11.13 -23.68 26.28
CA HIS A 444 10.74 -24.00 27.65
C HIS A 444 9.46 -23.24 28.04
N LEU A 445 9.37 -21.98 27.63
CA LEU A 445 8.18 -21.18 27.91
C LEU A 445 6.96 -21.85 27.26
N CYS A 446 7.12 -22.34 26.04
CA CYS A 446 6.01 -23.00 25.34
C CYS A 446 5.62 -24.31 25.99
N ILE A 447 6.60 -25.03 26.51
CA ILE A 447 6.32 -26.29 27.18
C ILE A 447 5.50 -26.10 28.46
N VAL A 448 5.91 -25.15 29.30
CA VAL A 448 5.18 -24.93 30.55
C VAL A 448 3.85 -24.21 30.38
N GLY A 449 3.71 -23.45 29.30
CA GLY A 449 2.46 -22.73 29.09
C GLY A 449 1.43 -23.45 28.23
N SER A 450 1.75 -24.66 27.79
CA SER A 450 0.84 -25.43 26.94
C SER A 450 0.48 -26.76 27.58
N HIS A 451 -0.68 -27.31 27.25
CA HIS A 451 -1.09 -28.60 27.81
C HIS A 451 -0.60 -29.76 26.94
N ALA A 452 -0.15 -29.43 25.74
CA ALA A 452 0.33 -30.45 24.83
C ALA A 452 1.49 -29.94 24.01
N VAL A 453 2.49 -30.80 23.85
CA VAL A 453 3.68 -30.46 23.08
C VAL A 453 3.83 -31.62 22.09
N ASN A 454 4.00 -31.32 20.81
CA ASN A 454 4.15 -32.40 19.85
C ASN A 454 5.29 -32.17 18.86
N GLY A 455 5.87 -33.30 18.43
CA GLY A 455 6.92 -33.28 17.42
C GLY A 455 6.17 -33.54 16.13
N VAL A 456 6.85 -33.57 15.00
CA VAL A 456 6.16 -33.75 13.72
C VAL A 456 6.42 -35.05 12.97
N ALA A 457 6.98 -36.02 13.68
CA ALA A 457 7.28 -37.35 13.14
C ALA A 457 7.75 -38.19 14.34
N LYS A 458 7.37 -39.47 14.34
CA LYS A 458 7.73 -40.36 15.46
C LYS A 458 9.15 -40.21 15.95
N ILE A 459 10.10 -40.36 15.04
CA ILE A 459 11.50 -40.28 15.42
C ILE A 459 11.81 -38.94 16.09
N HIS A 460 11.24 -37.87 15.55
CA HIS A 460 11.45 -36.53 16.06
C HIS A 460 10.75 -36.32 17.39
N SER A 461 9.48 -36.72 17.48
CA SER A 461 8.73 -36.55 18.71
C SER A 461 9.38 -37.33 19.86
N ASP A 462 9.98 -38.47 19.54
CA ASP A 462 10.66 -39.27 20.54
C ASP A 462 11.88 -38.51 21.07
N ILE A 463 12.70 -38.01 20.15
CA ILE A 463 13.88 -37.24 20.52
C ILE A 463 13.49 -36.02 21.35
N VAL A 464 12.44 -35.32 20.93
CA VAL A 464 11.98 -34.13 21.65
C VAL A 464 11.55 -34.50 23.07
N LYS A 465 10.80 -35.59 23.18
CA LYS A 465 10.29 -36.05 24.47
C LYS A 465 11.32 -36.65 25.42
N THR A 466 11.97 -37.72 24.97
CA THR A 466 12.93 -38.44 25.79
C THR A 466 14.33 -37.87 25.88
N LYS A 467 14.67 -36.94 24.99
CA LYS A 467 16.02 -36.39 25.04
C LYS A 467 16.08 -34.88 25.24
N VAL A 468 15.63 -34.10 24.25
CA VAL A 468 15.69 -32.66 24.38
C VAL A 468 14.96 -32.11 25.59
N PHE A 469 13.75 -32.59 25.83
CA PHE A 469 12.99 -32.09 26.97
C PHE A 469 12.67 -33.22 27.94
N LYS A 470 13.68 -34.03 28.22
CA LYS A 470 13.56 -35.16 29.13
C LYS A 470 13.08 -34.70 30.51
N ASP A 471 13.75 -33.69 31.07
CA ASP A 471 13.39 -33.18 32.38
C ASP A 471 11.91 -32.81 32.46
N PHE A 472 11.35 -32.34 31.36
CA PHE A 472 9.95 -31.94 31.34
C PHE A 472 9.00 -33.11 31.15
N SER A 473 9.29 -33.97 30.18
CA SER A 473 8.45 -35.12 29.90
C SER A 473 8.36 -36.09 31.09
N GLU A 474 9.44 -36.20 31.85
CA GLU A 474 9.46 -37.08 33.01
C GLU A 474 8.44 -36.61 34.04
N LEU A 475 8.26 -35.30 34.15
CA LEU A 475 7.30 -34.73 35.10
C LEU A 475 5.90 -34.78 34.53
N GLU A 476 5.79 -34.59 33.22
CA GLU A 476 4.51 -34.60 32.54
C GLU A 476 4.59 -35.50 31.32
N PRO A 477 4.56 -36.82 31.55
CA PRO A 477 4.64 -37.80 30.46
C PRO A 477 3.61 -37.50 29.38
N ASP A 478 2.34 -37.54 29.80
CA ASP A 478 1.21 -37.33 28.92
C ASP A 478 1.20 -36.02 28.13
N LYS A 479 2.03 -35.06 28.51
CA LYS A 479 2.05 -33.80 27.79
C LYS A 479 2.65 -33.90 26.38
N PHE A 480 3.70 -34.68 26.22
CA PHE A 480 4.34 -34.82 24.92
C PHE A 480 3.69 -35.84 24.01
N GLN A 481 3.50 -35.44 22.75
CA GLN A 481 2.85 -36.29 21.76
C GLN A 481 3.58 -36.23 20.44
N ASN A 482 3.06 -37.02 19.50
CA ASN A 482 3.59 -37.00 18.14
C ASN A 482 2.41 -36.78 17.23
N LYS A 483 2.63 -35.99 16.19
CA LYS A 483 1.61 -35.72 15.20
C LYS A 483 2.43 -35.68 13.92
N THR A 484 2.55 -36.83 13.29
CA THR A 484 3.32 -36.91 12.06
C THR A 484 2.72 -36.00 11.02
N ASN A 485 3.58 -35.19 10.41
CA ASN A 485 3.18 -34.24 9.39
C ASN A 485 2.41 -34.87 8.26
N GLY A 486 1.82 -34.01 7.43
CA GLY A 486 1.05 -34.45 6.29
C GLY A 486 1.00 -33.32 5.26
N ILE A 487 0.50 -33.65 4.07
CA ILE A 487 0.39 -32.67 3.00
C ILE A 487 -1.03 -32.81 2.50
N THR A 488 -1.61 -31.75 1.95
CA THR A 488 -2.96 -31.86 1.44
C THR A 488 -2.95 -32.51 0.05
N PRO A 489 -3.76 -33.57 -0.13
CA PRO A 489 -3.83 -34.28 -1.42
C PRO A 489 -4.60 -33.47 -2.46
N ARG A 490 -5.11 -32.30 -2.07
CA ARG A 490 -5.80 -31.46 -3.04
C ARG A 490 -4.71 -30.75 -3.84
N ARG A 491 -4.01 -29.84 -3.18
CA ARG A 491 -2.95 -29.11 -3.83
C ARG A 491 -1.85 -30.05 -4.35
N TRP A 492 -1.44 -30.99 -3.49
CA TRP A 492 -0.38 -31.89 -3.86
C TRP A 492 -0.71 -33.15 -4.64
N LEU A 493 -1.89 -33.17 -5.26
CA LEU A 493 -2.29 -34.29 -6.10
C LEU A 493 -3.34 -33.87 -7.13
N LEU A 494 -4.54 -33.56 -6.68
CA LEU A 494 -5.58 -33.15 -7.63
C LEU A 494 -5.14 -31.91 -8.41
N LEU A 495 -4.55 -30.95 -7.72
CA LEU A 495 -4.10 -29.72 -8.34
C LEU A 495 -2.86 -29.92 -9.21
N CYS A 496 -1.75 -30.27 -8.58
CA CYS A 496 -0.48 -30.44 -9.27
C CYS A 496 -0.32 -31.63 -10.20
N ASN A 497 -1.13 -32.67 -10.03
CA ASN A 497 -1.01 -33.85 -10.86
C ASN A 497 -2.39 -34.38 -11.29
N PRO A 498 -3.11 -33.59 -12.09
CA PRO A 498 -4.44 -34.02 -12.54
C PRO A 498 -4.40 -35.39 -13.27
N GLY A 499 -3.32 -35.64 -13.98
CA GLY A 499 -3.19 -36.91 -14.69
C GLY A 499 -3.21 -38.08 -13.72
N LEU A 500 -2.37 -38.02 -12.70
CA LEU A 500 -2.32 -39.11 -11.72
C LEU A 500 -3.64 -39.19 -10.97
N ALA A 501 -4.18 -38.04 -10.59
CA ALA A 501 -5.44 -37.99 -9.87
C ALA A 501 -6.56 -38.64 -10.68
N GLU A 502 -6.61 -38.34 -11.97
CA GLU A 502 -7.62 -38.90 -12.86
C GLU A 502 -7.47 -40.43 -12.96
N LEU A 503 -6.23 -40.89 -13.22
CA LEU A 503 -5.94 -42.30 -13.37
C LEU A 503 -6.39 -43.06 -12.12
N ILE A 504 -6.00 -42.55 -10.96
CA ILE A 504 -6.36 -43.18 -9.70
C ILE A 504 -7.88 -43.22 -9.52
N ALA A 505 -8.53 -42.10 -9.83
CA ALA A 505 -9.98 -42.01 -9.70
C ALA A 505 -10.70 -43.05 -10.55
N GLU A 506 -10.22 -43.26 -11.77
CA GLU A 506 -10.83 -44.21 -12.68
C GLU A 506 -10.67 -45.65 -12.20
N LYS A 507 -9.65 -45.91 -11.39
CA LYS A 507 -9.40 -47.25 -10.91
C LYS A 507 -10.03 -47.56 -9.56
N ILE A 508 -10.10 -46.59 -8.66
CA ILE A 508 -10.66 -46.84 -7.34
C ILE A 508 -11.72 -45.85 -6.85
N GLY A 509 -12.19 -44.97 -7.73
CA GLY A 509 -13.19 -44.02 -7.31
C GLY A 509 -12.55 -42.74 -6.78
N GLU A 510 -13.40 -41.82 -6.30
CA GLU A 510 -12.91 -40.54 -5.80
C GLU A 510 -12.89 -40.39 -4.29
N ASP A 511 -13.21 -41.45 -3.57
CA ASP A 511 -13.22 -41.41 -2.12
C ASP A 511 -11.88 -41.04 -1.50
N TYR A 512 -10.80 -41.41 -2.18
CA TYR A 512 -9.46 -41.14 -1.68
C TYR A 512 -9.14 -39.67 -1.45
N VAL A 513 -9.77 -38.77 -2.21
CA VAL A 513 -9.48 -37.35 -2.04
C VAL A 513 -9.74 -36.91 -0.61
N LYS A 514 -10.83 -37.39 -0.02
CA LYS A 514 -11.15 -37.04 1.36
C LYS A 514 -10.66 -38.08 2.37
N ASP A 515 -10.28 -39.25 1.89
CA ASP A 515 -9.74 -40.31 2.74
C ASP A 515 -8.59 -40.96 1.97
N LEU A 516 -7.41 -40.36 2.07
CA LEU A 516 -6.25 -40.85 1.34
C LEU A 516 -5.86 -42.29 1.64
N SER A 517 -6.26 -42.79 2.81
CA SER A 517 -5.93 -44.17 3.17
C SER A 517 -6.50 -45.12 2.12
N GLN A 518 -7.54 -44.66 1.41
CA GLN A 518 -8.16 -45.45 0.37
C GLN A 518 -7.23 -45.77 -0.78
N LEU A 519 -6.08 -45.10 -0.84
CA LEU A 519 -5.12 -45.36 -1.90
C LEU A 519 -4.58 -46.78 -1.86
N THR A 520 -4.68 -47.43 -0.70
CA THR A 520 -4.21 -48.81 -0.57
C THR A 520 -4.92 -49.74 -1.54
N LYS A 521 -6.10 -49.33 -2.02
CA LYS A 521 -6.85 -50.12 -2.97
C LYS A 521 -6.06 -50.32 -4.26
N LEU A 522 -5.13 -49.41 -4.52
CA LEU A 522 -4.29 -49.49 -5.71
C LEU A 522 -3.48 -50.77 -5.73
N HIS A 523 -3.33 -51.38 -4.56
CA HIS A 523 -2.59 -52.65 -4.43
C HIS A 523 -3.17 -53.75 -5.29
N SER A 524 -4.45 -53.65 -5.62
CA SER A 524 -5.12 -54.66 -6.42
C SER A 524 -4.59 -54.66 -7.85
N PHE A 525 -3.85 -53.61 -8.22
CA PHE A 525 -3.31 -53.50 -9.57
C PHE A 525 -1.83 -53.81 -9.65
N LEU A 526 -1.29 -54.40 -8.60
CA LEU A 526 0.14 -54.73 -8.61
C LEU A 526 0.53 -55.59 -9.81
N GLY A 527 -0.36 -56.45 -10.26
CA GLY A 527 -0.04 -57.29 -11.40
C GLY A 527 -0.56 -56.77 -12.73
N ASP A 528 -1.42 -55.75 -12.66
CA ASP A 528 -2.02 -55.15 -13.84
C ASP A 528 -1.03 -54.40 -14.73
N ASP A 529 -0.55 -55.10 -15.76
CA ASP A 529 0.42 -54.52 -16.70
C ASP A 529 -0.11 -53.25 -17.37
N VAL A 530 -1.37 -53.28 -17.78
CA VAL A 530 -1.97 -52.13 -18.43
C VAL A 530 -1.92 -50.92 -17.49
N PHE A 531 -2.32 -51.13 -16.25
CA PHE A 531 -2.30 -50.05 -15.28
C PHE A 531 -0.88 -49.51 -15.08
N LEU A 532 0.08 -50.42 -14.89
CA LEU A 532 1.47 -50.02 -14.70
C LEU A 532 1.92 -49.17 -15.88
N ARG A 533 1.41 -49.46 -17.06
CA ARG A 533 1.78 -48.70 -18.24
C ARG A 533 1.11 -47.33 -18.22
N GLU A 534 -0.13 -47.29 -17.76
CA GLU A 534 -0.88 -46.05 -17.67
C GLU A 534 -0.27 -45.12 -16.63
N LEU A 535 0.27 -45.72 -15.57
CA LEU A 535 0.90 -44.97 -14.50
C LEU A 535 2.19 -44.32 -15.02
N ALA A 536 3.01 -45.11 -15.70
CA ALA A 536 4.26 -44.61 -16.25
C ALA A 536 4.01 -43.53 -17.30
N LYS A 537 2.91 -43.67 -18.04
CA LYS A 537 2.59 -42.69 -19.07
C LYS A 537 2.31 -41.34 -18.42
N VAL A 538 1.53 -41.37 -17.34
CA VAL A 538 1.22 -40.15 -16.61
C VAL A 538 2.52 -39.47 -16.20
N LYS A 539 3.47 -40.25 -15.69
CA LYS A 539 4.76 -39.70 -15.30
C LYS A 539 5.47 -39.11 -16.51
N GLN A 540 5.43 -39.86 -17.62
CA GLN A 540 6.07 -39.42 -18.84
C GLN A 540 5.51 -38.07 -19.29
N GLU A 541 4.19 -37.95 -19.27
CA GLU A 541 3.56 -36.71 -19.67
C GLU A 541 4.00 -35.55 -18.77
N ASN A 542 4.06 -35.81 -17.47
CA ASN A 542 4.49 -34.79 -16.51
C ASN A 542 5.93 -34.37 -16.82
N LYS A 543 6.78 -35.36 -17.06
CA LYS A 543 8.18 -35.11 -17.39
C LYS A 543 8.32 -34.34 -18.70
N LEU A 544 7.47 -34.64 -19.66
CA LEU A 544 7.53 -33.97 -20.95
C LEU A 544 7.11 -32.51 -20.79
N LYS A 545 6.03 -32.31 -20.05
CA LYS A 545 5.51 -30.97 -19.80
C LYS A 545 6.54 -30.14 -19.05
N PHE A 546 7.19 -30.75 -18.05
CA PHE A 546 8.17 -30.03 -17.25
C PHE A 546 9.46 -29.81 -18.02
N SER A 547 9.75 -30.70 -18.96
CA SER A 547 10.95 -30.57 -19.78
C SER A 547 10.84 -29.34 -20.68
N GLN A 548 9.64 -29.09 -21.18
CA GLN A 548 9.41 -27.92 -22.03
C GLN A 548 9.77 -26.70 -21.18
N PHE A 549 9.25 -26.71 -19.96
CA PHE A 549 9.49 -25.65 -18.99
C PHE A 549 10.99 -25.43 -18.84
N LEU A 550 11.71 -26.50 -18.50
CA LEU A 550 13.15 -26.43 -18.31
C LEU A 550 13.89 -25.87 -19.51
N GLU A 551 13.47 -26.30 -20.70
CA GLU A 551 14.13 -25.84 -21.92
C GLU A 551 13.87 -24.38 -22.24
N THR A 552 12.63 -23.94 -22.05
CA THR A 552 12.30 -22.54 -22.32
C THR A 552 12.97 -21.61 -21.31
N GLU A 553 13.21 -22.12 -20.11
CA GLU A 553 13.85 -21.34 -19.05
C GLU A 553 15.36 -21.37 -19.11
N TYR A 554 15.93 -22.50 -19.53
CA TYR A 554 17.38 -22.60 -19.65
C TYR A 554 17.86 -23.31 -20.91
N LYS A 555 19.03 -22.92 -21.38
CA LYS A 555 19.61 -23.51 -22.59
C LYS A 555 20.23 -24.86 -22.28
N VAL A 556 19.39 -25.89 -22.22
CA VAL A 556 19.84 -27.25 -21.97
C VAL A 556 18.83 -28.17 -22.60
N LYS A 557 19.31 -29.10 -23.41
CA LYS A 557 18.44 -30.04 -24.07
C LYS A 557 18.19 -31.16 -23.07
N ILE A 558 16.93 -31.37 -22.72
CA ILE A 558 16.57 -32.39 -21.74
C ILE A 558 16.28 -33.74 -22.39
N ASN A 559 16.92 -34.78 -21.89
CA ASN A 559 16.70 -36.13 -22.38
C ASN A 559 15.36 -36.57 -21.78
N PRO A 560 14.31 -36.56 -22.60
CA PRO A 560 12.97 -36.94 -22.14
C PRO A 560 12.86 -38.33 -21.51
N SER A 561 13.79 -39.22 -21.85
CA SER A 561 13.77 -40.58 -21.32
C SER A 561 14.71 -40.74 -20.13
N SER A 562 15.38 -39.66 -19.75
CA SER A 562 16.30 -39.71 -18.64
C SER A 562 15.52 -39.78 -17.33
N MET A 563 16.14 -40.36 -16.31
CA MET A 563 15.50 -40.45 -15.00
C MET A 563 15.59 -39.07 -14.38
N PHE A 564 14.48 -38.59 -13.81
CA PHE A 564 14.51 -37.28 -13.18
C PHE A 564 14.83 -37.41 -11.71
N ASP A 565 16.08 -37.10 -11.39
CA ASP A 565 16.63 -37.16 -10.04
C ASP A 565 16.58 -35.75 -9.46
N VAL A 566 15.65 -35.51 -8.54
CA VAL A 566 15.54 -34.17 -8.00
C VAL A 566 15.56 -33.99 -6.48
N GLN A 567 16.24 -32.93 -6.06
CA GLN A 567 16.33 -32.57 -4.66
C GLN A 567 15.94 -31.11 -4.58
N VAL A 568 14.68 -30.85 -4.23
CA VAL A 568 14.20 -29.48 -4.11
C VAL A 568 13.74 -29.25 -2.68
N LYS A 569 14.34 -28.25 -2.07
CA LYS A 569 14.06 -27.89 -0.69
C LYS A 569 15.05 -26.79 -0.35
N ARG A 570 14.86 -26.15 0.79
CA ARG A 570 15.77 -25.11 1.19
C ARG A 570 17.20 -25.61 1.20
N ILE A 571 18.12 -24.75 0.83
CA ILE A 571 19.53 -25.11 0.82
C ILE A 571 20.03 -25.01 2.25
N HIS A 572 20.53 -26.11 2.78
CA HIS A 572 21.05 -26.13 4.13
C HIS A 572 22.05 -27.28 4.22
N GLU A 573 23.08 -27.12 5.04
CA GLU A 573 24.08 -28.18 5.17
C GLU A 573 23.48 -29.47 5.69
N TYR A 574 22.52 -29.38 6.60
CA TYR A 574 21.91 -30.59 7.15
C TYR A 574 21.09 -31.35 6.10
N LYS A 575 20.56 -30.63 5.11
CA LYS A 575 19.76 -31.25 4.06
C LYS A 575 20.68 -31.93 3.06
N ARG A 576 21.95 -31.53 3.12
CA ARG A 576 23.00 -32.10 2.30
C ARG A 576 22.87 -32.19 0.79
N GLN A 577 22.47 -31.11 0.12
CA GLN A 577 22.44 -31.18 -1.32
C GLN A 577 23.91 -31.26 -1.77
N LEU A 578 24.81 -30.98 -0.82
CA LEU A 578 26.25 -31.05 -1.06
C LEU A 578 26.62 -32.50 -1.36
N LEU A 579 26.04 -33.43 -0.59
CA LEU A 579 26.28 -34.85 -0.79
C LEU A 579 25.79 -35.25 -2.19
N ASN A 580 24.64 -34.71 -2.56
CA ASN A 580 24.05 -34.97 -3.86
C ASN A 580 25.02 -34.48 -4.92
N CYS A 581 25.60 -33.31 -4.68
CA CYS A 581 26.55 -32.73 -5.61
C CYS A 581 27.79 -33.62 -5.75
N LEU A 582 28.23 -34.23 -4.66
CA LEU A 582 29.39 -35.11 -4.72
C LEU A 582 29.04 -36.27 -5.64
N HIS A 583 27.83 -36.81 -5.48
CA HIS A 583 27.39 -37.92 -6.32
C HIS A 583 27.30 -37.52 -7.78
N VAL A 584 26.86 -36.29 -8.03
CA VAL A 584 26.75 -35.82 -9.40
C VAL A 584 28.14 -35.81 -10.03
N ILE A 585 29.10 -35.30 -9.28
CA ILE A 585 30.47 -35.24 -9.77
C ILE A 585 30.98 -36.66 -9.98
N THR A 586 30.68 -37.54 -9.03
CA THR A 586 31.09 -38.93 -9.12
C THR A 586 30.60 -39.56 -10.43
N MET A 587 29.37 -39.25 -10.82
CA MET A 587 28.81 -39.79 -12.06
C MET A 587 29.50 -39.17 -13.26
N TYR A 588 29.86 -37.90 -13.12
CA TYR A 588 30.53 -37.20 -14.19
C TYR A 588 31.87 -37.88 -14.48
N ASN A 589 32.65 -38.12 -13.42
CA ASN A 589 33.94 -38.77 -13.55
C ASN A 589 33.82 -40.18 -14.11
N ARG A 590 32.68 -40.82 -13.88
CA ARG A 590 32.47 -42.18 -14.38
C ARG A 590 32.25 -42.16 -15.89
N ILE A 591 31.44 -41.21 -16.35
CA ILE A 591 31.17 -41.08 -17.78
C ILE A 591 32.45 -40.72 -18.52
N LYS A 592 33.22 -39.81 -17.93
CA LYS A 592 34.47 -39.36 -18.52
C LYS A 592 35.48 -40.50 -18.64
N LYS A 593 35.48 -41.38 -17.64
CA LYS A 593 36.41 -42.51 -17.62
C LYS A 593 35.98 -43.62 -18.57
N ASP A 594 34.72 -44.04 -18.47
CA ASP A 594 34.22 -45.12 -19.32
C ASP A 594 33.04 -44.67 -20.19
N PRO A 595 33.28 -43.74 -21.11
CA PRO A 595 32.21 -43.25 -21.99
C PRO A 595 31.58 -44.37 -22.81
N PHE A 599 24.86 -47.25 -18.93
CA PHE A 599 24.52 -46.15 -18.03
C PHE A 599 23.11 -45.63 -18.24
N VAL A 600 22.36 -45.51 -17.14
CA VAL A 600 21.00 -44.97 -17.20
C VAL A 600 21.16 -43.46 -17.22
N PRO A 601 20.68 -42.81 -18.28
CA PRO A 601 20.83 -41.36 -18.34
C PRO A 601 19.88 -40.69 -17.34
N ARG A 602 20.30 -39.56 -16.79
CA ARG A 602 19.43 -38.87 -15.87
C ARG A 602 19.59 -37.37 -15.87
N THR A 603 18.51 -36.67 -15.52
CA THR A 603 18.52 -35.23 -15.42
C THR A 603 18.53 -34.98 -13.92
N VAL A 604 19.63 -34.46 -13.40
CA VAL A 604 19.72 -34.18 -11.97
C VAL A 604 19.33 -32.74 -11.73
N ILE A 605 18.25 -32.57 -10.97
CA ILE A 605 17.75 -31.23 -10.66
C ILE A 605 17.86 -30.94 -9.17
N ILE A 606 18.50 -29.82 -8.86
CA ILE A 606 18.67 -29.42 -7.47
C ILE A 606 18.20 -27.98 -7.39
N GLY A 607 17.26 -27.74 -6.49
CA GLY A 607 16.74 -26.40 -6.34
C GLY A 607 16.43 -26.08 -4.89
N GLY A 608 16.43 -24.79 -4.59
CA GLY A 608 16.15 -24.38 -3.24
C GLY A 608 16.74 -23.00 -3.01
N LYS A 609 16.18 -22.29 -2.05
CA LYS A 609 16.68 -20.96 -1.73
C LYS A 609 17.59 -21.05 -0.52
N ALA A 610 18.59 -20.17 -0.51
CA ALA A 610 19.52 -20.11 0.60
C ALA A 610 19.20 -18.80 1.33
N ALA A 611 19.23 -18.83 2.65
CA ALA A 611 18.99 -17.61 3.41
C ALA A 611 20.10 -16.65 2.97
N PRO A 612 19.76 -15.38 2.72
CA PRO A 612 20.74 -14.37 2.30
C PRO A 612 22.05 -14.35 3.10
N GLY A 613 21.94 -14.53 4.41
CA GLY A 613 23.13 -14.52 5.25
C GLY A 613 23.79 -15.87 5.45
N TYR A 614 23.31 -16.91 4.77
CA TYR A 614 23.84 -18.25 4.93
C TYR A 614 24.97 -18.50 3.92
N HIS A 615 26.19 -18.16 4.32
CA HIS A 615 27.38 -18.29 3.49
C HIS A 615 27.61 -19.67 2.86
N MET A 616 27.69 -20.71 3.68
CA MET A 616 27.93 -22.04 3.14
C MET A 616 26.86 -22.48 2.13
N ALA A 617 25.60 -22.16 2.43
CA ALA A 617 24.50 -22.51 1.55
C ALA A 617 24.69 -21.84 0.18
N LYS A 618 25.12 -20.59 0.20
CA LYS A 618 25.34 -19.88 -1.04
C LYS A 618 26.54 -20.46 -1.80
N MET A 619 27.56 -20.90 -1.08
CA MET A 619 28.72 -21.51 -1.71
C MET A 619 28.28 -22.80 -2.38
N ILE A 620 27.46 -23.57 -1.66
CA ILE A 620 26.96 -24.84 -2.17
C ILE A 620 26.16 -24.64 -3.44
N ILE A 621 25.45 -23.51 -3.53
CA ILE A 621 24.68 -23.19 -4.72
C ILE A 621 25.65 -22.96 -5.87
N LYS A 622 26.65 -22.13 -5.64
CA LYS A 622 27.65 -21.83 -6.65
C LYS A 622 28.34 -23.12 -7.06
N LEU A 623 28.58 -23.99 -6.08
CA LEU A 623 29.23 -25.27 -6.35
C LEU A 623 28.37 -26.04 -7.35
N ILE A 624 27.09 -26.16 -7.04
CA ILE A 624 26.16 -26.88 -7.92
C ILE A 624 26.09 -26.27 -9.32
N THR A 625 25.98 -24.95 -9.41
CA THR A 625 25.94 -24.31 -10.72
C THR A 625 27.25 -24.54 -11.47
N SER A 626 28.38 -24.46 -10.75
CA SER A 626 29.68 -24.66 -11.37
C SER A 626 29.73 -26.05 -11.97
N VAL A 627 29.43 -27.05 -11.16
CA VAL A 627 29.43 -28.44 -11.60
C VAL A 627 28.50 -28.63 -12.79
N ALA A 628 27.30 -28.07 -12.71
CA ALA A 628 26.34 -28.22 -13.80
C ALA A 628 26.92 -27.66 -15.09
N ASP A 629 27.62 -26.54 -14.98
CA ASP A 629 28.22 -25.91 -16.15
C ASP A 629 29.16 -26.84 -16.91
N VAL A 630 30.07 -27.49 -16.19
CA VAL A 630 31.00 -28.40 -16.83
C VAL A 630 30.31 -29.65 -17.37
N VAL A 631 29.43 -30.27 -16.58
CA VAL A 631 28.77 -31.48 -17.03
C VAL A 631 27.82 -31.26 -18.22
N ASN A 632 27.03 -30.19 -18.18
CA ASN A 632 26.10 -29.93 -19.28
C ASN A 632 26.81 -29.59 -20.58
N ASN A 633 28.02 -29.06 -20.49
CA ASN A 633 28.76 -28.67 -21.67
C ASN A 633 29.80 -29.68 -22.15
N ASP A 634 30.25 -30.58 -21.27
CA ASP A 634 31.23 -31.57 -21.70
C ASP A 634 30.59 -32.42 -22.80
N PRO A 635 31.12 -32.34 -24.02
CA PRO A 635 30.60 -33.10 -25.16
C PRO A 635 30.66 -34.61 -24.97
N MET A 636 31.61 -35.09 -24.17
CA MET A 636 31.75 -36.52 -23.93
C MET A 636 30.53 -37.08 -23.19
N VAL A 637 30.03 -36.33 -22.20
CA VAL A 637 28.87 -36.78 -21.43
C VAL A 637 27.59 -36.61 -22.24
N GLY A 638 27.49 -35.50 -22.97
CA GLY A 638 26.31 -35.25 -23.77
C GLY A 638 25.00 -35.46 -23.04
N SER A 639 24.07 -36.14 -23.69
CA SER A 639 22.75 -36.42 -23.12
C SER A 639 22.73 -37.51 -22.06
N LYS A 640 23.90 -38.01 -21.67
CA LYS A 640 23.98 -39.05 -20.65
C LYS A 640 23.60 -38.48 -19.29
N LEU A 641 24.03 -37.24 -19.04
CA LEU A 641 23.78 -36.58 -17.77
C LEU A 641 23.63 -35.07 -17.92
N LYS A 642 22.57 -34.54 -17.32
CA LYS A 642 22.31 -33.11 -17.34
C LYS A 642 22.00 -32.65 -15.93
N VAL A 643 22.54 -31.48 -15.56
CA VAL A 643 22.33 -30.94 -14.23
C VAL A 643 21.66 -29.57 -14.31
N ILE A 644 20.62 -29.38 -13.50
CA ILE A 644 19.88 -28.12 -13.47
C ILE A 644 19.69 -27.61 -12.06
N PHE A 645 20.04 -26.35 -11.81
CA PHE A 645 19.78 -25.81 -10.50
C PHE A 645 18.43 -25.14 -10.73
N LEU A 646 17.37 -25.71 -10.17
CA LEU A 646 16.03 -25.16 -10.35
C LEU A 646 15.93 -23.84 -9.59
N GLU A 647 15.87 -22.74 -10.35
CA GLU A 647 15.80 -21.41 -9.77
C GLU A 647 14.44 -21.04 -9.18
N ASN A 648 14.49 -20.23 -8.12
CA ASN A 648 13.30 -19.73 -7.45
C ASN A 648 12.33 -20.81 -7.01
N TYR A 649 12.84 -21.89 -6.43
CA TYR A 649 11.98 -22.95 -5.95
C TYR A 649 10.97 -22.37 -4.98
N ARG A 650 9.70 -22.65 -5.23
CA ARG A 650 8.61 -22.14 -4.40
C ARG A 650 7.39 -23.02 -4.63
N VAL A 651 6.34 -22.81 -3.86
CA VAL A 651 5.12 -23.62 -3.97
C VAL A 651 4.61 -23.86 -5.39
N SER A 652 4.38 -22.80 -6.16
CA SER A 652 3.88 -22.99 -7.51
C SER A 652 4.84 -23.79 -8.38
N LEU A 653 6.14 -23.67 -8.15
CA LEU A 653 7.14 -24.40 -8.93
C LEU A 653 7.21 -25.86 -8.46
N ALA A 654 7.05 -26.08 -7.17
CA ALA A 654 7.06 -27.42 -6.61
C ALA A 654 5.92 -28.21 -7.26
N GLU A 655 4.79 -27.55 -7.48
CA GLU A 655 3.63 -28.19 -8.09
C GLU A 655 3.95 -28.64 -9.51
N LYS A 656 4.99 -28.06 -10.12
CA LYS A 656 5.40 -28.43 -11.47
C LYS A 656 6.46 -29.52 -11.50
N VAL A 657 7.52 -29.34 -10.71
CA VAL A 657 8.62 -30.28 -10.70
C VAL A 657 8.34 -31.63 -10.03
N ILE A 658 7.62 -31.61 -8.91
CA ILE A 658 7.33 -32.85 -8.18
C ILE A 658 6.62 -33.92 -9.04
N PRO A 659 5.51 -33.57 -9.70
CA PRO A 659 4.78 -34.55 -10.54
C PRO A 659 5.63 -35.17 -11.67
N ALA A 660 6.75 -34.50 -11.97
CA ALA A 660 7.62 -34.95 -13.04
C ALA A 660 8.88 -35.68 -12.57
N THR A 661 8.99 -35.92 -11.26
CA THR A 661 10.20 -36.57 -10.77
C THR A 661 10.07 -38.08 -10.61
N ASP A 662 11.19 -38.76 -10.85
CA ASP A 662 11.28 -40.20 -10.73
C ASP A 662 11.93 -40.56 -9.40
N LEU A 663 13.02 -39.88 -9.08
CA LEU A 663 13.76 -40.15 -7.86
C LEU A 663 13.79 -38.93 -6.95
N SER A 664 13.23 -39.09 -5.76
CA SER A 664 13.17 -38.03 -4.78
C SER A 664 14.30 -38.16 -3.78
N GLU A 665 15.11 -37.11 -3.69
CA GLU A 665 16.26 -37.07 -2.79
C GLU A 665 15.86 -36.51 -1.43
N GLN A 666 15.95 -37.34 -0.40
CA GLN A 666 15.60 -36.96 0.97
C GLN A 666 16.76 -37.50 1.80
N ILE A 667 17.92 -36.87 1.64
CA ILE A 667 19.15 -37.31 2.25
C ILE A 667 19.73 -36.53 3.43
N SER A 668 18.87 -35.96 4.26
CA SER A 668 19.37 -35.23 5.43
C SER A 668 20.09 -36.21 6.35
N THR A 669 20.98 -35.71 7.19
CA THR A 669 21.72 -36.57 8.12
C THR A 669 20.73 -37.07 9.16
N ALA A 670 20.73 -38.38 9.42
CA ALA A 670 19.81 -38.95 10.40
C ALA A 670 19.71 -38.07 11.65
N GLY A 671 18.50 -37.70 12.03
CA GLY A 671 18.30 -36.88 13.20
C GLY A 671 18.21 -35.38 12.94
N THR A 672 18.35 -34.96 11.68
CA THR A 672 18.29 -33.52 11.38
C THR A 672 16.96 -32.99 10.83
N GLU A 673 16.26 -33.78 10.02
CA GLU A 673 14.95 -33.36 9.49
C GLU A 673 13.87 -33.82 10.44
N ALA A 674 13.30 -32.90 11.21
CA ALA A 674 12.25 -33.27 12.15
C ALA A 674 11.24 -34.18 11.48
N SER A 675 10.89 -33.85 10.24
CA SER A 675 9.91 -34.66 9.53
C SER A 675 10.10 -34.62 8.02
N GLY A 676 10.00 -33.42 7.46
CA GLY A 676 10.09 -33.27 6.02
C GLY A 676 8.67 -33.43 5.48
N THR A 677 8.36 -32.78 4.36
CA THR A 677 7.05 -32.87 3.75
C THR A 677 7.15 -33.02 2.24
N GLY A 678 8.26 -32.54 1.68
CA GLY A 678 8.46 -32.71 0.25
C GLY A 678 8.54 -34.20 0.00
N ASN A 679 9.13 -34.92 0.95
CA ASN A 679 9.28 -36.36 0.84
C ASN A 679 7.93 -37.02 0.62
N MET A 680 6.91 -36.47 1.27
CA MET A 680 5.55 -36.98 1.15
C MET A 680 4.94 -36.60 -0.20
N LYS A 681 5.24 -35.40 -0.67
CA LYS A 681 4.73 -34.92 -1.95
C LYS A 681 5.23 -35.79 -3.09
N PHE A 682 6.52 -36.08 -3.07
CA PHE A 682 7.12 -36.91 -4.11
C PHE A 682 6.51 -38.31 -4.09
N MET A 683 6.37 -38.88 -2.89
CA MET A 683 5.80 -40.21 -2.74
C MET A 683 4.40 -40.27 -3.35
N LEU A 684 3.58 -39.28 -3.02
CA LEU A 684 2.22 -39.24 -3.53
C LEU A 684 2.17 -39.10 -5.05
N ASN A 685 3.17 -38.45 -5.63
CA ASN A 685 3.18 -38.21 -7.06
C ASN A 685 3.91 -39.17 -8.00
N GLY A 686 4.21 -40.36 -7.51
CA GLY A 686 4.85 -41.34 -8.38
C GLY A 686 6.36 -41.36 -8.44
N ALA A 687 7.03 -40.80 -7.43
CA ALA A 687 8.49 -40.84 -7.44
C ALA A 687 8.97 -41.82 -6.38
N LEU A 688 10.13 -42.42 -6.62
CA LEU A 688 10.71 -43.34 -5.65
C LEU A 688 11.61 -42.49 -4.78
N THR A 689 11.81 -42.92 -3.55
CA THR A 689 12.61 -42.16 -2.62
C THR A 689 13.98 -42.74 -2.26
N ILE A 690 15.00 -41.89 -2.35
CA ILE A 690 16.33 -42.30 -1.94
C ILE A 690 16.58 -41.38 -0.75
N GLY A 691 16.77 -41.99 0.41
CA GLY A 691 17.01 -41.19 1.59
C GLY A 691 17.46 -41.97 2.81
N THR A 692 17.74 -41.22 3.86
CA THR A 692 18.18 -41.79 5.11
C THR A 692 16.96 -42.07 6.00
N MET A 693 17.19 -42.79 7.10
CA MET A 693 16.14 -43.08 8.05
C MET A 693 16.07 -41.83 8.92
N ASP A 694 15.40 -40.81 8.41
CA ASP A 694 15.28 -39.55 9.13
C ASP A 694 13.87 -39.00 8.98
N GLY A 695 13.41 -38.29 10.00
CA GLY A 695 12.07 -37.71 9.96
C GLY A 695 11.01 -38.69 9.50
N ALA A 696 10.07 -38.19 8.70
CA ALA A 696 8.99 -39.00 8.18
C ALA A 696 9.46 -40.05 7.17
N ASN A 697 10.72 -39.96 6.74
CA ASN A 697 11.25 -40.93 5.80
C ASN A 697 11.05 -42.32 6.41
N VAL A 698 11.26 -42.40 7.73
CA VAL A 698 11.12 -43.65 8.47
C VAL A 698 9.71 -44.22 8.34
N GLU A 699 8.72 -43.36 8.55
CA GLU A 699 7.33 -43.79 8.47
C GLU A 699 6.91 -44.11 7.04
N MET A 700 7.54 -43.46 6.06
CA MET A 700 7.23 -43.75 4.66
C MET A 700 7.69 -45.19 4.43
N ALA A 701 8.84 -45.54 5.01
CA ALA A 701 9.39 -46.88 4.89
C ALA A 701 8.43 -47.86 5.58
N GLU A 702 7.93 -47.49 6.76
CA GLU A 702 7.00 -48.34 7.49
C GLU A 702 5.74 -48.62 6.68
N GLU A 703 5.19 -47.55 6.09
CA GLU A 703 3.97 -47.66 5.30
C GLU A 703 4.10 -48.47 4.03
N ALA A 704 5.10 -48.14 3.21
CA ALA A 704 5.29 -48.83 1.93
C ALA A 704 6.19 -50.06 1.99
N GLY A 705 6.88 -50.24 3.12
CA GLY A 705 7.79 -51.36 3.23
C GLY A 705 9.17 -50.83 2.87
N GLU A 706 10.12 -50.99 3.77
CA GLU A 706 11.47 -50.49 3.56
C GLU A 706 12.12 -50.89 2.24
N GLU A 707 11.75 -52.04 1.69
CA GLU A 707 12.34 -52.49 0.44
C GLU A 707 11.90 -51.66 -0.76
N ASN A 708 10.81 -50.92 -0.59
CA ASN A 708 10.27 -50.10 -1.66
C ASN A 708 10.78 -48.66 -1.63
N LEU A 709 11.73 -48.39 -0.74
CA LEU A 709 12.36 -47.09 -0.63
C LEU A 709 13.85 -47.40 -0.68
N PHE A 710 14.64 -46.49 -1.25
CA PHE A 710 16.07 -46.69 -1.31
C PHE A 710 16.70 -46.05 -0.11
N ILE A 711 16.61 -46.73 1.03
CA ILE A 711 17.19 -46.23 2.27
C ILE A 711 18.69 -46.50 2.28
N PHE A 712 19.45 -45.64 2.96
CA PHE A 712 20.89 -45.80 3.01
C PHE A 712 21.47 -44.92 4.11
N GLY A 713 22.77 -45.02 4.31
CA GLY A 713 23.46 -44.19 5.29
C GLY A 713 23.27 -44.55 6.74
N MET A 714 23.90 -43.75 7.60
CA MET A 714 23.84 -43.94 9.04
C MET A 714 22.44 -43.65 9.57
N ARG A 715 22.14 -44.20 10.74
CA ARG A 715 20.87 -43.97 11.38
C ARG A 715 21.23 -43.19 12.63
N ILE A 716 20.23 -42.66 13.33
CA ILE A 716 20.48 -41.84 14.51
C ILE A 716 21.54 -42.38 15.48
N ASP A 717 21.44 -43.64 15.87
CA ASP A 717 22.41 -44.22 16.79
C ASP A 717 23.79 -44.34 16.14
N ASP A 718 23.82 -44.52 14.82
CA ASP A 718 25.08 -44.63 14.09
C ASP A 718 25.79 -43.28 14.14
N VAL A 719 25.03 -42.21 13.95
CA VAL A 719 25.57 -40.88 14.00
C VAL A 719 26.09 -40.62 15.41
N ALA A 720 25.35 -41.11 16.40
CA ALA A 720 25.74 -40.93 17.80
C ALA A 720 27.08 -41.59 18.06
N ALA A 721 27.26 -42.81 17.56
CA ALA A 721 28.49 -43.56 17.74
C ALA A 721 29.67 -42.87 17.08
N LEU A 722 29.44 -42.27 15.93
CA LEU A 722 30.50 -41.57 15.22
C LEU A 722 30.91 -40.31 15.96
N ASP A 723 29.93 -39.62 16.56
CA ASP A 723 30.23 -38.41 17.32
C ASP A 723 31.05 -38.86 18.52
N LYS A 724 30.63 -39.98 19.11
CA LYS A 724 31.32 -40.57 20.26
C LYS A 724 32.78 -40.72 19.89
N LYS A 725 33.03 -41.59 18.92
CA LYS A 725 34.37 -41.86 18.43
C LYS A 725 35.04 -40.61 17.88
N GLY A 726 34.22 -39.65 17.44
CA GLY A 726 34.76 -38.43 16.87
C GLY A 726 34.83 -38.60 15.36
N TYR A 727 34.24 -37.66 14.64
CA TYR A 727 34.23 -37.72 13.18
C TYR A 727 35.51 -37.20 12.54
N GLU A 728 36.18 -38.06 11.78
CA GLU A 728 37.41 -37.68 11.10
C GLU A 728 37.16 -37.77 9.60
N ALA A 729 36.70 -36.68 9.02
CA ALA A 729 36.38 -36.62 7.60
C ALA A 729 37.48 -37.17 6.68
N LYS A 730 38.73 -36.78 6.93
CA LYS A 730 39.86 -37.23 6.11
C LYS A 730 39.89 -38.74 5.89
N GLU A 731 39.37 -39.49 6.85
CA GLU A 731 39.35 -40.96 6.74
C GLU A 731 38.77 -41.45 5.42
N TYR A 732 37.53 -41.03 5.15
CA TYR A 732 36.82 -41.43 3.93
C TYR A 732 37.49 -40.86 2.70
N TYR A 733 37.98 -39.63 2.81
CA TYR A 733 38.67 -38.98 1.71
C TYR A 733 39.82 -39.88 1.25
N GLU A 734 40.51 -40.47 2.20
CA GLU A 734 41.63 -41.35 1.91
C GLU A 734 41.16 -42.70 1.37
N ALA A 735 40.29 -43.35 2.15
CA ALA A 735 39.78 -44.67 1.80
C ALA A 735 38.85 -44.76 0.60
N LEU A 736 38.35 -43.62 0.13
CA LEU A 736 37.41 -43.64 -1.01
C LEU A 736 37.94 -42.92 -2.25
N PRO A 737 38.58 -43.67 -3.16
CA PRO A 737 39.13 -43.11 -4.39
C PRO A 737 38.18 -42.23 -5.20
N GLU A 738 36.94 -42.66 -5.38
CA GLU A 738 35.99 -41.85 -6.13
C GLU A 738 35.73 -40.55 -5.38
N LEU A 739 35.70 -40.62 -4.05
CA LEU A 739 35.48 -39.44 -3.23
C LEU A 739 36.68 -38.51 -3.33
N LYS A 740 37.88 -39.05 -3.12
CA LYS A 740 39.10 -38.26 -3.18
C LYS A 740 39.19 -37.45 -4.47
N LEU A 741 38.92 -38.10 -5.59
CA LEU A 741 38.96 -37.42 -6.88
C LEU A 741 38.01 -36.22 -6.84
N VAL A 742 36.74 -36.50 -6.55
CA VAL A 742 35.72 -35.48 -6.45
C VAL A 742 36.23 -34.29 -5.65
N ILE A 743 36.72 -34.56 -4.45
CA ILE A 743 37.23 -33.51 -3.58
C ILE A 743 38.40 -32.78 -4.24
N ASP A 744 39.38 -33.54 -4.73
CA ASP A 744 40.53 -32.92 -5.38
C ASP A 744 40.09 -31.99 -6.50
N GLN A 745 39.15 -32.44 -7.31
CA GLN A 745 38.65 -31.64 -8.42
C GLN A 745 38.08 -30.31 -7.95
N ILE A 746 37.16 -30.35 -6.99
CA ILE A 746 36.55 -29.13 -6.50
C ILE A 746 37.56 -28.23 -5.77
N ASP A 747 38.51 -28.84 -5.06
CA ASP A 747 39.49 -28.04 -4.33
C ASP A 747 40.61 -27.52 -5.24
N ASN A 748 40.87 -28.25 -6.32
CA ASN A 748 41.91 -27.88 -7.27
C ASN A 748 41.49 -26.74 -8.17
N GLY A 749 40.20 -26.69 -8.47
CA GLY A 749 39.69 -25.64 -9.33
C GLY A 749 39.14 -26.20 -10.62
N PHE A 750 39.02 -27.52 -10.67
CA PHE A 750 38.50 -28.20 -11.85
C PHE A 750 37.14 -27.64 -12.25
N PHE A 751 36.37 -27.23 -11.24
CA PHE A 751 35.04 -26.69 -11.46
C PHE A 751 35.01 -25.17 -11.36
N SER A 752 36.20 -24.58 -11.32
CA SER A 752 36.33 -23.13 -11.23
C SER A 752 37.76 -22.75 -11.61
N PRO A 753 38.17 -23.07 -12.85
CA PRO A 753 39.51 -22.77 -13.35
C PRO A 753 39.91 -21.30 -13.22
N LYS A 754 39.00 -20.39 -13.54
CA LYS A 754 39.30 -18.97 -13.45
C LYS A 754 39.47 -18.51 -12.01
N GLN A 755 39.15 -19.39 -11.06
CA GLN A 755 39.29 -19.07 -9.64
C GLN A 755 39.39 -20.37 -8.83
N PRO A 756 40.52 -21.08 -8.97
CA PRO A 756 40.88 -22.36 -8.33
C PRO A 756 40.61 -22.55 -6.84
N ASP A 757 40.66 -21.47 -6.07
CA ASP A 757 40.44 -21.56 -4.63
C ASP A 757 39.02 -21.20 -4.18
N LEU A 758 38.15 -20.98 -5.15
CA LEU A 758 36.76 -20.59 -4.89
C LEU A 758 36.05 -21.39 -3.82
N PHE A 759 36.12 -22.71 -3.92
CA PHE A 759 35.44 -23.57 -2.96
C PHE A 759 36.22 -23.96 -1.73
N LYS A 760 37.19 -23.13 -1.36
CA LYS A 760 38.02 -23.37 -0.19
C LYS A 760 37.18 -23.58 1.06
N ASP A 761 36.24 -22.67 1.30
CA ASP A 761 35.39 -22.74 2.47
C ASP A 761 34.63 -24.07 2.57
N ILE A 762 34.15 -24.58 1.44
CA ILE A 762 33.41 -25.85 1.47
C ILE A 762 34.35 -26.98 1.87
N ILE A 763 35.55 -26.98 1.28
CA ILE A 763 36.56 -27.99 1.56
C ILE A 763 36.89 -28.02 3.05
N ASN A 764 37.22 -26.86 3.60
CA ASN A 764 37.57 -26.77 5.02
C ASN A 764 36.45 -27.30 5.91
N MET A 765 35.23 -26.85 5.64
CA MET A 765 34.07 -27.28 6.42
C MET A 765 33.92 -28.79 6.36
N LEU A 766 33.98 -29.32 5.13
CA LEU A 766 33.83 -30.75 4.89
C LEU A 766 34.91 -31.59 5.57
N PHE A 767 36.10 -31.01 5.71
CA PHE A 767 37.22 -31.71 6.34
C PHE A 767 37.37 -31.49 7.84
N TYR A 768 37.04 -30.30 8.33
CA TYR A 768 37.21 -30.04 9.74
C TYR A 768 35.99 -29.55 10.52
N HIS A 769 34.92 -29.17 9.82
CA HIS A 769 33.74 -28.67 10.51
C HIS A 769 32.40 -29.14 9.94
N ASP A 770 32.34 -30.36 9.41
CA ASP A 770 31.10 -30.87 8.85
C ASP A 770 30.26 -31.58 9.91
N ARG A 771 29.37 -30.83 10.53
CA ARG A 771 28.50 -31.35 11.58
C ARG A 771 27.53 -32.38 11.04
N PHE A 772 27.41 -32.46 9.72
CA PHE A 772 26.46 -33.39 9.13
C PHE A 772 27.07 -34.59 8.42
N LYS A 773 28.30 -34.92 8.82
CA LYS A 773 29.06 -36.06 8.30
C LYS A 773 28.79 -36.38 6.84
N VAL A 774 29.05 -35.44 5.95
CA VAL A 774 28.81 -35.67 4.53
C VAL A 774 29.60 -36.86 3.97
N PHE A 775 30.88 -36.93 4.28
CA PHE A 775 31.72 -38.03 3.80
C PHE A 775 31.29 -39.38 4.39
N ALA A 776 30.74 -39.35 5.60
CA ALA A 776 30.32 -40.55 6.30
C ALA A 776 29.19 -41.33 5.61
N ASP A 777 28.43 -40.67 4.74
CA ASP A 777 27.34 -41.36 4.05
C ASP A 777 27.59 -41.46 2.55
N TYR A 778 28.67 -40.81 2.10
CA TYR A 778 29.01 -40.81 0.68
C TYR A 778 28.99 -42.19 0.03
N GLU A 779 29.73 -43.14 0.60
CA GLU A 779 29.79 -44.48 0.03
C GLU A 779 28.43 -45.17 -0.01
N ALA A 780 27.77 -45.25 1.14
CA ALA A 780 26.45 -45.86 1.21
C ALA A 780 25.51 -45.16 0.22
N TYR A 781 25.60 -43.83 0.15
CA TYR A 781 24.77 -43.05 -0.75
C TYR A 781 25.02 -43.41 -2.21
N VAL A 782 26.30 -43.42 -2.61
CA VAL A 782 26.65 -43.75 -3.99
C VAL A 782 26.21 -45.17 -4.37
N LYS A 783 26.44 -46.13 -3.47
CA LYS A 783 26.05 -47.50 -3.74
C LYS A 783 24.55 -47.55 -3.94
N CYS A 784 23.83 -46.85 -3.08
CA CYS A 784 22.37 -46.80 -3.14
C CYS A 784 21.93 -46.22 -4.48
N GLN A 785 22.58 -45.15 -4.89
CA GLN A 785 22.27 -44.52 -6.16
C GLN A 785 22.38 -45.51 -7.32
N ASP A 786 23.43 -46.34 -7.32
CA ASP A 786 23.61 -47.31 -8.40
C ASP A 786 22.44 -48.26 -8.44
N LYS A 787 21.97 -48.70 -7.26
CA LYS A 787 20.84 -49.61 -7.19
C LYS A 787 19.63 -48.94 -7.82
N VAL A 788 19.46 -47.64 -7.61
CA VAL A 788 18.33 -46.93 -8.19
C VAL A 788 18.40 -47.04 -9.70
N SER A 789 19.58 -46.76 -10.26
CA SER A 789 19.79 -46.83 -11.70
C SER A 789 19.44 -48.23 -12.19
N GLN A 790 19.88 -49.24 -11.46
CA GLN A 790 19.60 -50.62 -11.82
C GLN A 790 18.11 -50.85 -11.96
N LEU A 791 17.37 -50.50 -10.92
CA LEU A 791 15.93 -50.68 -10.95
C LEU A 791 15.32 -49.91 -12.11
N TYR A 792 15.83 -48.70 -12.35
CA TYR A 792 15.30 -47.86 -13.42
C TYR A 792 15.41 -48.50 -14.79
N MET A 793 16.37 -49.42 -14.96
CA MET A 793 16.53 -50.11 -16.23
C MET A 793 15.40 -51.12 -16.40
N ASN A 794 14.64 -51.36 -15.34
CA ASN A 794 13.54 -52.31 -15.40
C ASN A 794 12.20 -51.63 -15.14
N PRO A 795 11.61 -51.03 -16.19
CA PRO A 795 10.33 -50.31 -16.14
C PRO A 795 9.22 -51.00 -15.34
N LYS A 796 9.05 -52.31 -15.54
CA LYS A 796 8.02 -53.02 -14.82
C LYS A 796 8.27 -53.02 -13.31
N ALA A 797 9.52 -53.30 -12.93
CA ALA A 797 9.87 -53.35 -11.51
C ALA A 797 9.85 -51.96 -10.88
N TRP A 798 10.32 -50.96 -11.62
CA TRP A 798 10.37 -49.60 -11.11
C TRP A 798 8.96 -49.08 -10.81
N ASN A 799 8.07 -49.19 -11.79
CA ASN A 799 6.71 -48.71 -11.60
C ASN A 799 5.93 -49.57 -10.61
N THR A 800 6.37 -50.80 -10.42
CA THR A 800 5.70 -51.66 -9.46
C THR A 800 6.01 -51.10 -8.07
N MET A 801 7.25 -50.65 -7.90
CA MET A 801 7.65 -50.07 -6.62
C MET A 801 6.95 -48.73 -6.45
N VAL A 802 6.83 -47.98 -7.55
CA VAL A 802 6.15 -46.69 -7.51
C VAL A 802 4.73 -46.90 -7.00
N LEU A 803 4.02 -47.86 -7.60
CA LEU A 803 2.66 -48.15 -7.20
C LEU A 803 2.54 -48.46 -5.70
N LYS A 804 3.48 -49.23 -5.16
CA LYS A 804 3.46 -49.57 -3.75
C LYS A 804 3.68 -48.33 -2.90
N ASN A 805 4.43 -47.38 -3.43
CA ASN A 805 4.68 -46.13 -2.71
C ASN A 805 3.41 -45.27 -2.71
N ILE A 806 2.83 -45.07 -3.90
CA ILE A 806 1.61 -44.28 -4.02
C ILE A 806 0.49 -44.90 -3.20
N ALA A 807 0.38 -46.22 -3.25
CA ALA A 807 -0.66 -46.95 -2.53
C ALA A 807 -0.49 -46.89 -1.02
N ALA A 808 0.71 -46.57 -0.55
CA ALA A 808 0.98 -46.47 0.88
C ALA A 808 1.11 -45.03 1.34
N SER A 809 0.72 -44.09 0.47
CA SER A 809 0.80 -42.66 0.77
C SER A 809 -0.25 -42.18 1.76
N GLY A 810 -1.40 -42.85 1.75
CA GLY A 810 -2.52 -42.49 2.60
C GLY A 810 -2.22 -41.80 3.92
N LYS A 811 -1.39 -42.42 4.75
CA LYS A 811 -1.06 -41.87 6.05
C LYS A 811 -0.57 -40.43 6.03
N PHE A 812 0.06 -40.05 4.93
CA PHE A 812 0.63 -38.71 4.85
C PHE A 812 -0.25 -37.57 4.41
N SER A 813 -1.56 -37.80 4.43
CA SER A 813 -2.50 -36.75 4.10
C SER A 813 -2.63 -35.90 5.36
N SER A 814 -2.59 -34.58 5.18
CA SER A 814 -2.71 -33.68 6.31
C SER A 814 -4.09 -33.81 6.96
N ASP A 815 -5.03 -34.46 6.27
CA ASP A 815 -6.35 -34.65 6.82
C ASP A 815 -6.22 -35.59 8.01
N ARG A 816 -5.43 -36.63 7.83
CA ARG A 816 -5.20 -37.60 8.90
C ARG A 816 -4.46 -36.88 10.03
N THR A 817 -3.49 -36.06 9.67
CA THR A 817 -2.73 -35.31 10.66
C THR A 817 -3.66 -34.41 11.48
N ILE A 818 -4.50 -33.64 10.80
CA ILE A 818 -5.42 -32.76 11.49
C ILE A 818 -6.41 -33.54 12.37
N LYS A 819 -6.90 -34.69 11.89
CA LYS A 819 -7.83 -35.48 12.68
C LYS A 819 -7.21 -35.79 14.05
N GLU A 820 -5.93 -36.17 14.03
CA GLU A 820 -5.22 -36.49 15.27
C GLU A 820 -5.05 -35.26 16.16
N TYR A 821 -4.74 -34.12 15.58
CA TYR A 821 -4.61 -32.88 16.35
C TYR A 821 -5.95 -32.57 17.01
N ALA A 822 -7.01 -32.67 16.22
CA ALA A 822 -8.36 -32.38 16.68
C ALA A 822 -8.80 -33.29 17.82
N GLN A 823 -8.52 -34.58 17.67
CA GLN A 823 -8.92 -35.57 18.65
C GLN A 823 -8.06 -35.58 19.92
N ASN A 824 -6.75 -35.46 19.77
CA ASN A 824 -5.86 -35.53 20.93
C ASN A 824 -5.25 -34.26 21.48
N ILE A 825 -5.55 -33.12 20.86
CA ILE A 825 -4.98 -31.87 21.36
C ILE A 825 -6.01 -30.76 21.47
N TRP A 826 -6.70 -30.46 20.39
CA TRP A 826 -7.70 -29.39 20.40
C TRP A 826 -9.02 -29.82 20.99
N ASN A 827 -9.28 -31.12 20.97
CA ASN A 827 -10.54 -31.65 21.49
C ASN A 827 -11.62 -31.02 20.63
N VAL A 828 -11.48 -31.20 19.32
CA VAL A 828 -12.42 -30.67 18.35
C VAL A 828 -12.94 -31.79 17.46
N GLU A 829 -14.10 -31.58 16.85
CA GLU A 829 -14.68 -32.62 16.03
C GLU A 829 -14.94 -32.24 14.57
N PRO A 830 -14.45 -33.07 13.63
CA PRO A 830 -14.62 -32.84 12.19
C PRO A 830 -16.08 -32.80 11.76
N SER A 831 -16.37 -31.94 10.80
CA SER A 831 -17.71 -31.74 10.26
C SER A 831 -18.61 -31.07 11.30
N GLU B 23 -30.90 2.08 -14.54
CA GLU B 23 -30.71 3.23 -13.67
C GLU B 23 -32.05 3.63 -13.02
N ASN B 24 -32.74 2.63 -12.46
CA ASN B 24 -34.01 2.84 -11.78
C ASN B 24 -33.79 2.39 -10.35
N VAL B 25 -34.62 2.86 -9.43
CA VAL B 25 -34.48 2.53 -8.02
C VAL B 25 -34.35 1.05 -7.72
N ALA B 26 -35.21 0.23 -8.34
CA ALA B 26 -35.18 -1.21 -8.10
C ALA B 26 -33.84 -1.86 -8.44
N GLU B 27 -33.29 -1.52 -9.60
CA GLU B 27 -32.02 -2.07 -10.03
C GLU B 27 -30.84 -1.53 -9.23
N LEU B 28 -30.89 -0.25 -8.85
CA LEU B 28 -29.82 0.33 -8.06
C LEU B 28 -29.76 -0.38 -6.72
N LYS B 29 -30.93 -0.75 -6.20
CA LYS B 29 -30.99 -1.44 -4.92
C LYS B 29 -30.47 -2.85 -5.01
N LYS B 30 -30.80 -3.55 -6.09
CA LYS B 30 -30.32 -4.92 -6.22
C LYS B 30 -28.81 -4.88 -6.41
N SER B 31 -28.33 -3.87 -7.15
CA SER B 31 -26.91 -3.72 -7.38
C SER B 31 -26.19 -3.42 -6.07
N PHE B 32 -26.81 -2.60 -5.23
CA PHE B 32 -26.25 -2.24 -3.95
C PHE B 32 -26.06 -3.51 -3.12
N ASN B 33 -27.12 -4.31 -3.04
CA ASN B 33 -27.09 -5.54 -2.26
C ASN B 33 -26.07 -6.52 -2.82
N ARG B 34 -25.92 -6.51 -4.13
CA ARG B 34 -24.97 -7.39 -4.77
C ARG B 34 -23.55 -7.04 -4.34
N HIS B 35 -23.24 -5.75 -4.35
CA HIS B 35 -21.91 -5.32 -3.93
C HIS B 35 -21.65 -5.54 -2.45
N LEU B 36 -22.66 -5.27 -1.63
CA LEU B 36 -22.50 -5.44 -0.19
C LEU B 36 -22.09 -6.89 0.03
N HIS B 37 -22.70 -7.77 -0.76
CA HIS B 37 -22.46 -9.20 -0.65
C HIS B 37 -21.15 -9.65 -1.27
N PHE B 38 -21.06 -9.57 -2.60
CA PHE B 38 -19.85 -10.01 -3.31
C PHE B 38 -18.62 -9.11 -3.18
N THR B 39 -18.82 -7.80 -3.10
CA THR B 39 -17.69 -6.89 -3.00
C THR B 39 -17.22 -6.61 -1.57
N LEU B 40 -18.15 -6.44 -0.63
CA LEU B 40 -17.77 -6.17 0.76
C LEU B 40 -17.81 -7.42 1.63
N VAL B 41 -18.41 -8.48 1.12
CA VAL B 41 -18.55 -9.73 1.85
C VAL B 41 -19.24 -9.48 3.18
N LYS B 42 -20.41 -8.85 3.11
CA LYS B 42 -21.18 -8.56 4.31
C LYS B 42 -22.66 -8.75 4.05
N ASP B 43 -23.43 -8.79 5.14
CA ASP B 43 -24.87 -8.89 5.05
C ASP B 43 -25.35 -7.75 5.93
N ARG B 44 -26.66 -7.53 5.94
CA ARG B 44 -27.23 -6.46 6.73
C ARG B 44 -26.96 -6.59 8.22
N ASN B 45 -26.72 -7.82 8.67
CA ASN B 45 -26.46 -8.06 10.09
C ASN B 45 -25.16 -7.45 10.60
N VAL B 46 -24.08 -7.67 9.87
CA VAL B 46 -22.79 -7.16 10.30
C VAL B 46 -22.20 -6.09 9.41
N ALA B 47 -22.99 -5.57 8.49
CA ALA B 47 -22.49 -4.52 7.60
C ALA B 47 -22.22 -3.24 8.40
N THR B 48 -21.09 -2.60 8.12
CA THR B 48 -20.76 -1.36 8.80
C THR B 48 -21.24 -0.19 7.94
N THR B 49 -21.21 1.02 8.49
CA THR B 49 -21.63 2.19 7.73
C THR B 49 -20.65 2.34 6.57
N ARG B 50 -19.39 2.03 6.83
CA ARG B 50 -18.36 2.12 5.81
C ARG B 50 -18.71 1.13 4.70
N ASP B 51 -19.16 -0.08 5.08
CA ASP B 51 -19.53 -1.08 4.09
C ASP B 51 -20.61 -0.54 3.18
N TYR B 52 -21.61 0.12 3.78
CA TYR B 52 -22.71 0.70 3.00
C TYR B 52 -22.22 1.78 2.05
N TYR B 53 -21.29 2.62 2.52
CA TYR B 53 -20.74 3.66 1.67
C TYR B 53 -20.08 3.01 0.46
N PHE B 54 -19.26 2.00 0.72
CA PHE B 54 -18.56 1.30 -0.34
C PHE B 54 -19.52 0.61 -1.29
N ALA B 55 -20.56 -0.03 -0.75
CA ALA B 55 -21.53 -0.70 -1.59
C ALA B 55 -22.15 0.31 -2.55
N LEU B 56 -22.45 1.50 -2.03
CA LEU B 56 -23.04 2.57 -2.85
C LEU B 56 -22.04 3.10 -3.86
N ALA B 57 -20.81 3.31 -3.39
CA ALA B 57 -19.75 3.82 -4.25
C ALA B 57 -19.60 2.89 -5.46
N HIS B 58 -19.53 1.59 -5.21
CA HIS B 58 -19.38 0.62 -6.28
C HIS B 58 -20.57 0.60 -7.22
N THR B 59 -21.76 0.72 -6.64
CA THR B 59 -22.99 0.74 -7.41
C THR B 59 -22.96 1.94 -8.37
N VAL B 60 -22.50 3.07 -7.87
CA VAL B 60 -22.42 4.29 -8.69
C VAL B 60 -21.30 4.18 -9.69
N ARG B 61 -20.15 3.70 -9.23
CA ARG B 61 -18.97 3.53 -10.08
C ARG B 61 -19.23 2.72 -11.35
N ASP B 62 -20.02 1.65 -11.21
CA ASP B 62 -20.34 0.80 -12.35
C ASP B 62 -20.94 1.59 -13.50
N HIS B 63 -21.66 2.66 -13.19
CA HIS B 63 -22.30 3.50 -14.20
C HIS B 63 -21.30 4.37 -14.97
N LEU B 64 -20.07 4.44 -14.49
CA LEU B 64 -19.03 5.23 -15.14
C LEU B 64 -18.29 4.46 -16.22
N VAL B 65 -18.08 3.17 -16.00
CA VAL B 65 -17.30 2.34 -16.91
C VAL B 65 -17.64 2.41 -18.40
N GLY B 66 -18.89 2.14 -18.74
CA GLY B 66 -19.28 2.17 -20.14
C GLY B 66 -18.81 3.45 -20.80
N ARG B 67 -19.25 4.58 -20.26
CA ARG B 67 -18.87 5.87 -20.80
C ARG B 67 -17.38 6.15 -20.72
N TRP B 68 -16.71 5.60 -19.72
CA TRP B 68 -15.29 5.85 -19.57
C TRP B 68 -14.55 5.16 -20.70
N ILE B 69 -14.87 3.89 -20.92
CA ILE B 69 -14.25 3.10 -21.98
C ILE B 69 -14.54 3.71 -23.35
N ARG B 70 -15.81 4.08 -23.58
CA ARG B 70 -16.20 4.67 -24.86
C ARG B 70 -15.53 6.02 -25.09
N THR B 71 -15.43 6.83 -24.04
CA THR B 71 -14.80 8.14 -24.16
C THR B 71 -13.35 8.03 -24.59
N GLN B 72 -12.59 7.18 -23.92
CA GLN B 72 -11.18 7.00 -24.25
C GLN B 72 -11.03 6.34 -25.61
N GLN B 73 -11.99 5.49 -25.97
CA GLN B 73 -11.95 4.82 -27.25
C GLN B 73 -12.13 5.88 -28.33
N HIS B 74 -13.10 6.76 -28.10
CA HIS B 74 -13.42 7.86 -29.02
C HIS B 74 -12.22 8.76 -29.29
N TYR B 75 -11.46 9.09 -28.26
CA TYR B 75 -10.30 9.95 -28.44
C TYR B 75 -9.27 9.26 -29.33
N TYR B 76 -9.15 7.95 -29.19
CA TYR B 76 -8.21 7.20 -30.00
C TYR B 76 -8.66 7.16 -31.46
N ASP B 77 -9.95 6.91 -31.67
CA ASP B 77 -10.48 6.82 -33.03
C ASP B 77 -10.48 8.14 -33.78
N LYS B 78 -11.06 9.16 -33.15
CA LYS B 78 -11.17 10.48 -33.75
C LYS B 78 -9.92 11.33 -33.60
N CYS B 79 -9.00 10.88 -32.76
CA CYS B 79 -7.76 11.59 -32.52
C CYS B 79 -7.80 13.11 -32.34
N PRO B 80 -8.74 13.62 -31.52
CA PRO B 80 -8.75 15.07 -31.37
C PRO B 80 -7.48 15.47 -30.60
N LYS B 81 -7.09 16.75 -30.65
CA LYS B 81 -5.90 17.16 -29.93
C LYS B 81 -6.17 16.95 -28.43
N ARG B 82 -5.18 16.41 -27.72
CA ARG B 82 -5.35 16.14 -26.30
C ARG B 82 -4.73 17.22 -25.39
N VAL B 83 -5.42 17.50 -24.28
CA VAL B 83 -4.95 18.51 -23.33
C VAL B 83 -4.47 17.80 -22.09
N TYR B 84 -3.24 18.08 -21.68
CA TYR B 84 -2.67 17.46 -20.50
C TYR B 84 -2.42 18.50 -19.43
N TYR B 85 -3.23 18.45 -18.39
CA TYR B 85 -3.09 19.38 -17.28
C TYR B 85 -2.10 18.76 -16.30
N LEU B 86 -0.86 19.25 -16.35
CA LEU B 86 0.20 18.75 -15.50
C LEU B 86 0.31 19.56 -14.23
N SER B 87 0.00 18.92 -13.10
CA SER B 87 0.02 19.61 -11.83
C SER B 87 0.49 18.72 -10.66
N LEU B 88 1.13 19.34 -9.67
CA LEU B 88 1.60 18.61 -8.51
C LEU B 88 0.41 18.46 -7.56
N GLU B 89 -0.68 19.15 -7.86
CA GLU B 89 -1.85 19.09 -6.99
C GLU B 89 -3.21 18.97 -7.68
N PHE B 90 -4.06 18.17 -7.06
CA PHE B 90 -5.44 17.97 -7.49
C PHE B 90 -6.26 17.85 -6.21
N TYR B 91 -6.88 18.97 -5.82
CA TYR B 91 -7.67 19.08 -4.61
C TYR B 91 -9.08 18.62 -4.98
N MET B 92 -9.24 17.31 -5.13
CA MET B 92 -10.51 16.72 -5.56
C MET B 92 -11.68 16.64 -4.59
N GLY B 93 -11.43 16.54 -3.29
CA GLY B 93 -12.53 16.42 -2.37
C GLY B 93 -13.13 15.03 -2.52
N ARG B 94 -14.43 14.89 -2.21
CA ARG B 94 -15.12 13.61 -2.31
C ARG B 94 -15.65 13.38 -3.72
N THR B 95 -15.81 12.11 -4.08
CA THR B 95 -16.26 11.75 -5.43
C THR B 95 -17.70 11.23 -5.58
N LEU B 96 -18.19 10.52 -4.57
CA LEU B 96 -19.53 9.91 -4.60
C LEU B 96 -20.65 10.81 -5.13
N GLN B 97 -20.99 11.83 -4.34
CA GLN B 97 -22.06 12.73 -4.72
C GLN B 97 -21.82 13.43 -6.05
N ASN B 98 -20.58 13.88 -6.26
CA ASN B 98 -20.25 14.57 -7.49
C ASN B 98 -20.47 13.67 -8.69
N THR B 99 -20.18 12.39 -8.52
CA THR B 99 -20.37 11.42 -9.60
C THR B 99 -21.85 11.18 -9.82
N MET B 100 -22.61 11.03 -8.74
CA MET B 100 -24.05 10.80 -8.88
C MET B 100 -24.72 11.95 -9.62
N ILE B 101 -24.36 13.18 -9.26
CA ILE B 101 -24.95 14.35 -9.88
C ILE B 101 -24.59 14.46 -11.37
N ASN B 102 -23.31 14.32 -11.71
CA ASN B 102 -22.89 14.44 -13.10
C ASN B 102 -23.42 13.33 -13.99
N LEU B 103 -23.80 12.21 -13.39
CA LEU B 103 -24.35 11.08 -14.12
C LEU B 103 -25.87 11.13 -14.04
N GLY B 104 -26.41 12.09 -13.32
CA GLY B 104 -27.85 12.21 -13.18
C GLY B 104 -28.43 11.01 -12.45
N LEU B 105 -27.74 10.59 -11.39
CA LEU B 105 -28.15 9.44 -10.60
C LEU B 105 -28.50 9.74 -9.15
N GLN B 106 -28.25 10.98 -8.71
CA GLN B 106 -28.48 11.33 -7.31
C GLN B 106 -29.87 11.05 -6.74
N ASN B 107 -30.92 11.49 -7.42
CA ASN B 107 -32.25 11.27 -6.88
C ASN B 107 -32.62 9.79 -6.84
N ALA B 108 -32.27 9.07 -7.90
CA ALA B 108 -32.54 7.63 -7.96
C ALA B 108 -31.77 6.89 -6.87
N CYS B 109 -30.50 7.25 -6.68
CA CYS B 109 -29.70 6.63 -5.63
C CYS B 109 -30.25 7.02 -4.25
N ASP B 110 -30.60 8.29 -4.10
CA ASP B 110 -31.16 8.77 -2.84
C ASP B 110 -32.34 7.90 -2.46
N GLU B 111 -33.20 7.65 -3.45
CA GLU B 111 -34.40 6.85 -3.26
C GLU B 111 -34.05 5.41 -2.92
N ALA B 112 -33.13 4.84 -3.68
CA ALA B 112 -32.69 3.47 -3.45
C ALA B 112 -32.20 3.30 -2.01
N ILE B 113 -31.29 4.16 -1.59
CA ILE B 113 -30.74 4.10 -0.24
C ILE B 113 -31.83 4.28 0.81
N TYR B 114 -32.76 5.20 0.55
CA TYR B 114 -33.84 5.45 1.49
C TYR B 114 -34.66 4.18 1.69
N GLN B 115 -35.02 3.54 0.58
CA GLN B 115 -35.81 2.31 0.63
C GLN B 115 -35.07 1.16 1.31
N LEU B 116 -33.74 1.26 1.35
CA LEU B 116 -32.95 0.22 2.01
C LEU B 116 -32.82 0.57 3.48
N GLY B 117 -33.52 1.62 3.90
CA GLY B 117 -33.47 2.02 5.30
C GLY B 117 -32.16 2.64 5.72
N LEU B 118 -31.46 3.26 4.77
CA LEU B 118 -30.20 3.92 5.07
C LEU B 118 -30.27 5.41 4.78
N ASP B 119 -29.41 6.17 5.45
CA ASP B 119 -29.34 7.61 5.29
C ASP B 119 -28.18 7.87 4.34
N ILE B 120 -28.48 8.28 3.11
CA ILE B 120 -27.41 8.49 2.14
C ILE B 120 -26.43 9.57 2.57
N GLU B 121 -26.90 10.53 3.37
CA GLU B 121 -26.00 11.58 3.83
C GLU B 121 -24.94 11.02 4.79
N GLU B 122 -25.37 10.11 5.66
CA GLU B 122 -24.44 9.49 6.60
C GLU B 122 -23.44 8.65 5.79
N LEU B 123 -23.93 8.00 4.74
CA LEU B 123 -23.05 7.19 3.89
C LEU B 123 -22.03 8.11 3.23
N GLU B 124 -22.50 9.22 2.67
CA GLU B 124 -21.61 10.16 2.02
C GLU B 124 -20.53 10.75 2.92
N GLU B 125 -20.85 10.95 4.19
CA GLU B 125 -19.86 11.50 5.13
C GLU B 125 -18.72 10.54 5.43
N ILE B 126 -18.89 9.28 5.05
CA ILE B 126 -17.87 8.28 5.27
C ILE B 126 -16.65 8.48 4.37
N GLU B 127 -16.90 8.96 3.16
CA GLU B 127 -15.84 9.16 2.19
C GLU B 127 -14.78 10.18 2.59
N GLU B 128 -13.52 9.78 2.41
CA GLU B 128 -12.38 10.63 2.71
C GLU B 128 -12.21 11.60 1.56
N ASP B 129 -11.77 12.82 1.86
CA ASP B 129 -11.50 13.82 0.83
C ASP B 129 -10.24 13.37 0.13
N ALA B 130 -10.16 13.62 -1.17
CA ALA B 130 -8.93 13.32 -1.88
C ALA B 130 -8.30 14.72 -1.78
N GLY B 131 -7.65 14.99 -0.66
CA GLY B 131 -7.02 16.28 -0.45
C GLY B 131 -5.59 16.34 -0.95
N LEU B 132 -5.41 16.08 -2.24
CA LEU B 132 -4.09 16.10 -2.84
C LEU B 132 -3.74 17.49 -3.34
N GLY B 133 -4.07 18.49 -2.53
CA GLY B 133 -3.79 19.87 -2.87
C GLY B 133 -3.78 20.70 -1.59
N ASN B 134 -3.20 21.89 -1.66
CA ASN B 134 -3.10 22.78 -0.52
C ASN B 134 -4.24 23.78 -0.42
N GLY B 135 -4.69 24.26 -1.57
CA GLY B 135 -5.77 25.23 -1.59
C GLY B 135 -6.18 25.61 -3.01
N GLY B 136 -6.20 26.92 -3.29
CA GLY B 136 -6.61 27.42 -4.58
C GLY B 136 -6.02 26.76 -5.82
N LEU B 137 -4.70 26.68 -5.88
CA LEU B 137 -4.02 26.10 -7.02
C LEU B 137 -4.52 24.68 -7.29
N GLY B 138 -4.50 23.85 -6.26
CA GLY B 138 -4.93 22.47 -6.41
C GLY B 138 -6.42 22.35 -6.70
N ARG B 139 -7.22 23.23 -6.10
CA ARG B 139 -8.66 23.19 -6.33
C ARG B 139 -9.03 23.63 -7.75
N LEU B 140 -8.25 24.55 -8.31
CA LEU B 140 -8.48 25.04 -9.67
C LEU B 140 -8.29 23.88 -10.65
N ALA B 141 -7.33 23.00 -10.36
CA ALA B 141 -7.06 21.86 -11.22
C ALA B 141 -8.26 20.94 -11.19
N ALA B 142 -8.85 20.78 -10.01
CA ALA B 142 -10.02 19.92 -9.83
C ALA B 142 -11.22 20.48 -10.59
N CYS B 143 -11.48 21.77 -10.45
CA CYS B 143 -12.60 22.38 -11.15
C CYS B 143 -12.38 22.28 -12.66
N PHE B 144 -11.14 22.48 -13.10
CA PHE B 144 -10.83 22.39 -14.51
C PHE B 144 -11.11 20.99 -15.06
N LEU B 145 -10.72 19.95 -14.34
CA LEU B 145 -10.97 18.60 -14.82
C LEU B 145 -12.47 18.42 -15.03
N ASP B 146 -13.26 18.94 -14.09
CA ASP B 146 -14.71 18.83 -14.19
C ASP B 146 -15.25 19.59 -15.40
N SER B 147 -14.76 20.80 -15.62
CA SER B 147 -15.21 21.61 -16.75
C SER B 147 -14.78 21.02 -18.08
N MET B 148 -13.53 20.58 -18.17
CA MET B 148 -13.02 20.01 -19.40
C MET B 148 -13.81 18.76 -19.80
N ALA B 149 -14.19 17.95 -18.82
CA ALA B 149 -14.97 16.76 -19.10
C ALA B 149 -16.39 17.18 -19.52
N THR B 150 -16.91 18.20 -18.84
CA THR B 150 -18.25 18.68 -19.15
C THR B 150 -18.27 19.32 -20.53
N LEU B 151 -17.13 19.88 -20.96
CA LEU B 151 -17.04 20.52 -22.27
C LEU B 151 -16.62 19.49 -23.34
N GLY B 152 -16.51 18.23 -22.94
CA GLY B 152 -16.16 17.19 -23.88
C GLY B 152 -14.78 17.27 -24.50
N LEU B 153 -13.83 17.86 -23.77
CA LEU B 153 -12.47 17.98 -24.27
C LEU B 153 -11.68 16.70 -23.99
N ALA B 154 -10.77 16.35 -24.90
CA ALA B 154 -9.95 15.17 -24.71
C ALA B 154 -8.86 15.61 -23.73
N ALA B 155 -9.24 15.80 -22.47
CA ALA B 155 -8.35 16.26 -21.42
C ALA B 155 -7.96 15.20 -20.42
N TYR B 156 -6.75 15.35 -19.90
CA TYR B 156 -6.20 14.43 -18.93
C TYR B 156 -5.55 15.20 -17.80
N GLY B 157 -5.75 14.73 -16.58
CA GLY B 157 -5.12 15.35 -15.44
C GLY B 157 -3.93 14.47 -15.09
N TYR B 158 -2.76 15.08 -14.91
CA TYR B 158 -1.57 14.33 -14.54
C TYR B 158 -0.99 14.90 -13.27
N GLY B 159 -0.89 14.04 -12.26
CA GLY B 159 -0.36 14.45 -10.99
C GLY B 159 0.25 13.31 -10.23
N ILE B 160 0.40 13.50 -8.92
CA ILE B 160 0.97 12.49 -8.07
C ILE B 160 -0.08 11.94 -7.11
N ARG B 161 -0.07 10.63 -6.92
CA ARG B 161 -0.99 9.98 -6.00
C ARG B 161 -0.28 9.94 -4.65
N TYR B 162 -0.36 11.04 -3.89
CA TYR B 162 0.26 11.09 -2.58
C TYR B 162 -0.44 10.11 -1.67
N GLU B 163 0.31 9.34 -0.89
CA GLU B 163 -0.33 8.40 0.02
C GLU B 163 -0.96 9.27 1.12
N TYR B 164 -0.39 10.45 1.33
CA TYR B 164 -0.87 11.38 2.33
C TYR B 164 -1.10 12.76 1.74
N GLY B 165 -2.35 13.22 1.77
CA GLY B 165 -2.67 14.53 1.22
C GLY B 165 -2.41 15.63 2.24
N ILE B 166 -3.09 16.76 2.06
CA ILE B 166 -2.92 17.87 2.99
C ILE B 166 -3.32 17.33 4.37
N PHE B 167 -2.44 17.50 5.33
CA PHE B 167 -2.68 17.01 6.69
C PHE B 167 -4.04 17.40 7.27
N ASN B 168 -4.54 16.56 8.15
CA ASN B 168 -5.79 16.85 8.85
C ASN B 168 -5.41 17.78 10.00
N GLN B 169 -6.15 18.87 10.14
CA GLN B 169 -5.85 19.83 11.19
C GLN B 169 -6.74 19.70 12.41
N LYS B 170 -6.09 19.66 13.57
CA LYS B 170 -6.80 19.59 14.83
C LYS B 170 -6.34 20.77 15.68
N ILE B 171 -7.14 21.14 16.66
CA ILE B 171 -6.79 22.24 17.54
C ILE B 171 -6.64 21.73 18.97
N ARG B 172 -5.44 21.87 19.50
CA ARG B 172 -5.16 21.47 20.87
C ARG B 172 -4.62 22.67 21.65
N ASP B 173 -5.32 23.01 22.72
CA ASP B 173 -4.95 24.15 23.55
C ASP B 173 -4.84 25.40 22.66
N GLY B 174 -5.75 25.52 21.70
CA GLY B 174 -5.75 26.68 20.82
C GLY B 174 -4.78 26.70 19.65
N TRP B 175 -3.84 25.76 19.62
CA TRP B 175 -2.87 25.72 18.53
C TRP B 175 -3.18 24.68 17.47
N GLN B 176 -2.70 24.91 16.26
CA GLN B 176 -2.89 23.93 15.19
C GLN B 176 -1.97 22.75 15.45
N VAL B 177 -2.53 21.56 15.27
CA VAL B 177 -1.79 20.32 15.42
C VAL B 177 -2.05 19.54 14.13
N GLU B 178 -1.01 19.00 13.51
CA GLU B 178 -1.19 18.25 12.28
C GLU B 178 -1.29 16.76 12.51
N GLU B 179 -2.11 16.09 11.71
CA GLU B 179 -2.27 14.66 11.77
C GLU B 179 -2.21 14.13 10.34
N ALA B 180 -1.42 13.09 10.15
CA ALA B 180 -1.26 12.48 8.84
C ALA B 180 -2.62 12.14 8.24
N ASP B 181 -2.81 12.53 6.99
CA ASP B 181 -4.04 12.28 6.28
C ASP B 181 -3.91 11.02 5.42
N ASP B 182 -4.03 9.83 5.99
CA ASP B 182 -3.93 8.66 5.11
C ASP B 182 -5.31 8.33 4.64
N TRP B 183 -5.68 9.03 3.58
CA TRP B 183 -6.97 8.92 2.95
C TRP B 183 -7.16 7.58 2.26
N LEU B 184 -6.07 6.85 2.03
CA LEU B 184 -6.17 5.57 1.35
C LEU B 184 -6.24 4.40 2.31
N ARG B 185 -6.29 4.71 3.60
CA ARG B 185 -6.33 3.70 4.66
C ARG B 185 -7.30 2.55 4.39
N TYR B 186 -8.55 2.89 4.05
CA TYR B 186 -9.55 1.87 3.81
C TYR B 186 -9.71 1.53 2.33
N GLY B 187 -8.88 2.13 1.49
CA GLY B 187 -8.98 1.86 0.06
C GLY B 187 -9.74 2.94 -0.69
N ASN B 188 -9.35 3.18 -1.93
CA ASN B 188 -10.01 4.19 -2.75
C ASN B 188 -10.71 3.50 -3.90
N PRO B 189 -12.05 3.45 -3.86
CA PRO B 189 -12.83 2.81 -4.91
C PRO B 189 -12.84 3.62 -6.20
N TRP B 190 -12.44 4.88 -6.11
CA TRP B 190 -12.45 5.76 -7.26
C TRP B 190 -11.19 5.74 -8.11
N GLU B 191 -10.27 4.86 -7.80
CA GLU B 191 -9.04 4.75 -8.58
C GLU B 191 -8.88 3.33 -9.11
N LYS B 192 -8.26 3.24 -10.27
CA LYS B 192 -7.98 1.96 -10.90
C LYS B 192 -6.50 1.96 -11.27
N SER B 193 -5.73 1.08 -10.66
CA SER B 193 -4.32 0.99 -10.98
C SER B 193 -4.18 0.52 -12.42
N ARG B 194 -3.20 1.06 -13.12
CA ARG B 194 -2.94 0.69 -14.50
C ARG B 194 -1.51 0.16 -14.57
N PRO B 195 -1.29 -1.04 -14.00
CA PRO B 195 0.02 -1.67 -13.97
C PRO B 195 0.73 -1.77 -15.32
N GLU B 196 0.00 -2.13 -16.37
CA GLU B 196 0.62 -2.27 -17.68
C GLU B 196 1.28 -0.97 -18.17
N PHE B 197 0.95 0.16 -17.56
CA PHE B 197 1.53 1.44 -17.96
C PHE B 197 2.61 1.97 -17.02
N MET B 198 3.10 1.10 -16.14
CA MET B 198 4.16 1.49 -15.21
C MET B 198 5.35 1.97 -16.04
N LEU B 199 6.09 2.94 -15.51
CA LEU B 199 7.24 3.51 -16.21
C LEU B 199 8.38 3.77 -15.25
N PRO B 200 9.62 3.74 -15.75
CA PRO B 200 10.78 4.00 -14.90
C PRO B 200 11.14 5.47 -14.94
N VAL B 201 11.58 6.01 -13.81
CA VAL B 201 12.00 7.40 -13.71
C VAL B 201 13.43 7.36 -13.16
N HIS B 202 14.31 8.17 -13.73
CA HIS B 202 15.71 8.18 -13.33
C HIS B 202 16.12 9.38 -12.49
N PHE B 203 17.06 9.14 -11.60
CA PHE B 203 17.57 10.17 -10.70
C PHE B 203 19.09 10.04 -10.56
N TYR B 204 19.74 11.15 -10.22
CA TYR B 204 21.18 11.20 -10.02
C TYR B 204 21.97 10.71 -11.23
N GLY B 205 22.93 9.82 -10.98
CA GLY B 205 23.75 9.30 -12.06
C GLY B 205 24.66 10.39 -12.61
N LYS B 206 25.11 10.22 -13.85
CA LYS B 206 26.00 11.20 -14.45
C LYS B 206 25.82 11.26 -15.96
N VAL B 207 26.33 12.31 -16.58
CA VAL B 207 26.22 12.48 -18.02
C VAL B 207 27.46 11.97 -18.77
N GLU B 208 27.24 11.49 -19.99
CA GLU B 208 28.29 10.96 -20.83
C GLU B 208 27.91 11.33 -22.26
N HIS B 209 28.78 12.08 -22.94
CA HIS B 209 28.48 12.50 -24.31
C HIS B 209 29.15 11.62 -25.36
N THR B 210 28.62 10.40 -25.49
CA THR B 210 29.14 9.41 -26.43
C THR B 210 28.90 9.80 -27.88
N ASN B 211 29.49 9.01 -28.78
CA ASN B 211 29.35 9.24 -30.21
C ASN B 211 27.97 8.82 -30.65
N THR B 212 27.27 8.08 -29.77
CA THR B 212 25.92 7.62 -30.07
C THR B 212 24.90 8.56 -29.43
N GLY B 213 25.36 9.74 -29.05
CA GLY B 213 24.49 10.71 -28.41
C GLY B 213 24.83 10.88 -26.94
N THR B 214 24.18 11.83 -26.28
CA THR B 214 24.42 12.04 -24.85
C THR B 214 23.71 10.95 -24.07
N LYS B 215 24.37 10.48 -23.02
CA LYS B 215 23.80 9.41 -22.20
C LYS B 215 23.85 9.73 -20.73
N TRP B 216 22.71 9.55 -20.07
CA TRP B 216 22.57 9.78 -18.66
C TRP B 216 22.69 8.37 -18.08
N ILE B 217 23.80 8.09 -17.41
CA ILE B 217 24.06 6.77 -16.88
C ILE B 217 24.23 6.67 -15.37
N ASP B 218 24.32 5.44 -14.87
CA ASP B 218 24.48 5.15 -13.46
C ASP B 218 23.40 5.79 -12.59
N THR B 219 22.20 5.92 -13.15
CA THR B 219 21.11 6.53 -12.41
C THR B 219 20.42 5.55 -11.47
N GLN B 220 19.66 6.12 -10.53
CA GLN B 220 18.88 5.33 -9.59
C GLN B 220 17.53 5.29 -10.28
N VAL B 221 16.84 4.16 -10.19
CA VAL B 221 15.54 4.05 -10.84
C VAL B 221 14.40 3.90 -9.85
N VAL B 222 13.32 4.65 -10.11
CA VAL B 222 12.12 4.60 -9.31
C VAL B 222 11.00 4.33 -10.32
N LEU B 223 10.15 3.36 -10.01
CA LEU B 223 9.07 3.04 -10.92
C LEU B 223 7.87 3.94 -10.62
N ALA B 224 7.15 4.30 -11.68
CA ALA B 224 5.97 5.13 -11.60
C ALA B 224 4.77 4.28 -12.01
N LEU B 225 3.91 3.99 -11.04
CA LEU B 225 2.71 3.20 -11.28
C LEU B 225 1.53 4.14 -11.38
N PRO B 226 0.87 4.17 -12.54
CA PRO B 226 -0.27 5.07 -12.71
C PRO B 226 -1.59 4.51 -12.17
N TYR B 227 -2.39 5.40 -11.59
CA TYR B 227 -3.71 5.08 -11.06
C TYR B 227 -4.65 6.05 -11.78
N ASP B 228 -5.67 5.51 -12.42
CA ASP B 228 -6.62 6.32 -13.14
C ASP B 228 -7.91 6.53 -12.37
N THR B 229 -8.37 7.78 -12.33
CA THR B 229 -9.60 8.13 -11.66
C THR B 229 -10.49 8.75 -12.73
N PRO B 230 -11.74 8.28 -12.82
CA PRO B 230 -12.66 8.81 -13.82
C PRO B 230 -13.12 10.23 -13.48
N VAL B 231 -13.25 11.05 -14.51
CA VAL B 231 -13.68 12.44 -14.37
C VAL B 231 -14.90 12.61 -15.25
N PRO B 232 -16.10 12.42 -14.67
CA PRO B 232 -17.35 12.54 -15.41
C PRO B 232 -17.77 13.95 -15.72
N GLY B 233 -18.14 14.19 -16.96
CA GLY B 233 -18.61 15.50 -17.36
C GLY B 233 -20.02 15.60 -16.84
N TYR B 234 -20.54 16.81 -16.75
CA TYR B 234 -21.90 16.97 -16.25
C TYR B 234 -22.93 16.61 -17.33
N MET B 235 -23.66 15.52 -17.10
CA MET B 235 -24.69 15.06 -18.02
C MET B 235 -24.31 15.08 -19.49
N ASN B 236 -23.24 14.38 -19.88
CA ASN B 236 -22.83 14.40 -21.28
C ASN B 236 -22.16 13.15 -21.82
N ASN B 237 -22.19 12.04 -21.10
CA ASN B 237 -21.56 10.82 -21.61
C ASN B 237 -20.04 10.79 -21.69
N THR B 238 -19.36 11.90 -21.42
CA THR B 238 -17.92 11.81 -21.49
C THR B 238 -17.34 11.65 -20.09
N VAL B 239 -16.38 10.75 -19.99
CA VAL B 239 -15.70 10.49 -18.73
C VAL B 239 -14.21 10.55 -19.06
N ASN B 240 -13.56 11.57 -18.53
CA ASN B 240 -12.15 11.76 -18.77
C ASN B 240 -11.33 11.07 -17.70
N THR B 241 -10.02 11.20 -17.80
CA THR B 241 -9.14 10.55 -16.85
C THR B 241 -8.20 11.46 -16.09
N MET B 242 -8.04 11.16 -14.81
CA MET B 242 -7.08 11.85 -13.98
C MET B 242 -6.11 10.73 -13.66
N ARG B 243 -4.89 10.84 -14.16
CA ARG B 243 -3.87 9.82 -13.93
C ARG B 243 -2.83 10.33 -12.92
N LEU B 244 -2.81 9.69 -11.76
CA LEU B 244 -1.88 10.05 -10.70
C LEU B 244 -0.84 8.94 -10.56
N TRP B 245 0.43 9.34 -10.44
CA TRP B 245 1.53 8.40 -10.33
C TRP B 245 1.98 8.11 -8.89
N SER B 246 2.20 6.84 -8.62
CA SER B 246 2.65 6.38 -7.30
C SER B 246 4.07 5.87 -7.46
N ALA B 247 4.94 6.17 -6.51
CA ALA B 247 6.32 5.74 -6.60
C ALA B 247 6.51 4.31 -6.10
N ARG B 248 7.27 3.51 -6.84
CA ARG B 248 7.51 2.14 -6.45
C ARG B 248 8.98 1.77 -6.73
N ALA B 249 9.59 1.03 -5.81
CA ALA B 249 10.98 0.60 -5.98
C ALA B 249 11.06 -0.43 -7.12
N PRO B 250 12.12 -0.37 -7.93
CA PRO B 250 12.31 -1.30 -9.06
C PRO B 250 12.51 -2.77 -8.64
N GLY B 261 18.86 -8.75 8.72
CA GLY B 261 20.15 -8.09 8.51
C GLY B 261 20.28 -7.17 7.31
N ASP B 262 21.30 -7.41 6.48
CA ASP B 262 21.56 -6.62 5.27
C ASP B 262 20.42 -6.81 4.27
N TYR B 263 19.99 -8.05 4.08
CA TYR B 263 18.90 -8.32 3.15
C TYR B 263 17.64 -7.59 3.64
N ILE B 264 17.34 -7.70 4.94
CA ILE B 264 16.15 -7.05 5.49
C ILE B 264 16.20 -5.53 5.29
N GLN B 265 17.35 -4.93 5.61
CA GLN B 265 17.52 -3.49 5.43
C GLN B 265 17.26 -3.08 4.00
N ALA B 266 17.82 -3.83 3.07
CA ALA B 266 17.65 -3.54 1.65
C ALA B 266 16.18 -3.53 1.28
N VAL B 267 15.41 -4.46 1.83
CA VAL B 267 13.98 -4.51 1.53
C VAL B 267 13.32 -3.28 2.15
N LEU B 268 13.60 -3.06 3.42
CA LEU B 268 13.04 -1.90 4.13
C LEU B 268 13.41 -0.63 3.37
N ASP B 269 14.64 -0.56 2.87
CA ASP B 269 15.10 0.62 2.15
C ASP B 269 14.32 0.93 0.88
N ARG B 270 13.48 0.01 0.43
CA ARG B 270 12.65 0.27 -0.73
C ARG B 270 11.74 1.46 -0.39
N ASN B 271 11.53 1.71 0.90
CA ASN B 271 10.68 2.83 1.32
C ASN B 271 11.22 4.16 0.80
N LEU B 272 12.54 4.26 0.68
CA LEU B 272 13.17 5.48 0.21
C LEU B 272 12.68 5.91 -1.19
N ALA B 273 12.69 4.99 -2.14
CA ALA B 273 12.23 5.34 -3.48
C ALA B 273 10.75 5.66 -3.41
N GLU B 274 10.02 4.91 -2.60
CA GLU B 274 8.59 5.10 -2.48
C GLU B 274 8.18 6.36 -1.70
N ASN B 275 9.12 6.94 -0.98
CA ASN B 275 8.84 8.16 -0.23
C ASN B 275 8.57 9.34 -1.18
N ILE B 276 8.98 9.19 -2.44
CA ILE B 276 8.77 10.27 -3.41
C ILE B 276 7.30 10.68 -3.52
N SER B 277 6.39 9.71 -3.61
CA SER B 277 4.96 10.03 -3.70
C SER B 277 4.26 9.86 -2.37
N ARG B 278 5.02 9.89 -1.29
CA ARG B 278 4.44 9.69 0.03
C ARG B 278 3.57 10.81 0.57
N VAL B 279 4.07 12.05 0.54
CA VAL B 279 3.32 13.18 1.11
C VAL B 279 3.32 14.43 0.25
N LEU B 280 2.19 15.12 0.30
CA LEU B 280 2.02 16.39 -0.40
C LEU B 280 2.72 17.48 0.43
N TYR B 281 3.60 18.27 -0.18
CA TYR B 281 4.23 19.33 0.58
C TYR B 281 3.11 20.30 0.89
N PRO B 282 2.85 20.51 2.20
CA PRO B 282 1.79 21.38 2.73
C PRO B 282 1.96 22.89 2.67
N ASN B 283 2.71 23.39 1.70
CA ASN B 283 2.94 24.81 1.57
C ASN B 283 2.01 25.47 0.56
N ASP B 284 1.46 26.62 0.96
CA ASP B 284 0.58 27.38 0.08
C ASP B 284 1.29 28.71 -0.12
N ASN B 285 1.63 29.01 -1.37
CA ASN B 285 2.35 30.24 -1.72
C ASN B 285 3.65 30.42 -0.95
N PHE B 286 4.46 29.37 -0.91
CA PHE B 286 5.75 29.41 -0.23
C PHE B 286 6.62 28.33 -0.85
N PHE B 287 7.82 28.71 -1.27
CA PHE B 287 8.72 27.76 -1.86
C PHE B 287 9.68 27.16 -0.84
N GLU B 288 9.67 25.84 -0.75
CA GLU B 288 10.55 25.12 0.17
C GLU B 288 11.44 24.29 -0.75
N GLY B 289 12.71 24.68 -0.83
CA GLY B 289 13.63 23.99 -1.71
C GLY B 289 14.19 22.65 -1.22
N LYS B 290 13.30 21.77 -0.78
CA LYS B 290 13.73 20.46 -0.31
C LYS B 290 13.99 19.51 -1.46
N GLU B 291 15.04 18.71 -1.35
CA GLU B 291 15.38 17.77 -2.40
C GLU B 291 14.24 16.78 -2.70
N LEU B 292 13.51 16.35 -1.68
CA LEU B 292 12.42 15.39 -1.89
C LEU B 292 11.35 16.01 -2.80
N ARG B 293 11.09 17.30 -2.61
CA ARG B 293 10.12 18.02 -3.42
C ARG B 293 10.59 18.06 -4.87
N LEU B 294 11.87 18.34 -5.09
CA LEU B 294 12.41 18.36 -6.45
C LEU B 294 12.26 16.97 -7.05
N LYS B 295 12.40 15.94 -6.24
CA LYS B 295 12.25 14.56 -6.71
C LYS B 295 10.82 14.36 -7.21
N GLN B 296 9.86 14.85 -6.44
CA GLN B 296 8.44 14.71 -6.80
C GLN B 296 8.17 15.41 -8.11
N GLU B 297 8.71 16.63 -8.24
CA GLU B 297 8.50 17.41 -9.45
C GLU B 297 9.01 16.68 -10.68
N TYR B 298 10.23 16.16 -10.61
CA TYR B 298 10.76 15.44 -11.77
C TYR B 298 10.00 14.14 -11.97
N PHE B 299 9.68 13.45 -10.87
CA PHE B 299 8.94 12.20 -10.91
C PHE B 299 7.67 12.31 -11.75
N VAL B 300 6.75 13.20 -11.35
CA VAL B 300 5.50 13.36 -12.07
C VAL B 300 5.74 13.81 -13.51
N VAL B 301 6.72 14.68 -13.70
CA VAL B 301 7.07 15.20 -15.01
C VAL B 301 7.63 14.12 -15.95
N ALA B 302 8.55 13.30 -15.46
CA ALA B 302 9.15 12.26 -16.27
C ALA B 302 8.15 11.19 -16.66
N ALA B 303 7.36 10.73 -15.68
CA ALA B 303 6.37 9.71 -15.97
C ALA B 303 5.33 10.24 -16.95
N THR B 304 4.84 11.44 -16.68
CA THR B 304 3.83 12.04 -17.54
C THR B 304 4.29 12.19 -18.99
N LEU B 305 5.41 12.88 -19.19
CA LEU B 305 5.91 13.07 -20.56
C LEU B 305 6.11 11.74 -21.28
N GLN B 306 6.72 10.77 -20.60
CA GLN B 306 6.91 9.46 -21.23
C GLN B 306 5.56 8.88 -21.62
N ASP B 307 4.62 8.91 -20.70
CA ASP B 307 3.30 8.36 -20.95
C ASP B 307 2.66 9.08 -22.14
N ILE B 308 2.86 10.40 -22.20
CA ILE B 308 2.31 11.19 -23.29
C ILE B 308 2.97 10.81 -24.62
N ILE B 309 4.30 10.68 -24.61
CA ILE B 309 5.02 10.31 -25.83
C ILE B 309 4.51 8.94 -26.30
N ARG B 310 4.51 7.97 -25.40
CA ARG B 310 4.04 6.63 -25.74
C ARG B 310 2.66 6.68 -26.40
N ARG B 311 1.73 7.40 -25.78
CA ARG B 311 0.38 7.50 -26.34
C ARG B 311 0.37 8.15 -27.72
N PHE B 312 1.20 9.17 -27.91
CA PHE B 312 1.27 9.85 -29.20
C PHE B 312 1.71 8.83 -30.26
N LYS B 313 2.76 8.08 -29.96
CA LYS B 313 3.29 7.09 -30.88
C LYS B 313 2.29 5.98 -31.19
N ALA B 314 1.45 5.66 -30.21
CA ALA B 314 0.45 4.61 -30.40
C ALA B 314 -0.71 5.11 -31.27
N SER B 315 -0.71 6.41 -31.56
CA SER B 315 -1.77 6.98 -32.38
C SER B 315 -1.81 6.36 -33.76
N THR B 325 10.43 13.66 -37.75
CA THR B 325 9.39 13.60 -38.77
C THR B 325 8.07 13.17 -38.14
N VAL B 326 8.15 12.15 -37.29
CA VAL B 326 6.97 11.64 -36.61
C VAL B 326 6.42 12.66 -35.63
N PHE B 327 7.32 13.30 -34.89
CA PHE B 327 6.91 14.29 -33.90
C PHE B 327 6.55 15.65 -34.47
N ASP B 328 6.50 15.76 -35.79
CA ASP B 328 6.13 17.03 -36.42
C ASP B 328 4.71 17.40 -36.03
N ALA B 329 3.87 16.38 -35.83
CA ALA B 329 2.47 16.60 -35.48
C ALA B 329 2.23 16.59 -33.97
N PHE B 330 3.28 16.39 -33.20
CA PHE B 330 3.16 16.34 -31.74
C PHE B 330 2.41 17.55 -31.17
N PRO B 331 2.88 18.78 -31.46
CA PRO B 331 2.22 19.98 -30.95
C PRO B 331 0.76 20.13 -31.37
N ASP B 332 0.39 19.51 -32.49
CA ASP B 332 -0.99 19.60 -32.97
C ASP B 332 -1.87 18.52 -32.37
N GLN B 333 -1.24 17.61 -31.64
CA GLN B 333 -1.94 16.52 -31.00
C GLN B 333 -1.81 16.60 -29.49
N VAL B 334 -0.86 17.41 -29.04
CA VAL B 334 -0.59 17.55 -27.62
C VAL B 334 -0.40 18.96 -27.10
N ALA B 335 -1.05 19.24 -25.98
CA ALA B 335 -0.94 20.52 -25.30
C ALA B 335 -0.72 20.14 -23.85
N ILE B 336 0.31 20.72 -23.23
CA ILE B 336 0.59 20.44 -21.84
C ILE B 336 0.59 21.74 -21.06
N GLN B 337 -0.36 21.87 -20.14
CA GLN B 337 -0.47 23.07 -19.32
C GLN B 337 0.32 22.90 -18.05
N LEU B 338 1.29 23.79 -17.85
CA LEU B 338 2.11 23.73 -16.66
C LEU B 338 1.41 24.52 -15.56
N ASN B 339 0.86 23.80 -14.59
CA ASN B 339 0.14 24.43 -13.49
C ASN B 339 1.17 25.01 -12.53
N ASP B 340 1.55 26.27 -12.78
CA ASP B 340 2.56 26.97 -12.01
C ASP B 340 3.91 26.39 -12.44
N THR B 341 5.00 26.82 -11.82
CA THR B 341 6.33 26.32 -12.20
C THR B 341 6.71 24.96 -11.64
N HIS B 342 5.88 24.43 -10.75
CA HIS B 342 6.17 23.13 -10.13
C HIS B 342 6.57 22.04 -11.12
N PRO B 343 5.94 22.01 -12.31
CA PRO B 343 6.32 20.97 -13.27
C PRO B 343 7.21 21.56 -14.38
N ALA B 344 7.89 22.65 -14.06
CA ALA B 344 8.76 23.34 -15.02
C ALA B 344 9.74 22.39 -15.70
N LEU B 345 10.22 21.40 -14.96
CA LEU B 345 11.17 20.43 -15.49
C LEU B 345 10.65 19.70 -16.74
N ALA B 346 9.35 19.76 -16.96
CA ALA B 346 8.76 19.11 -18.13
C ALA B 346 9.35 19.66 -19.42
N ILE B 347 9.82 20.91 -19.39
CA ILE B 347 10.40 21.51 -20.57
C ILE B 347 11.73 20.85 -20.93
N PRO B 348 12.72 20.83 -20.01
CA PRO B 348 13.98 20.18 -20.34
C PRO B 348 13.84 18.67 -20.49
N GLU B 349 12.82 18.09 -19.86
CA GLU B 349 12.59 16.66 -19.96
C GLU B 349 12.10 16.33 -21.36
N LEU B 350 11.18 17.13 -21.88
CA LEU B 350 10.68 16.88 -23.23
C LEU B 350 11.85 17.02 -24.19
N MET B 351 12.67 18.04 -23.97
CA MET B 351 13.85 18.25 -24.81
C MET B 351 14.78 17.06 -24.70
N ARG B 352 14.99 16.59 -23.47
CA ARG B 352 15.85 15.43 -23.25
C ARG B 352 15.34 14.22 -24.05
N ILE B 353 14.04 13.99 -24.01
CA ILE B 353 13.46 12.87 -24.74
C ILE B 353 13.62 13.06 -26.25
N PHE B 354 13.27 14.24 -26.75
CA PHE B 354 13.38 14.53 -28.18
C PHE B 354 14.80 14.38 -28.68
N VAL B 355 15.74 14.95 -27.93
CA VAL B 355 17.15 14.94 -28.32
C VAL B 355 17.94 13.68 -28.00
N ASP B 356 18.06 13.34 -26.72
CA ASP B 356 18.83 12.15 -26.34
C ASP B 356 18.21 10.83 -26.73
N ILE B 357 16.89 10.77 -26.81
CA ILE B 357 16.22 9.52 -27.14
C ILE B 357 15.67 9.43 -28.57
N GLU B 358 14.88 10.43 -28.97
CA GLU B 358 14.29 10.42 -30.31
C GLU B 358 15.26 10.97 -31.35
N LYS B 359 16.47 11.29 -30.90
CA LYS B 359 17.51 11.80 -31.78
C LYS B 359 17.15 13.00 -32.66
N LEU B 360 16.21 13.83 -32.21
CA LEU B 360 15.83 14.99 -33.01
C LEU B 360 16.86 16.09 -32.82
N PRO B 361 17.09 16.91 -33.85
CA PRO B 361 18.06 18.00 -33.71
C PRO B 361 17.49 19.02 -32.74
N TRP B 362 18.38 19.64 -31.96
CA TRP B 362 17.99 20.62 -30.95
C TRP B 362 16.96 21.64 -31.43
N SER B 363 17.26 22.29 -32.54
CA SER B 363 16.38 23.30 -33.12
C SER B 363 14.94 22.82 -33.26
N LYS B 364 14.78 21.68 -33.92
CA LYS B 364 13.47 21.08 -34.14
C LYS B 364 12.78 20.75 -32.83
N ALA B 365 13.52 20.08 -31.95
CA ALA B 365 12.99 19.69 -30.66
C ALA B 365 12.52 20.94 -29.91
N TRP B 366 13.35 21.98 -29.92
CA TRP B 366 13.02 23.21 -29.23
C TRP B 366 11.74 23.87 -29.73
N GLU B 367 11.53 23.88 -31.03
CA GLU B 367 10.32 24.49 -31.56
C GLU B 367 9.11 23.65 -31.15
N LEU B 368 9.24 22.32 -31.25
CA LEU B 368 8.15 21.43 -30.87
C LEU B 368 7.79 21.62 -29.41
N THR B 369 8.80 21.80 -28.58
CA THR B 369 8.62 21.99 -27.15
C THR B 369 7.77 23.24 -26.88
N GLN B 370 8.21 24.38 -27.38
CA GLN B 370 7.49 25.63 -27.18
C GLN B 370 6.05 25.52 -27.62
N LYS B 371 5.82 24.83 -28.74
CA LYS B 371 4.47 24.67 -29.25
C LYS B 371 3.60 23.77 -28.37
N THR B 372 4.26 22.89 -27.62
CA THR B 372 3.57 21.95 -26.74
C THR B 372 3.16 22.56 -25.40
N PHE B 373 4.09 23.29 -24.77
CA PHE B 373 3.81 23.86 -23.46
C PHE B 373 3.19 25.25 -23.35
N ALA B 374 2.40 25.41 -22.29
CA ALA B 374 1.76 26.68 -21.95
C ALA B 374 1.96 26.72 -20.44
N TYR B 375 2.30 27.89 -19.94
CA TYR B 375 2.56 28.08 -18.54
C TYR B 375 1.59 29.05 -17.85
N THR B 376 1.06 28.62 -16.71
CA THR B 376 0.16 29.44 -15.92
C THR B 376 0.87 29.89 -14.65
N ASN B 377 0.95 31.20 -14.46
CA ASN B 377 1.58 31.79 -13.30
C ASN B 377 0.47 32.08 -12.27
N HIS B 378 0.62 31.56 -11.06
CA HIS B 378 -0.36 31.80 -9.99
C HIS B 378 0.31 32.50 -8.83
N THR B 379 1.58 32.86 -9.01
CA THR B 379 2.35 33.49 -7.94
C THR B 379 2.64 34.96 -8.07
N VAL B 380 2.79 35.61 -6.92
CA VAL B 380 3.10 37.02 -6.85
C VAL B 380 4.14 37.22 -5.76
N LEU B 381 3.94 36.57 -4.62
CA LEU B 381 4.86 36.68 -3.49
C LEU B 381 6.23 36.14 -3.86
N PRO B 382 7.29 36.90 -3.56
CA PRO B 382 8.66 36.47 -3.87
C PRO B 382 9.05 35.18 -3.16
N GLU B 383 8.45 34.94 -2.00
CA GLU B 383 8.76 33.73 -1.23
C GLU B 383 8.13 32.49 -1.87
N ALA B 384 7.14 32.70 -2.74
CA ALA B 384 6.48 31.59 -3.40
C ALA B 384 7.26 31.19 -4.66
N LEU B 385 8.16 32.07 -5.10
CA LEU B 385 8.96 31.81 -6.28
C LEU B 385 9.86 30.60 -6.17
N GLU B 386 9.81 29.76 -7.18
CA GLU B 386 10.62 28.55 -7.21
C GLU B 386 11.99 28.83 -7.81
N ARG B 387 13.03 28.69 -6.99
CA ARG B 387 14.39 28.94 -7.44
C ARG B 387 15.33 27.86 -6.89
N TRP B 388 15.50 26.80 -7.68
CA TRP B 388 16.33 25.68 -7.28
C TRP B 388 17.82 25.93 -7.41
N PRO B 389 18.57 25.71 -6.32
CA PRO B 389 20.01 25.92 -6.40
C PRO B 389 20.60 24.95 -7.43
N VAL B 390 21.44 25.48 -8.32
CA VAL B 390 22.05 24.69 -9.37
C VAL B 390 22.74 23.42 -8.89
N ASP B 391 23.39 23.50 -7.73
CA ASP B 391 24.08 22.34 -7.19
C ASP B 391 23.15 21.15 -6.94
N LEU B 392 21.95 21.44 -6.42
CA LEU B 392 20.97 20.40 -6.14
C LEU B 392 20.51 19.76 -7.45
N VAL B 393 20.14 20.59 -8.42
CA VAL B 393 19.68 20.12 -9.72
C VAL B 393 20.79 19.32 -10.41
N GLU B 394 22.02 19.82 -10.31
CA GLU B 394 23.15 19.15 -10.93
C GLU B 394 23.33 17.72 -10.41
N LYS B 395 23.22 17.56 -9.10
CA LYS B 395 23.37 16.26 -8.47
C LYS B 395 22.22 15.31 -8.79
N LEU B 396 21.00 15.82 -8.74
CA LEU B 396 19.81 15.01 -9.00
C LEU B 396 19.51 14.79 -10.49
N LEU B 397 19.52 15.87 -11.26
CA LEU B 397 19.24 15.82 -12.69
C LEU B 397 20.34 16.46 -13.51
N PRO B 398 21.56 15.90 -13.50
CA PRO B 398 22.68 16.45 -14.26
C PRO B 398 22.38 16.76 -15.74
N ARG B 399 21.72 15.84 -16.43
CA ARG B 399 21.40 16.05 -17.83
C ARG B 399 20.43 17.23 -18.00
N HIS B 400 19.50 17.40 -17.07
CA HIS B 400 18.55 18.49 -17.18
C HIS B 400 19.22 19.84 -16.96
N LEU B 401 20.19 19.87 -16.06
CA LEU B 401 20.92 21.10 -15.81
C LEU B 401 21.60 21.52 -17.12
N GLU B 402 22.25 20.56 -17.77
CA GLU B 402 22.93 20.83 -19.04
C GLU B 402 21.92 21.41 -20.02
N ILE B 403 20.80 20.72 -20.20
CA ILE B 403 19.78 21.16 -21.12
C ILE B 403 19.26 22.56 -20.75
N ILE B 404 19.23 22.86 -19.46
CA ILE B 404 18.77 24.16 -19.02
C ILE B 404 19.80 25.24 -19.35
N TYR B 405 21.09 24.94 -19.14
CA TYR B 405 22.14 25.90 -19.47
C TYR B 405 22.08 26.17 -20.96
N GLU B 406 21.88 25.11 -21.74
CA GLU B 406 21.79 25.22 -23.18
C GLU B 406 20.63 26.14 -23.56
N ILE B 407 19.47 25.88 -22.99
CA ILE B 407 18.30 26.70 -23.26
C ILE B 407 18.64 28.15 -22.95
N ASN B 408 19.20 28.37 -21.77
CA ASN B 408 19.58 29.71 -21.33
C ASN B 408 20.59 30.34 -22.28
N GLN B 409 21.55 29.55 -22.76
CA GLN B 409 22.56 30.06 -23.66
C GLN B 409 21.94 30.62 -24.94
N LYS B 410 21.14 29.81 -25.63
CA LYS B 410 20.52 30.25 -26.86
C LYS B 410 19.51 31.36 -26.60
N HIS B 411 19.07 31.46 -25.35
CA HIS B 411 18.12 32.49 -24.94
C HIS B 411 18.83 33.83 -24.80
N LEU B 412 19.96 33.82 -24.11
CA LEU B 412 20.72 35.03 -23.90
C LEU B 412 21.41 35.51 -25.18
N ASP B 413 21.78 34.58 -26.05
CA ASP B 413 22.43 34.94 -27.31
C ASP B 413 21.44 35.76 -28.13
N ARG B 414 20.16 35.43 -27.98
CA ARG B 414 19.11 36.14 -28.70
C ARG B 414 18.96 37.56 -28.16
N ILE B 415 19.03 37.70 -26.85
CA ILE B 415 18.90 39.02 -26.22
C ILE B 415 20.09 39.90 -26.58
N VAL B 416 21.30 39.39 -26.40
CA VAL B 416 22.50 40.17 -26.73
C VAL B 416 22.41 40.66 -28.17
N ALA B 417 21.92 39.80 -29.06
CA ALA B 417 21.78 40.16 -30.47
C ALA B 417 20.80 41.31 -30.67
N LEU B 418 19.73 41.32 -29.87
CA LEU B 418 18.71 42.36 -29.98
C LEU B 418 19.08 43.60 -29.17
N PHE B 419 19.76 43.40 -28.04
CA PHE B 419 20.17 44.52 -27.19
C PHE B 419 21.65 44.35 -26.87
N PRO B 420 22.52 44.62 -27.86
CA PRO B 420 23.98 44.51 -27.74
C PRO B 420 24.58 45.19 -26.52
N LYS B 421 24.00 46.32 -26.12
CA LYS B 421 24.53 47.08 -24.99
C LYS B 421 23.87 46.82 -23.65
N ASP B 422 22.58 46.51 -23.65
CA ASP B 422 21.87 46.27 -22.39
C ASP B 422 22.36 45.02 -21.66
N VAL B 423 23.33 45.22 -20.77
CA VAL B 423 23.90 44.12 -20.01
C VAL B 423 23.01 43.65 -18.85
N ASP B 424 22.44 44.60 -18.12
CA ASP B 424 21.57 44.26 -17.01
C ASP B 424 20.42 43.40 -17.52
N ARG B 425 20.05 43.63 -18.77
CA ARG B 425 18.98 42.89 -19.43
C ARG B 425 19.27 41.39 -19.37
N LEU B 426 20.49 41.01 -19.75
CA LEU B 426 20.88 39.61 -19.75
C LEU B 426 20.71 38.87 -18.43
N ARG B 427 21.33 39.38 -17.36
CA ARG B 427 21.23 38.70 -16.07
C ARG B 427 19.82 38.85 -15.50
N ARG B 428 19.04 39.74 -16.09
CA ARG B 428 17.68 39.96 -15.65
C ARG B 428 16.75 38.94 -16.32
N MET B 429 17.13 38.49 -17.51
CA MET B 429 16.33 37.53 -18.25
C MET B 429 16.89 36.12 -18.23
N SER B 430 18.03 35.95 -17.56
CA SER B 430 18.67 34.65 -17.49
C SER B 430 17.89 33.66 -16.63
N LEU B 431 17.97 32.38 -16.97
CA LEU B 431 17.28 31.35 -16.22
C LEU B 431 18.06 31.06 -14.95
N ILE B 432 19.29 31.57 -14.90
CA ILE B 432 20.15 31.37 -13.74
C ILE B 432 20.51 32.70 -13.08
N GLU B 433 20.31 32.77 -11.77
CA GLU B 433 20.67 33.96 -11.02
C GLU B 433 21.82 33.51 -10.14
N GLU B 434 22.96 34.18 -10.28
CA GLU B 434 24.15 33.79 -9.52
C GLU B 434 24.68 34.72 -8.44
N GLU B 435 23.82 35.12 -7.50
CA GLU B 435 24.24 36.00 -6.41
C GLU B 435 24.55 35.19 -5.16
N GLY B 436 25.65 34.43 -5.19
CA GLY B 436 26.02 33.61 -4.06
C GLY B 436 25.05 32.45 -3.96
N SER B 437 25.46 31.31 -4.49
CA SER B 437 24.63 30.10 -4.53
C SER B 437 23.71 30.30 -5.74
N LYS B 438 24.21 29.98 -6.92
CA LYS B 438 23.42 30.15 -8.12
C LYS B 438 22.18 29.25 -8.07
N ARG B 439 21.06 29.78 -8.56
CA ARG B 439 19.85 29.00 -8.61
C ARG B 439 19.12 29.22 -9.92
N ILE B 440 18.21 28.31 -10.22
CA ILE B 440 17.45 28.36 -11.45
C ILE B 440 16.08 29.01 -11.25
N ASN B 441 15.81 30.06 -12.03
CA ASN B 441 14.53 30.74 -11.97
C ASN B 441 13.59 29.92 -12.85
N MET B 442 12.82 29.05 -12.21
CA MET B 442 11.91 28.18 -12.93
C MET B 442 10.85 28.90 -13.74
N ALA B 443 10.43 30.07 -13.28
CA ALA B 443 9.44 30.84 -14.01
C ALA B 443 10.00 31.25 -15.37
N HIS B 444 11.26 31.69 -15.39
CA HIS B 444 11.89 32.09 -16.64
C HIS B 444 11.97 30.90 -17.60
N LEU B 445 12.31 29.73 -17.07
CA LEU B 445 12.39 28.52 -17.88
C LEU B 445 11.01 28.24 -18.50
N CYS B 446 9.96 28.41 -17.71
CA CYS B 446 8.60 28.17 -18.21
C CYS B 446 8.20 29.17 -19.27
N ILE B 447 8.65 30.41 -19.10
CA ILE B 447 8.32 31.44 -20.07
C ILE B 447 8.96 31.18 -21.44
N VAL B 448 10.25 30.84 -21.46
CA VAL B 448 10.93 30.59 -22.73
C VAL B 448 10.57 29.26 -23.37
N GLY B 449 10.13 28.30 -22.56
CA GLY B 449 9.79 26.99 -23.10
C GLY B 449 8.33 26.81 -23.46
N SER B 450 7.52 27.85 -23.29
CA SER B 450 6.09 27.78 -23.59
C SER B 450 5.69 28.82 -24.62
N HIS B 451 4.60 28.55 -25.35
CA HIS B 451 4.15 29.51 -26.35
C HIS B 451 3.15 30.48 -25.75
N ALA B 452 2.65 30.16 -24.55
CA ALA B 452 1.68 31.01 -23.90
C ALA B 452 1.90 30.99 -22.40
N VAL B 453 1.80 32.18 -21.80
CA VAL B 453 1.96 32.37 -20.37
C VAL B 453 0.72 33.14 -19.94
N ASN B 454 0.03 32.66 -18.90
CA ASN B 454 -1.16 33.36 -18.45
C ASN B 454 -1.21 33.54 -16.94
N GLY B 455 -1.86 34.64 -16.53
CA GLY B 455 -2.06 34.94 -15.13
C GLY B 455 -3.47 34.42 -14.89
N VAL B 456 -3.99 34.53 -13.67
CA VAL B 456 -5.30 33.99 -13.40
C VAL B 456 -6.42 34.98 -13.07
N ALA B 457 -6.18 36.24 -13.39
CA ALA B 457 -7.12 37.33 -13.18
C ALA B 457 -6.50 38.56 -13.84
N LYS B 458 -7.34 39.40 -14.46
CA LYS B 458 -6.85 40.59 -15.16
C LYS B 458 -5.75 41.36 -14.44
N ILE B 459 -6.04 41.76 -13.21
CA ILE B 459 -5.08 42.54 -12.44
C ILE B 459 -3.76 41.79 -12.30
N HIS B 460 -3.86 40.48 -12.07
CA HIS B 460 -2.68 39.64 -11.90
C HIS B 460 -1.93 39.43 -13.20
N SER B 461 -2.67 39.11 -14.26
CA SER B 461 -2.04 38.88 -15.56
C SER B 461 -1.33 40.14 -16.05
N ASP B 462 -1.90 41.30 -15.72
CA ASP B 462 -1.28 42.56 -16.12
C ASP B 462 0.05 42.73 -15.40
N ILE B 463 0.04 42.51 -14.09
CA ILE B 463 1.24 42.62 -13.28
C ILE B 463 2.32 41.66 -13.77
N VAL B 464 1.91 40.42 -14.05
CA VAL B 464 2.82 39.40 -14.53
C VAL B 464 3.44 39.83 -15.86
N LYS B 465 2.60 40.33 -16.76
CA LYS B 465 3.03 40.74 -18.09
C LYS B 465 3.86 42.03 -18.13
N THR B 466 3.27 43.13 -17.67
CA THR B 466 3.92 44.44 -17.71
C THR B 466 4.95 44.74 -16.63
N LYS B 467 4.97 43.97 -15.55
CA LYS B 467 5.90 44.24 -14.49
C LYS B 467 6.87 43.11 -14.17
N VAL B 468 6.38 42.00 -13.65
CA VAL B 468 7.26 40.88 -13.30
C VAL B 468 8.08 40.36 -14.46
N PHE B 469 7.43 40.17 -15.61
CA PHE B 469 8.15 39.66 -16.76
C PHE B 469 8.09 40.63 -17.91
N LYS B 470 8.36 41.90 -17.60
CA LYS B 470 8.35 42.96 -18.58
C LYS B 470 9.35 42.70 -19.69
N ASP B 471 10.59 42.38 -19.32
CA ASP B 471 11.63 42.11 -20.31
C ASP B 471 11.22 41.05 -21.31
N PHE B 472 10.42 40.08 -20.86
CA PHE B 472 9.97 38.99 -21.73
C PHE B 472 8.77 39.39 -22.59
N SER B 473 7.76 39.99 -21.96
CA SER B 473 6.57 40.40 -22.69
C SER B 473 6.86 41.43 -23.79
N GLU B 474 7.84 42.29 -23.55
CA GLU B 474 8.21 43.30 -24.54
C GLU B 474 8.74 42.65 -25.80
N LEU B 475 9.41 41.51 -25.65
CA LEU B 475 9.96 40.78 -26.80
C LEU B 475 8.89 39.92 -27.44
N GLU B 476 8.00 39.39 -26.61
CA GLU B 476 6.91 38.54 -27.08
C GLU B 476 5.61 39.00 -26.46
N PRO B 477 5.06 40.11 -26.98
CA PRO B 477 3.80 40.67 -26.47
C PRO B 477 2.71 39.61 -26.43
N ASP B 478 2.41 39.08 -27.61
CA ASP B 478 1.37 38.07 -27.77
C ASP B 478 1.49 36.81 -26.92
N LYS B 479 2.65 36.58 -26.33
CA LYS B 479 2.82 35.38 -25.50
C LYS B 479 2.02 35.42 -24.19
N PHE B 480 1.99 36.58 -23.54
CA PHE B 480 1.28 36.70 -22.26
C PHE B 480 -0.21 36.92 -22.41
N GLN B 481 -0.98 36.20 -21.61
CA GLN B 481 -2.44 36.28 -21.65
C GLN B 481 -3.01 36.27 -20.25
N ASN B 482 -4.33 36.41 -20.20
CA ASN B 482 -5.05 36.35 -18.95
C ASN B 482 -6.13 35.31 -19.13
N LYS B 483 -6.35 34.53 -18.08
CA LYS B 483 -7.39 33.50 -18.09
C LYS B 483 -7.91 33.59 -16.67
N THR B 484 -8.91 34.43 -16.47
CA THR B 484 -9.46 34.60 -15.15
C THR B 484 -10.01 33.28 -14.64
N ASN B 485 -9.61 32.94 -13.43
CA ASN B 485 -10.04 31.69 -12.80
C ASN B 485 -11.55 31.50 -12.78
N GLY B 486 -11.94 30.29 -12.41
CA GLY B 486 -13.35 29.95 -12.33
C GLY B 486 -13.50 28.76 -11.39
N ILE B 487 -14.74 28.45 -11.04
CA ILE B 487 -15.05 27.33 -10.16
C ILE B 487 -16.14 26.55 -10.88
N THR B 488 -16.24 25.24 -10.64
CA THR B 488 -17.28 24.47 -11.31
C THR B 488 -18.60 24.65 -10.58
N PRO B 489 -19.67 25.02 -11.31
CA PRO B 489 -20.98 25.23 -10.72
C PRO B 489 -21.67 23.92 -10.36
N ARG B 490 -21.01 22.80 -10.65
CA ARG B 490 -21.57 21.51 -10.30
C ARG B 490 -21.27 21.30 -8.81
N ARG B 491 -19.99 21.13 -8.50
CA ARG B 491 -19.59 20.94 -7.13
C ARG B 491 -19.93 22.14 -6.27
N TRP B 492 -19.66 23.33 -6.79
CA TRP B 492 -19.89 24.54 -6.01
C TRP B 492 -21.27 25.17 -6.06
N LEU B 493 -22.26 24.40 -6.52
CA LEU B 493 -23.62 24.89 -6.54
C LEU B 493 -24.63 23.74 -6.50
N LEU B 494 -24.72 22.96 -7.57
CA LEU B 494 -25.65 21.84 -7.58
C LEU B 494 -25.36 20.88 -6.43
N LEU B 495 -24.08 20.60 -6.21
CA LEU B 495 -23.67 19.67 -5.15
C LEU B 495 -23.82 20.27 -3.76
N CYS B 496 -23.04 21.31 -3.46
CA CYS B 496 -23.02 21.95 -2.15
C CYS B 496 -24.25 22.76 -1.76
N ASN B 497 -25.02 23.23 -2.73
CA ASN B 497 -26.19 24.03 -2.42
C ASN B 497 -27.40 23.61 -3.25
N PRO B 498 -27.91 22.39 -3.01
CA PRO B 498 -29.07 21.93 -3.77
C PRO B 498 -30.28 22.86 -3.63
N GLY B 499 -30.43 23.45 -2.45
CA GLY B 499 -31.54 24.36 -2.22
C GLY B 499 -31.50 25.55 -3.17
N LEU B 500 -30.34 26.20 -3.27
CA LEU B 500 -30.19 27.35 -4.16
C LEU B 500 -30.32 26.90 -5.59
N ALA B 501 -29.68 25.78 -5.93
CA ALA B 501 -29.74 25.24 -7.29
C ALA B 501 -31.18 24.98 -7.72
N GLU B 502 -31.95 24.39 -6.83
CA GLU B 502 -33.35 24.07 -7.11
C GLU B 502 -34.17 25.35 -7.32
N LEU B 503 -34.00 26.31 -6.41
CA LEU B 503 -34.72 27.58 -6.49
C LEU B 503 -34.45 28.27 -7.82
N ILE B 504 -33.17 28.35 -8.19
CA ILE B 504 -32.79 29.00 -9.43
C ILE B 504 -33.39 28.26 -10.62
N ALA B 505 -33.32 26.93 -10.58
CA ALA B 505 -33.84 26.10 -11.68
C ALA B 505 -35.32 26.35 -11.91
N GLU B 506 -36.06 26.47 -10.83
CA GLU B 506 -37.50 26.68 -10.92
C GLU B 506 -37.86 28.05 -11.49
N LYS B 507 -36.94 29.00 -11.38
CA LYS B 507 -37.19 30.34 -11.88
C LYS B 507 -36.68 30.60 -13.28
N ILE B 508 -35.55 29.99 -13.66
CA ILE B 508 -35.00 30.23 -14.99
C ILE B 508 -34.62 28.99 -15.79
N GLY B 509 -35.00 27.81 -15.32
CA GLY B 509 -34.65 26.60 -16.06
C GLY B 509 -33.31 26.03 -15.62
N GLU B 510 -32.87 24.98 -16.28
CA GLU B 510 -31.60 24.34 -15.92
C GLU B 510 -30.44 24.61 -16.87
N ASP B 511 -30.64 25.49 -17.84
CA ASP B 511 -29.59 25.80 -18.79
C ASP B 511 -28.34 26.38 -18.15
N TYR B 512 -28.52 27.08 -17.03
CA TYR B 512 -27.40 27.70 -16.35
C TYR B 512 -26.32 26.74 -15.87
N VAL B 513 -26.68 25.49 -15.60
CA VAL B 513 -25.68 24.54 -15.13
C VAL B 513 -24.53 24.40 -16.14
N LYS B 514 -24.86 24.35 -17.42
CA LYS B 514 -23.84 24.26 -18.45
C LYS B 514 -23.44 25.62 -19.03
N ASP B 515 -24.25 26.64 -18.76
CA ASP B 515 -23.96 28.00 -19.21
C ASP B 515 -24.32 28.93 -18.06
N LEU B 516 -23.39 29.10 -17.13
CA LEU B 516 -23.63 29.92 -15.96
C LEU B 516 -24.01 31.37 -16.27
N SER B 517 -23.61 31.87 -17.44
CA SER B 517 -23.92 33.25 -17.81
C SER B 517 -25.44 33.45 -17.76
N GLN B 518 -26.17 32.35 -17.92
CA GLN B 518 -27.62 32.39 -17.90
C GLN B 518 -28.19 32.86 -16.58
N LEU B 519 -27.34 32.92 -15.55
CA LEU B 519 -27.79 33.36 -14.24
C LEU B 519 -28.29 34.81 -14.25
N THR B 520 -27.85 35.58 -15.24
CA THR B 520 -28.25 36.98 -15.35
C THR B 520 -29.77 37.09 -15.48
N LYS B 521 -30.41 36.01 -15.88
CA LYS B 521 -31.87 35.99 -16.02
C LYS B 521 -32.53 36.25 -14.67
N LEU B 522 -31.80 35.95 -13.60
CA LEU B 522 -32.32 36.15 -12.26
C LEU B 522 -32.64 37.64 -12.02
N HIS B 523 -32.06 38.52 -12.84
CA HIS B 523 -32.28 39.95 -12.73
C HIS B 523 -33.76 40.31 -12.85
N SER B 524 -34.52 39.46 -13.55
CA SER B 524 -35.94 39.71 -13.75
C SER B 524 -36.71 39.62 -12.46
N PHE B 525 -36.07 39.11 -11.41
CA PHE B 525 -36.74 38.96 -10.12
C PHE B 525 -36.27 39.99 -9.10
N LEU B 526 -35.59 41.03 -9.56
CA LEU B 526 -35.12 42.05 -8.65
C LEU B 526 -36.23 42.65 -7.81
N GLY B 527 -37.43 42.74 -8.36
CA GLY B 527 -38.53 43.31 -7.61
C GLY B 527 -39.42 42.27 -6.95
N ASP B 528 -39.26 41.02 -7.36
CA ASP B 528 -40.05 39.92 -6.84
C ASP B 528 -39.83 39.63 -5.36
N ASP B 529 -40.70 40.18 -4.52
CA ASP B 529 -40.62 39.99 -3.08
C ASP B 529 -40.69 38.52 -2.66
N VAL B 530 -41.56 37.76 -3.31
CA VAL B 530 -41.70 36.34 -2.99
C VAL B 530 -40.37 35.64 -3.25
N PHE B 531 -39.77 35.91 -4.40
CA PHE B 531 -38.49 35.30 -4.73
C PHE B 531 -37.43 35.68 -3.70
N LEU B 532 -37.33 36.98 -3.40
CA LEU B 532 -36.35 37.43 -2.42
C LEU B 532 -36.52 36.72 -1.10
N ARG B 533 -37.75 36.34 -0.79
CA ARG B 533 -38.02 35.64 0.46
C ARG B 533 -37.58 34.18 0.33
N GLU B 534 -37.81 33.60 -0.84
CA GLU B 534 -37.44 32.22 -1.10
C GLU B 534 -35.92 32.08 -1.09
N LEU B 535 -35.24 33.10 -1.58
CA LEU B 535 -33.78 33.11 -1.62
C LEU B 535 -33.21 33.13 -0.21
N ALA B 536 -33.74 34.04 0.61
CA ALA B 536 -33.30 34.17 1.99
C ALA B 536 -33.60 32.91 2.80
N LYS B 537 -34.70 32.24 2.46
CA LYS B 537 -35.07 31.02 3.17
C LYS B 537 -34.01 29.95 2.91
N VAL B 538 -33.62 29.81 1.65
CA VAL B 538 -32.59 28.85 1.26
C VAL B 538 -31.35 29.10 2.09
N LYS B 539 -30.97 30.37 2.25
CA LYS B 539 -29.80 30.72 3.03
C LYS B 539 -30.02 30.34 4.48
N GLN B 540 -31.22 30.63 4.98
CA GLN B 540 -31.57 30.30 6.35
C GLN B 540 -31.43 28.81 6.59
N GLU B 541 -31.96 28.00 5.67
CA GLU B 541 -31.88 26.56 5.81
C GLU B 541 -30.43 26.09 5.86
N ASN B 542 -29.60 26.65 4.99
CA ASN B 542 -28.19 26.30 4.93
C ASN B 542 -27.54 26.67 6.27
N LYS B 543 -27.84 27.85 6.77
CA LYS B 543 -27.29 28.31 8.04
C LYS B 543 -27.74 27.42 9.19
N LEU B 544 -28.99 26.99 9.15
CA LEU B 544 -29.53 26.15 10.21
C LEU B 544 -28.83 24.79 10.18
N LYS B 545 -28.70 24.24 8.98
CA LYS B 545 -28.06 22.95 8.80
C LYS B 545 -26.61 23.02 9.27
N PHE B 546 -25.91 24.08 8.90
CA PHE B 546 -24.52 24.24 9.27
C PHE B 546 -24.36 24.54 10.75
N SER B 547 -25.36 25.20 11.34
CA SER B 547 -25.31 25.52 12.76
C SER B 547 -25.36 24.24 13.59
N GLN B 548 -26.14 23.28 13.15
CA GLN B 548 -26.24 22.00 13.85
C GLN B 548 -24.82 21.43 13.86
N PHE B 549 -24.19 21.46 12.69
CA PHE B 549 -22.84 20.97 12.52
C PHE B 549 -21.91 21.64 13.54
N LEU B 550 -21.89 22.97 13.53
CA LEU B 550 -21.05 23.73 14.44
C LEU B 550 -21.29 23.37 15.91
N GLU B 551 -22.55 23.20 16.29
CA GLU B 551 -22.88 22.88 17.66
C GLU B 551 -22.44 21.47 18.08
N THR B 552 -22.66 20.50 17.20
CA THR B 552 -22.27 19.12 17.51
C THR B 552 -20.75 19.01 17.59
N GLU B 553 -20.05 19.84 16.83
CA GLU B 553 -18.59 19.82 16.80
C GLU B 553 -17.96 20.64 17.92
N TYR B 554 -18.60 21.75 18.28
CA TYR B 554 -18.07 22.57 19.35
C TYR B 554 -19.13 23.10 20.32
N LYS B 555 -18.71 23.30 21.57
CA LYS B 555 -19.61 23.78 22.60
C LYS B 555 -19.81 25.28 22.49
N VAL B 556 -20.71 25.66 21.58
CA VAL B 556 -21.03 27.07 21.37
C VAL B 556 -22.45 27.11 20.82
N LYS B 557 -23.29 27.92 21.45
CA LYS B 557 -24.67 28.05 21.01
C LYS B 557 -24.64 29.06 19.88
N ILE B 558 -25.07 28.65 18.71
CA ILE B 558 -25.08 29.53 17.54
C ILE B 558 -26.39 30.29 17.41
N ASN B 559 -26.29 31.60 17.25
CA ASN B 559 -27.46 32.45 17.06
C ASN B 559 -27.88 32.23 15.61
N PRO B 560 -28.96 31.45 15.39
CA PRO B 560 -29.45 31.16 14.04
C PRO B 560 -29.79 32.39 13.19
N SER B 561 -30.06 33.51 13.84
CA SER B 561 -30.41 34.73 13.12
C SER B 561 -29.22 35.67 12.98
N SER B 562 -28.06 35.24 13.48
CA SER B 562 -26.86 36.06 13.38
C SER B 562 -26.33 36.02 11.96
N MET B 563 -25.62 37.08 11.56
CA MET B 563 -25.04 37.16 10.24
C MET B 563 -23.81 36.24 10.26
N PHE B 564 -23.67 35.40 9.25
CA PHE B 564 -22.52 34.52 9.19
C PHE B 564 -21.39 35.18 8.42
N ASP B 565 -20.42 35.67 9.18
CA ASP B 565 -19.24 36.35 8.67
C ASP B 565 -18.10 35.33 8.62
N VAL B 566 -17.74 34.87 7.43
CA VAL B 566 -16.70 33.87 7.35
C VAL B 566 -15.52 34.11 6.43
N GLN B 567 -14.35 33.73 6.91
CA GLN B 567 -13.12 33.85 6.14
C GLN B 567 -12.46 32.48 6.20
N VAL B 568 -12.66 31.68 5.16
CA VAL B 568 -12.07 30.36 5.10
C VAL B 568 -11.14 30.28 3.92
N LYS B 569 -9.90 29.95 4.21
CA LYS B 569 -8.87 29.86 3.19
C LYS B 569 -7.58 29.58 3.96
N ARG B 570 -6.52 29.25 3.24
CA ARG B 570 -5.26 28.99 3.91
C ARG B 570 -4.86 30.17 4.78
N ILE B 571 -4.24 29.87 5.91
CA ILE B 571 -3.79 30.92 6.81
C ILE B 571 -2.49 31.46 6.27
N HIS B 572 -2.47 32.76 5.97
CA HIS B 572 -1.27 33.39 5.45
C HIS B 572 -1.34 34.87 5.78
N GLU B 573 -0.20 35.50 6.02
CA GLU B 573 -0.20 36.92 6.36
C GLU B 573 -0.79 37.78 5.25
N TYR B 574 -0.53 37.42 4.00
CA TYR B 574 -1.06 38.20 2.89
C TYR B 574 -2.59 38.11 2.78
N LYS B 575 -3.17 37.00 3.26
CA LYS B 575 -4.62 36.82 3.21
C LYS B 575 -5.27 37.60 4.34
N ARG B 576 -4.43 37.97 5.30
CA ARG B 576 -4.83 38.79 6.45
C ARG B 576 -6.00 38.40 7.32
N GLN B 577 -6.08 37.16 7.77
CA GLN B 577 -7.18 36.84 8.67
C GLN B 577 -6.87 37.57 9.98
N LEU B 578 -5.65 38.08 10.07
CA LEU B 578 -5.17 38.84 11.23
C LEU B 578 -5.98 40.15 11.30
N LEU B 579 -6.21 40.76 10.15
CA LEU B 579 -6.98 42.00 10.06
C LEU B 579 -8.39 41.69 10.52
N ASN B 580 -8.92 40.54 10.09
CA ASN B 580 -10.25 40.12 10.46
C ASN B 580 -10.30 39.98 11.98
N CYS B 581 -9.24 39.41 12.54
CA CYS B 581 -9.16 39.21 13.98
C CYS B 581 -9.18 40.55 14.70
N LEU B 582 -8.48 41.53 14.15
CA LEU B 582 -8.47 42.86 14.77
C LEU B 582 -9.90 43.39 14.81
N HIS B 583 -10.64 43.22 13.71
CA HIS B 583 -12.02 43.67 13.65
C HIS B 583 -12.90 42.93 14.65
N VAL B 584 -12.63 41.64 14.83
CA VAL B 584 -13.41 40.85 15.77
C VAL B 584 -13.21 41.43 17.16
N ILE B 585 -11.97 41.71 17.49
CA ILE B 585 -11.65 42.27 18.79
C ILE B 585 -12.31 43.64 18.92
N THR B 586 -12.25 44.43 17.85
CA THR B 586 -12.86 45.75 17.84
C THR B 586 -14.35 45.67 18.19
N MET B 587 -15.03 44.67 17.63
CA MET B 587 -16.45 44.49 17.90
C MET B 587 -16.65 44.07 19.34
N TYR B 588 -15.73 43.25 19.85
CA TYR B 588 -15.81 42.78 21.22
C TYR B 588 -15.75 43.98 22.16
N ASN B 589 -14.78 44.84 21.95
CA ASN B 589 -14.62 46.03 22.78
C ASN B 589 -15.81 46.96 22.70
N ARG B 590 -16.52 46.94 21.57
CA ARG B 590 -17.70 47.78 21.40
C ARG B 590 -18.86 47.26 22.24
N ILE B 591 -19.08 45.95 22.21
CA ILE B 591 -20.16 45.35 22.98
C ILE B 591 -19.90 45.55 24.46
N LYS B 592 -18.65 45.38 24.87
CA LYS B 592 -18.25 45.53 26.26
C LYS B 592 -18.47 46.96 26.74
N LYS B 593 -18.21 47.92 25.86
CA LYS B 593 -18.37 49.33 26.21
C LYS B 593 -19.84 49.75 26.22
N ASP B 594 -20.57 49.45 25.15
CA ASP B 594 -21.97 49.83 25.07
C ASP B 594 -22.90 48.62 24.93
N PRO B 595 -22.97 47.76 25.95
CA PRO B 595 -23.82 46.58 25.90
C PRO B 595 -25.29 46.93 25.69
N PHE B 599 -27.12 46.67 17.62
CA PHE B 599 -26.07 45.81 17.09
C PHE B 599 -26.60 44.58 16.35
N VAL B 600 -26.08 44.35 15.15
CA VAL B 600 -26.47 43.19 14.36
C VAL B 600 -25.61 42.05 14.90
N PRO B 601 -26.24 40.99 15.42
CA PRO B 601 -25.44 39.88 15.95
C PRO B 601 -24.81 39.11 14.80
N ARG B 602 -23.64 38.54 15.04
CA ARG B 602 -23.01 37.76 13.99
C ARG B 602 -22.13 36.64 14.52
N THR B 603 -22.02 35.60 13.71
CA THR B 603 -21.17 34.46 14.04
C THR B 603 -19.97 34.64 13.12
N VAL B 604 -18.83 34.95 13.71
CA VAL B 604 -17.62 35.13 12.92
C VAL B 604 -16.86 33.80 12.86
N ILE B 605 -16.74 33.27 11.64
CA ILE B 605 -16.04 32.02 11.43
C ILE B 605 -14.77 32.24 10.62
N ILE B 606 -13.65 31.77 11.16
CA ILE B 606 -12.38 31.86 10.49
C ILE B 606 -11.78 30.47 10.48
N GLY B 607 -11.44 29.99 9.31
CA GLY B 607 -10.86 28.66 9.20
C GLY B 607 -9.81 28.62 8.12
N GLY B 608 -8.90 27.68 8.26
CA GLY B 608 -7.84 27.52 7.28
C GLY B 608 -6.70 26.77 7.91
N LYS B 609 -5.89 26.13 7.07
CA LYS B 609 -4.75 25.40 7.57
C LYS B 609 -3.51 26.25 7.40
N ALA B 610 -2.57 26.09 8.34
CA ALA B 610 -1.31 26.82 8.28
C ALA B 610 -0.25 25.79 7.93
N ALA B 611 0.70 26.17 7.08
CA ALA B 611 1.76 25.23 6.74
C ALA B 611 2.47 24.94 8.06
N PRO B 612 2.79 23.66 8.33
CA PRO B 612 3.48 23.27 9.56
C PRO B 612 4.65 24.17 9.96
N GLY B 613 5.47 24.57 8.98
CA GLY B 613 6.61 25.42 9.27
C GLY B 613 6.35 26.91 9.22
N TYR B 614 5.10 27.31 9.06
CA TYR B 614 4.76 28.73 9.00
C TYR B 614 4.42 29.27 10.40
N HIS B 615 5.45 29.76 11.08
CA HIS B 615 5.33 30.28 12.43
C HIS B 615 4.25 31.35 12.64
N MET B 616 4.32 32.44 11.88
CA MET B 616 3.35 33.52 12.04
C MET B 616 1.92 33.05 11.82
N ALA B 617 1.71 32.19 10.84
CA ALA B 617 0.38 31.66 10.55
C ALA B 617 -0.15 30.88 11.75
N LYS B 618 0.72 30.09 12.36
CA LYS B 618 0.33 29.33 13.54
C LYS B 618 0.02 30.25 14.73
N MET B 619 0.77 31.34 14.86
CA MET B 619 0.54 32.30 15.94
C MET B 619 -0.82 32.94 15.72
N ILE B 620 -1.10 33.30 14.47
CA ILE B 620 -2.35 33.92 14.11
C ILE B 620 -3.52 33.01 14.42
N ILE B 621 -3.32 31.70 14.29
CA ILE B 621 -4.36 30.73 14.61
C ILE B 621 -4.61 30.79 16.11
N LYS B 622 -3.53 30.70 16.88
CA LYS B 622 -3.65 30.74 18.34
C LYS B 622 -4.30 32.05 18.76
N LEU B 623 -3.93 33.13 18.07
CA LEU B 623 -4.52 34.43 18.35
C LEU B 623 -6.03 34.34 18.19
N ILE B 624 -6.47 33.85 17.03
CA ILE B 624 -7.90 33.71 16.75
C ILE B 624 -8.60 32.83 17.79
N THR B 625 -8.02 31.69 18.14
CA THR B 625 -8.64 30.81 19.12
C THR B 625 -8.70 31.50 20.48
N SER B 626 -7.63 32.21 20.84
CA SER B 626 -7.58 32.92 22.11
C SER B 626 -8.72 33.92 22.16
N VAL B 627 -8.80 34.78 21.16
CA VAL B 627 -9.84 35.78 21.07
C VAL B 627 -11.22 35.14 21.13
N ALA B 628 -11.43 34.08 20.37
CA ALA B 628 -12.72 33.40 20.37
C ALA B 628 -13.08 32.93 21.78
N ASP B 629 -12.10 32.43 22.51
CA ASP B 629 -12.32 31.95 23.87
C ASP B 629 -12.92 33.00 24.78
N VAL B 630 -12.33 34.19 24.78
CA VAL B 630 -12.84 35.28 25.61
C VAL B 630 -14.21 35.78 25.14
N VAL B 631 -14.36 36.02 23.84
CA VAL B 631 -15.64 36.52 23.34
C VAL B 631 -16.80 35.53 23.52
N ASN B 632 -16.58 34.25 23.21
CA ASN B 632 -17.66 33.27 23.34
C ASN B 632 -18.07 33.04 24.78
N ASN B 633 -17.16 33.30 25.71
CA ASN B 633 -17.46 33.07 27.12
C ASN B 633 -17.86 34.32 27.90
N ASP B 634 -17.51 35.50 27.41
CA ASP B 634 -17.89 36.71 28.11
C ASP B 634 -19.42 36.79 28.14
N PRO B 635 -20.00 36.70 29.34
CA PRO B 635 -21.45 36.75 29.52
C PRO B 635 -22.09 38.04 29.04
N MET B 636 -21.34 39.13 29.07
CA MET B 636 -21.85 40.42 28.62
C MET B 636 -22.18 40.42 27.13
N VAL B 637 -21.31 39.79 26.33
CA VAL B 637 -21.54 39.73 24.89
C VAL B 637 -22.62 38.70 24.56
N GLY B 638 -22.60 37.57 25.25
CA GLY B 638 -23.59 36.53 25.01
C GLY B 638 -23.77 36.19 23.55
N SER B 639 -25.03 36.09 23.13
CA SER B 639 -25.37 35.74 21.75
C SER B 639 -25.20 36.87 20.75
N LYS B 640 -24.63 37.99 21.19
CA LYS B 640 -24.42 39.13 20.30
C LYS B 640 -23.31 38.82 19.31
N LEU B 641 -22.29 38.12 19.78
CA LEU B 641 -21.15 37.77 18.95
C LEU B 641 -20.52 36.44 19.34
N LYS B 642 -20.29 35.60 18.34
CA LYS B 642 -19.68 34.30 18.55
C LYS B 642 -18.56 34.13 17.53
N VAL B 643 -17.44 33.56 17.98
CA VAL B 643 -16.30 33.33 17.11
C VAL B 643 -15.95 31.85 17.06
N ILE B 644 -15.74 31.35 15.84
CA ILE B 644 -15.40 29.95 15.63
C ILE B 644 -14.21 29.80 14.72
N PHE B 645 -13.22 29.02 15.11
CA PHE B 645 -12.11 28.77 14.21
C PHE B 645 -12.55 27.45 13.59
N LEU B 646 -12.94 27.48 12.32
CA LEU B 646 -13.40 26.27 11.64
C LEU B 646 -12.21 25.36 11.44
N GLU B 647 -12.19 24.25 12.18
CA GLU B 647 -11.10 23.28 12.09
C GLU B 647 -11.12 22.41 10.84
N ASN B 648 -9.92 22.05 10.40
CA ASN B 648 -9.73 21.17 9.24
C ASN B 648 -10.45 21.63 7.98
N TYR B 649 -10.32 22.91 7.67
CA TYR B 649 -10.97 23.44 6.47
C TYR B 649 -10.43 22.69 5.26
N ARG B 650 -11.35 22.16 4.47
CA ARG B 650 -10.99 21.38 3.29
C ARG B 650 -12.19 21.37 2.35
N VAL B 651 -12.00 20.85 1.16
CA VAL B 651 -13.06 20.82 0.16
C VAL B 651 -14.44 20.38 0.66
N SER B 652 -14.52 19.21 1.28
CA SER B 652 -15.82 18.73 1.74
C SER B 652 -16.43 19.66 2.79
N LEU B 653 -15.60 20.34 3.58
CA LEU B 653 -16.08 21.25 4.61
C LEU B 653 -16.49 22.58 3.97
N ALA B 654 -15.75 23.00 2.94
CA ALA B 654 -16.06 24.24 2.24
C ALA B 654 -17.47 24.11 1.65
N GLU B 655 -17.78 22.91 1.15
CA GLU B 655 -19.08 22.64 0.57
C GLU B 655 -20.20 22.82 1.60
N LYS B 656 -19.86 22.76 2.88
CA LYS B 656 -20.83 22.94 3.95
C LYS B 656 -20.92 24.39 4.44
N VAL B 657 -19.78 24.99 4.73
CA VAL B 657 -19.75 26.34 5.25
C VAL B 657 -20.10 27.46 4.26
N ILE B 658 -19.66 27.34 3.01
CA ILE B 658 -19.92 28.37 2.02
C ILE B 658 -21.42 28.64 1.80
N PRO B 659 -22.22 27.60 1.51
CA PRO B 659 -23.66 27.80 1.29
C PRO B 659 -24.37 28.45 2.47
N ALA B 660 -23.74 28.43 3.63
CA ALA B 660 -24.34 29.00 4.84
C ALA B 660 -23.80 30.37 5.22
N THR B 661 -22.96 30.96 4.39
CA THR B 661 -22.41 32.26 4.75
C THR B 661 -23.15 33.43 4.16
N ASP B 662 -23.15 34.52 4.91
CA ASP B 662 -23.80 35.76 4.51
C ASP B 662 -22.74 36.74 4.01
N LEU B 663 -21.65 36.86 4.76
CA LEU B 663 -20.58 37.78 4.41
C LEU B 663 -19.27 37.05 4.17
N SER B 664 -18.78 37.17 2.94
CA SER B 664 -17.54 36.53 2.53
C SER B 664 -16.36 37.48 2.66
N GLU B 665 -15.37 37.07 3.45
CA GLU B 665 -14.19 37.88 3.68
C GLU B 665 -13.11 37.58 2.66
N GLN B 666 -12.80 38.55 1.81
CA GLN B 666 -11.76 38.41 0.79
C GLN B 666 -10.93 39.69 0.93
N ILE B 667 -10.16 39.74 2.02
CA ILE B 667 -9.39 40.92 2.37
C ILE B 667 -7.87 40.90 2.20
N SER B 668 -7.37 40.18 1.21
CA SER B 668 -5.94 40.14 0.98
C SER B 668 -5.45 41.55 0.64
N THR B 669 -4.17 41.83 0.85
CA THR B 669 -3.62 43.14 0.53
C THR B 669 -3.59 43.29 -0.98
N ALA B 670 -4.11 44.40 -1.49
CA ALA B 670 -4.13 44.64 -2.93
C ALA B 670 -2.83 44.18 -3.58
N GLY B 671 -2.95 43.32 -4.60
CA GLY B 671 -1.77 42.84 -5.30
C GLY B 671 -1.20 41.52 -4.80
N THR B 672 -1.79 40.95 -3.76
CA THR B 672 -1.27 39.69 -3.23
C THR B 672 -2.00 38.40 -3.67
N GLU B 673 -3.32 38.46 -3.85
CA GLU B 673 -4.08 37.28 -4.30
C GLU B 673 -4.16 37.31 -5.80
N ALA B 674 -3.37 36.47 -6.46
CA ALA B 674 -3.37 36.45 -7.92
C ALA B 674 -4.80 36.46 -8.43
N SER B 675 -5.67 35.69 -7.79
CA SER B 675 -7.05 35.63 -8.21
C SER B 675 -8.04 35.33 -7.10
N GLY B 676 -7.86 34.17 -6.48
CA GLY B 676 -8.75 33.76 -5.43
C GLY B 676 -9.87 32.99 -6.12
N THR B 677 -10.45 32.01 -5.43
CA THR B 677 -11.55 31.22 -6.00
C THR B 677 -12.65 31.04 -4.96
N GLY B 678 -12.29 31.09 -3.69
CA GLY B 678 -13.31 30.98 -2.67
C GLY B 678 -14.24 32.17 -2.84
N ASN B 679 -13.66 33.32 -3.22
CA ASN B 679 -14.45 34.52 -3.43
C ASN B 679 -15.58 34.24 -4.42
N MET B 680 -15.28 33.45 -5.44
CA MET B 680 -16.27 33.09 -6.45
C MET B 680 -17.31 32.12 -5.89
N LYS B 681 -16.87 31.20 -5.04
CA LYS B 681 -17.77 30.21 -4.46
C LYS B 681 -18.81 30.89 -3.59
N PHE B 682 -18.35 31.83 -2.78
CA PHE B 682 -19.25 32.56 -1.90
C PHE B 682 -20.26 33.38 -2.69
N MET B 683 -19.77 34.04 -3.75
CA MET B 683 -20.63 34.85 -4.59
C MET B 683 -21.73 33.99 -5.19
N LEU B 684 -21.36 32.83 -5.71
CA LEU B 684 -22.32 31.93 -6.33
C LEU B 684 -23.35 31.43 -5.34
N ASN B 685 -22.96 31.28 -4.09
CA ASN B 685 -23.85 30.74 -3.08
C ASN B 685 -24.69 31.67 -2.20
N GLY B 686 -24.82 32.92 -2.62
CA GLY B 686 -25.67 33.84 -1.86
C GLY B 686 -25.05 34.64 -0.76
N ALA B 687 -23.73 34.81 -0.79
CA ALA B 687 -23.07 35.60 0.24
C ALA B 687 -22.61 36.93 -0.37
N LEU B 688 -22.57 37.96 0.44
CA LEU B 688 -22.09 39.26 -0.02
C LEU B 688 -20.61 39.29 0.27
N THR B 689 -19.87 40.05 -0.52
CA THR B 689 -18.43 40.11 -0.35
C THR B 689 -17.86 41.38 0.22
N ILE B 690 -17.00 41.23 1.21
CA ILE B 690 -16.32 42.38 1.78
C ILE B 690 -14.87 42.08 1.42
N GLY B 691 -14.27 42.96 0.64
CA GLY B 691 -12.91 42.73 0.24
C GLY B 691 -12.25 43.90 -0.44
N THR B 692 -10.97 43.71 -0.74
CA THR B 692 -10.17 44.72 -1.39
C THR B 692 -10.23 44.52 -2.91
N MET B 693 -9.73 45.50 -3.65
CA MET B 693 -9.70 45.40 -5.10
C MET B 693 -8.44 44.58 -5.39
N ASP B 694 -8.58 43.27 -5.26
CA ASP B 694 -7.46 42.37 -5.47
C ASP B 694 -7.92 41.14 -6.23
N GLY B 695 -7.03 40.56 -7.03
CA GLY B 695 -7.36 39.38 -7.79
C GLY B 695 -8.70 39.48 -8.49
N ALA B 696 -9.45 38.38 -8.50
CA ALA B 696 -10.75 38.32 -9.15
C ALA B 696 -11.81 39.15 -8.44
N ASN B 697 -11.49 39.66 -7.25
CA ASN B 697 -12.43 40.50 -6.52
C ASN B 697 -12.81 41.65 -7.44
N VAL B 698 -11.81 42.17 -8.15
CA VAL B 698 -12.01 43.29 -9.07
C VAL B 698 -13.04 42.97 -10.13
N GLU B 699 -12.92 41.78 -10.73
CA GLU B 699 -13.83 41.37 -11.78
C GLU B 699 -15.21 41.04 -11.23
N MET B 700 -15.27 40.64 -9.97
CA MET B 700 -16.56 40.35 -9.36
C MET B 700 -17.28 41.69 -9.27
N ALA B 701 -16.52 42.72 -8.93
CA ALA B 701 -17.06 44.06 -8.82
C ALA B 701 -17.53 44.52 -10.21
N GLU B 702 -16.72 44.26 -11.23
CA GLU B 702 -17.09 44.63 -12.60
C GLU B 702 -18.38 43.96 -13.02
N GLU B 703 -18.49 42.66 -12.75
CA GLU B 703 -19.68 41.90 -13.12
C GLU B 703 -20.96 42.30 -12.42
N ALA B 704 -20.92 42.38 -11.09
CA ALA B 704 -22.10 42.71 -10.31
C ALA B 704 -22.29 44.21 -10.04
N GLY B 705 -21.25 44.99 -10.32
CA GLY B 705 -21.33 46.42 -10.05
C GLY B 705 -20.68 46.64 -8.70
N GLU B 706 -19.69 47.52 -8.66
CA GLU B 706 -18.96 47.78 -7.43
C GLU B 706 -19.80 48.11 -6.21
N GLU B 707 -20.98 48.69 -6.41
CA GLU B 707 -21.84 49.05 -5.29
C GLU B 707 -22.46 47.84 -4.61
N ASN B 708 -22.44 46.71 -5.31
CA ASN B 708 -23.02 45.49 -4.77
C ASN B 708 -22.00 44.60 -4.04
N LEU B 709 -20.80 45.12 -3.88
CA LEU B 709 -19.75 44.43 -3.15
C LEU B 709 -19.26 45.47 -2.15
N PHE B 710 -18.83 45.02 -0.98
CA PHE B 710 -18.32 45.94 0.02
C PHE B 710 -16.81 46.06 -0.14
N ILE B 711 -16.41 46.85 -1.13
CA ILE B 711 -14.99 47.07 -1.40
C ILE B 711 -14.44 48.10 -0.42
N PHE B 712 -13.15 47.99 -0.11
CA PHE B 712 -12.53 48.89 0.85
C PHE B 712 -11.02 48.75 0.76
N GLY B 713 -10.34 49.59 1.53
CA GLY B 713 -8.89 49.55 1.61
C GLY B 713 -8.12 50.08 0.43
N MET B 714 -6.80 50.00 0.53
CA MET B 714 -5.91 50.47 -0.51
C MET B 714 -6.01 49.62 -1.76
N ARG B 715 -5.62 50.21 -2.89
CA ARG B 715 -5.61 49.50 -4.15
C ARG B 715 -4.15 49.38 -4.51
N ILE B 716 -3.82 48.59 -5.52
CA ILE B 716 -2.42 48.38 -5.90
C ILE B 716 -1.53 49.61 -5.93
N ASP B 717 -1.97 50.66 -6.60
CA ASP B 717 -1.16 51.88 -6.66
C ASP B 717 -1.05 52.57 -5.28
N ASP B 718 -2.08 52.40 -4.46
CA ASP B 718 -2.08 52.97 -3.11
C ASP B 718 -1.00 52.28 -2.30
N VAL B 719 -0.94 50.96 -2.42
CA VAL B 719 0.06 50.18 -1.70
C VAL B 719 1.44 50.59 -2.19
N ALA B 720 1.54 50.85 -3.49
CA ALA B 720 2.80 51.28 -4.09
C ALA B 720 3.27 52.59 -3.47
N ALA B 721 2.35 53.54 -3.37
CA ALA B 721 2.66 54.85 -2.80
C ALA B 721 3.10 54.75 -1.36
N LEU B 722 2.48 53.85 -0.60
CA LEU B 722 2.82 53.68 0.80
C LEU B 722 4.21 53.06 0.93
N ASP B 723 4.55 52.15 0.03
CA ASP B 723 5.88 51.52 0.07
C ASP B 723 6.88 52.62 -0.26
N LYS B 724 6.50 53.46 -1.23
CA LYS B 724 7.33 54.58 -1.65
C LYS B 724 7.65 55.39 -0.40
N LYS B 725 6.61 55.99 0.18
CA LYS B 725 6.74 56.79 1.38
C LYS B 725 7.32 56.00 2.54
N GLY B 726 7.14 54.68 2.49
CA GLY B 726 7.63 53.84 3.57
C GLY B 726 6.49 53.64 4.56
N TYR B 727 6.21 52.39 4.89
CA TYR B 727 5.13 52.06 5.80
C TYR B 727 5.54 52.18 7.27
N GLU B 728 4.84 53.02 8.01
CA GLU B 728 5.12 53.21 9.43
C GLU B 728 3.89 52.77 10.20
N ALA B 729 3.85 51.49 10.55
CA ALA B 729 2.71 50.93 11.27
C ALA B 729 2.28 51.73 12.49
N LYS B 730 3.23 52.13 13.31
CA LYS B 730 2.94 52.90 14.53
C LYS B 730 1.99 54.08 14.31
N GLU B 731 2.03 54.66 13.11
CA GLU B 731 1.18 55.80 12.78
C GLU B 731 -0.29 55.53 13.09
N TYR B 732 -0.84 54.48 12.50
CA TYR B 732 -2.23 54.12 12.70
C TYR B 732 -2.51 53.71 14.13
N TYR B 733 -1.54 53.03 14.74
CA TYR B 733 -1.67 52.58 16.11
C TYR B 733 -1.95 53.79 16.99
N GLU B 734 -1.26 54.88 16.69
CA GLU B 734 -1.42 56.12 17.45
C GLU B 734 -2.73 56.82 17.11
N ALA B 735 -2.93 57.08 15.82
CA ALA B 735 -4.11 57.78 15.32
C ALA B 735 -5.44 57.04 15.43
N LEU B 736 -5.41 55.74 15.68
CA LEU B 736 -6.65 54.97 15.77
C LEU B 736 -6.92 54.36 17.14
N PRO B 737 -7.66 55.08 17.99
CA PRO B 737 -7.99 54.61 19.34
C PRO B 737 -8.53 53.19 19.42
N GLU B 738 -9.47 52.83 18.54
CA GLU B 738 -10.02 51.48 18.57
C GLU B 738 -8.92 50.48 18.24
N LEU B 739 -8.02 50.86 17.33
CA LEU B 739 -6.91 50.01 16.96
C LEU B 739 -5.93 49.86 18.12
N LYS B 740 -5.53 50.99 18.69
CA LYS B 740 -4.59 50.99 19.81
C LYS B 740 -5.04 50.06 20.93
N LEU B 741 -6.31 50.16 21.29
CA LEU B 741 -6.85 49.30 22.34
C LEU B 741 -6.62 47.84 21.97
N VAL B 742 -7.15 47.46 20.79
CA VAL B 742 -7.00 46.10 20.28
C VAL B 742 -5.57 45.62 20.44
N ILE B 743 -4.63 46.41 19.93
CA ILE B 743 -3.23 46.06 20.00
C ILE B 743 -2.77 45.94 21.46
N ASP B 744 -3.08 46.94 22.27
CA ASP B 744 -2.67 46.89 23.67
C ASP B 744 -3.18 45.62 24.33
N GLN B 745 -4.44 45.28 24.08
CA GLN B 745 -5.04 44.09 24.66
C GLN B 745 -4.26 42.82 24.31
N ILE B 746 -4.02 42.61 23.03
CA ILE B 746 -3.29 41.43 22.59
C ILE B 746 -1.85 41.42 23.06
N ASP B 747 -1.22 42.58 23.11
CA ASP B 747 0.17 42.67 23.55
C ASP B 747 0.30 42.62 25.08
N ASN B 748 -0.74 43.07 25.77
CA ASN B 748 -0.73 43.09 27.23
C ASN B 748 -0.96 41.71 27.82
N GLY B 749 -1.76 40.90 27.12
CA GLY B 749 -2.04 39.56 27.60
C GLY B 749 -3.51 39.41 27.90
N PHE B 750 -4.30 40.40 27.49
CA PHE B 750 -5.74 40.38 27.72
C PHE B 750 -6.35 39.10 27.15
N PHE B 751 -5.77 38.61 26.06
CA PHE B 751 -6.25 37.39 25.40
C PHE B 751 -5.38 36.18 25.72
N SER B 752 -4.50 36.34 26.69
CA SER B 752 -3.61 35.29 27.13
C SER B 752 -3.03 35.66 28.49
N PRO B 753 -3.90 35.80 29.50
CA PRO B 753 -3.47 36.16 30.87
C PRO B 753 -2.41 35.23 31.45
N LYS B 754 -2.59 33.92 31.26
CA LYS B 754 -1.65 32.95 31.79
C LYS B 754 -0.29 33.04 31.09
N GLN B 755 -0.22 33.82 30.02
CA GLN B 755 1.03 33.99 29.26
C GLN B 755 0.97 35.29 28.46
N PRO B 756 1.01 36.43 29.16
CA PRO B 756 0.96 37.82 28.67
C PRO B 756 1.80 38.20 27.45
N ASP B 757 2.94 37.56 27.27
CA ASP B 757 3.82 37.88 26.15
C ASP B 757 3.68 36.93 24.95
N LEU B 758 2.70 36.04 25.02
CA LEU B 758 2.45 35.05 23.97
C LEU B 758 2.49 35.60 22.54
N PHE B 759 1.73 36.65 22.30
CA PHE B 759 1.64 37.23 20.96
C PHE B 759 2.67 38.29 20.62
N LYS B 760 3.83 38.21 21.28
CA LYS B 760 4.91 39.15 21.04
C LYS B 760 5.32 39.19 19.57
N ASP B 761 5.54 38.02 18.99
CA ASP B 761 5.93 37.91 17.59
C ASP B 761 4.96 38.60 16.63
N ILE B 762 3.66 38.48 16.89
CA ILE B 762 2.67 39.11 16.02
C ILE B 762 2.81 40.62 16.14
N ILE B 763 2.92 41.10 17.37
CA ILE B 763 3.05 42.53 17.63
C ILE B 763 4.26 43.10 16.87
N ASN B 764 5.42 42.48 17.07
CA ASN B 764 6.63 42.95 16.41
C ASN B 764 6.49 43.00 14.90
N MET B 765 5.96 41.93 14.32
CA MET B 765 5.75 41.85 12.88
C MET B 765 4.83 42.97 12.40
N LEU B 766 3.70 43.12 13.09
CA LEU B 766 2.71 44.13 12.77
C LEU B 766 3.26 45.55 12.88
N PHE B 767 4.21 45.76 13.78
CA PHE B 767 4.79 47.08 13.98
C PHE B 767 6.04 47.37 13.16
N TYR B 768 6.88 46.35 12.94
CA TYR B 768 8.10 46.60 12.20
C TYR B 768 8.35 45.75 10.97
N HIS B 769 7.56 44.69 10.76
CA HIS B 769 7.77 43.84 9.61
C HIS B 769 6.51 43.35 8.90
N ASP B 770 5.46 44.17 8.89
CA ASP B 770 4.21 43.78 8.23
C ASP B 770 4.21 44.17 6.76
N ARG B 771 4.65 43.24 5.91
CA ARG B 771 4.72 43.46 4.47
C ARG B 771 3.34 43.63 3.85
N PHE B 772 2.30 43.32 4.61
CA PHE B 772 0.95 43.40 4.08
C PHE B 772 0.09 44.51 4.66
N LYS B 773 0.77 45.53 5.19
CA LYS B 773 0.15 46.72 5.76
C LYS B 773 -1.19 46.46 6.43
N VAL B 774 -1.21 45.63 7.46
CA VAL B 774 -2.46 45.33 8.15
C VAL B 774 -3.12 46.57 8.76
N PHE B 775 -2.34 47.39 9.45
CA PHE B 775 -2.88 48.60 10.07
C PHE B 775 -3.37 49.60 9.02
N ALA B 776 -2.72 49.59 7.85
CA ALA B 776 -3.08 50.50 6.77
C ALA B 776 -4.49 50.36 6.21
N ASP B 777 -5.11 49.20 6.41
CA ASP B 777 -6.47 49.00 5.92
C ASP B 777 -7.48 48.84 7.05
N TYR B 778 -6.98 48.78 8.28
CA TYR B 778 -7.83 48.62 9.45
C TYR B 778 -9.03 49.56 9.50
N GLU B 779 -8.79 50.86 9.38
CA GLU B 779 -9.86 51.84 9.44
C GLU B 779 -10.89 51.66 8.32
N ALA B 780 -10.40 51.63 7.08
CA ALA B 780 -11.29 51.44 5.93
C ALA B 780 -12.06 50.13 6.10
N TYR B 781 -11.37 49.10 6.55
CA TYR B 781 -11.97 47.79 6.76
C TYR B 781 -13.09 47.86 7.81
N VAL B 782 -12.79 48.46 8.97
CA VAL B 782 -13.78 48.55 10.03
C VAL B 782 -15.00 49.37 9.60
N LYS B 783 -14.77 50.49 8.92
CA LYS B 783 -15.88 51.32 8.46
C LYS B 783 -16.74 50.50 7.51
N CYS B 784 -16.07 49.77 6.62
CA CYS B 784 -16.75 48.93 5.64
C CYS B 784 -17.61 47.89 6.35
N GLN B 785 -17.04 47.29 7.39
CA GLN B 785 -17.76 46.29 8.17
C GLN B 785 -19.06 46.85 8.73
N ASP B 786 -19.00 48.07 9.27
CA ASP B 786 -20.22 48.68 9.83
C ASP B 786 -21.29 48.81 8.76
N LYS B 787 -20.90 49.23 7.57
CA LYS B 787 -21.85 49.35 6.46
C LYS B 787 -22.51 48.01 6.18
N VAL B 788 -21.74 46.93 6.28
CA VAL B 788 -22.29 45.60 6.05
C VAL B 788 -23.41 45.35 7.07
N SER B 789 -23.10 45.61 8.34
CA SER B 789 -24.08 45.41 9.41
C SER B 789 -25.33 46.23 9.12
N GLN B 790 -25.14 47.47 8.67
CA GLN B 790 -26.25 48.35 8.35
C GLN B 790 -27.16 47.70 7.32
N LEU B 791 -26.58 47.27 6.21
CA LEU B 791 -27.36 46.63 5.16
C LEU B 791 -28.05 45.39 5.71
N TYR B 792 -27.36 44.64 6.54
CA TYR B 792 -27.92 43.41 7.10
C TYR B 792 -29.20 43.64 7.90
N MET B 793 -29.35 44.85 8.43
CA MET B 793 -30.54 45.19 9.20
C MET B 793 -31.72 45.36 8.25
N ASN B 794 -31.45 45.40 6.95
CA ASN B 794 -32.50 45.55 5.95
C ASN B 794 -32.55 44.34 5.02
N PRO B 795 -33.27 43.29 5.45
CA PRO B 795 -33.43 42.05 4.70
C PRO B 795 -33.74 42.21 3.21
N LYS B 796 -34.65 43.12 2.87
CA LYS B 796 -35.00 43.31 1.47
C LYS B 796 -33.80 43.84 0.67
N ALA B 797 -33.10 44.82 1.23
CA ALA B 797 -31.95 45.40 0.54
C ALA B 797 -30.77 44.43 0.48
N TRP B 798 -30.55 43.71 1.58
CA TRP B 798 -29.45 42.75 1.64
C TRP B 798 -29.61 41.66 0.58
N ASN B 799 -30.78 41.02 0.56
CA ASN B 799 -31.02 39.96 -0.41
C ASN B 799 -31.13 40.48 -1.82
N THR B 800 -31.43 41.76 -1.97
CA THR B 800 -31.53 42.34 -3.30
C THR B 800 -30.10 42.40 -3.85
N MET B 801 -29.16 42.74 -2.97
CA MET B 801 -27.75 42.81 -3.35
C MET B 801 -27.25 41.40 -3.62
N VAL B 802 -27.69 40.45 -2.78
CA VAL B 802 -27.30 39.06 -2.94
C VAL B 802 -27.70 38.59 -4.35
N LEU B 803 -28.95 38.83 -4.70
CA LEU B 803 -29.46 38.45 -6.01
C LEU B 803 -28.59 39.00 -7.15
N LYS B 804 -28.21 40.27 -7.06
CA LYS B 804 -27.37 40.89 -8.08
C LYS B 804 -26.01 40.21 -8.16
N ASN B 805 -25.53 39.72 -7.02
CA ASN B 805 -24.24 39.03 -6.99
C ASN B 805 -24.40 37.65 -7.64
N ILE B 806 -25.40 36.89 -7.22
CA ILE B 806 -25.64 35.57 -7.79
C ILE B 806 -25.90 35.67 -9.29
N ALA B 807 -26.67 36.67 -9.68
CA ALA B 807 -27.02 36.88 -11.08
C ALA B 807 -25.83 37.30 -11.94
N ALA B 808 -24.77 37.81 -11.30
CA ALA B 808 -23.58 38.23 -12.03
C ALA B 808 -22.42 37.24 -11.87
N SER B 809 -22.73 36.06 -11.32
CA SER B 809 -21.73 35.02 -11.10
C SER B 809 -21.26 34.31 -12.35
N GLY B 810 -22.15 34.25 -13.35
CA GLY B 810 -21.86 33.58 -14.60
C GLY B 810 -20.43 33.51 -15.06
N LYS B 811 -19.78 34.67 -15.18
CA LYS B 811 -18.40 34.72 -15.65
C LYS B 811 -17.44 33.81 -14.90
N PHE B 812 -17.72 33.58 -13.63
CA PHE B 812 -16.81 32.78 -12.82
C PHE B 812 -16.94 31.28 -12.85
N SER B 813 -17.66 30.77 -13.84
CA SER B 813 -17.77 29.34 -14.03
C SER B 813 -16.48 28.91 -14.72
N SER B 814 -15.87 27.82 -14.23
CA SER B 814 -14.64 27.32 -14.81
C SER B 814 -14.88 26.84 -16.24
N ASP B 815 -16.16 26.70 -16.61
CA ASP B 815 -16.47 26.28 -17.97
C ASP B 815 -16.06 27.39 -18.91
N ARG B 816 -16.36 28.62 -18.51
CA ARG B 816 -16.02 29.78 -19.29
C ARG B 816 -14.49 29.88 -19.33
N THR B 817 -13.87 29.65 -18.19
CA THR B 817 -12.41 29.71 -18.10
C THR B 817 -11.78 28.71 -19.07
N ILE B 818 -12.23 27.46 -19.01
CA ILE B 818 -11.69 26.42 -19.88
C ILE B 818 -11.93 26.73 -21.36
N LYS B 819 -13.11 27.26 -21.71
CA LYS B 819 -13.38 27.61 -23.10
C LYS B 819 -12.30 28.54 -23.61
N GLU B 820 -11.93 29.54 -22.79
CA GLU B 820 -10.89 30.48 -23.18
C GLU B 820 -9.54 29.81 -23.34
N TYR B 821 -9.19 28.92 -22.42
CA TYR B 821 -7.92 28.18 -22.50
C TYR B 821 -7.92 27.38 -23.81
N ALA B 822 -9.02 26.69 -24.06
CA ALA B 822 -9.17 25.86 -25.24
C ALA B 822 -9.02 26.65 -26.53
N GLN B 823 -9.70 27.78 -26.60
CA GLN B 823 -9.68 28.62 -27.78
C GLN B 823 -8.38 29.40 -28.00
N ASN B 824 -7.83 29.97 -26.94
CA ASN B 824 -6.63 30.79 -27.09
C ASN B 824 -5.29 30.23 -26.67
N ILE B 825 -5.26 28.99 -26.18
CA ILE B 825 -4.00 28.43 -25.75
C ILE B 825 -3.78 27.02 -26.26
N TRP B 826 -4.72 26.13 -25.98
CA TRP B 826 -4.59 24.75 -26.40
C TRP B 826 -5.01 24.53 -27.84
N ASN B 827 -5.82 25.44 -28.37
CA ASN B 827 -6.31 25.32 -29.73
C ASN B 827 -7.10 24.02 -29.78
N VAL B 828 -8.07 23.91 -28.88
CA VAL B 828 -8.91 22.72 -28.77
C VAL B 828 -10.37 23.13 -28.85
N GLU B 829 -11.23 22.18 -29.20
CA GLU B 829 -12.64 22.49 -29.36
C GLU B 829 -13.58 21.66 -28.50
N PRO B 830 -14.49 22.32 -27.77
CA PRO B 830 -15.42 21.55 -26.93
C PRO B 830 -16.10 20.44 -27.72
N SER B 831 -15.86 19.19 -27.30
CA SER B 831 -16.40 18.00 -27.95
C SER B 831 -15.78 17.80 -29.34
#